data_4A63
#
_entry.id   4A63
#
_cell.length_a   132.810
_cell.length_b   170.100
_cell.length_c   177.555
_cell.angle_alpha   90.00
_cell.angle_beta   91.98
_cell.angle_gamma   90.00
#
_symmetry.space_group_name_H-M   'I 1 2 1'
#
loop_
_entity.id
_entity.type
_entity.pdbx_description
1 polymer 'TUMOUR PROTEIN 73'
2 polymer 'APOPTOSIS STIMULATING OF P53 PROTEIN 2'
3 non-polymer 'ZINC ION'
4 non-polymer 'ACETATE ION'
5 water water
#
loop_
_entity_poly.entity_id
_entity_poly.type
_entity_poly.pdbx_seq_one_letter_code
_entity_poly.pdbx_strand_id
1 'polypeptide(L)'
;MAPVIPSNTDYPGPHHFEVTFQQSSTAKSATWTYSPLLKKLYCQIAKTCPIQIKVSTPPPPGTAIRAMPVYKKAEHVTDV
VKRCPNHELGRDFNEGQSAPASHLIRVEGNNLSQYVDDPVTGRQSVVVPYEPPQVGTEFTTILYNFMCNSSCVGGMNRRP
ILIIITLEMRDGQVLGRRSFEGRICACPGRDRKADEDHYREAENLYFQ
;
A,C,E,G,I,K
2 'polypeptide(L)'
;SMPEITGQVSLPPGKRTNLRKTGSERIAHGMRVKFNPLALLLDSSLEGEFDLVQRIIYEVDDPSLPNDEGITALHNAVCA
GHTEIVKFLVQFGVNVNAADSDGWTPLHCAASCNNVQVCKFLVESGAAVFAMTYSDMQTAADKCEEMEEGYTQCSQFLYG
VQEKMGIMNKGVIYALWDYEPQNDDELPMKEGDCMTIIHREDEDEIEWWWARLNDKEGYVPRNLLGLYPRIKPRQRSLA
;
B,D,F,H,J,L
#
loop_
_chem_comp.id
_chem_comp.type
_chem_comp.name
_chem_comp.formula
ACT non-polymer 'ACETATE ION' 'C2 H3 O2 -1'
ZN non-polymer 'ZINC ION' 'Zn 2'
#
# COMPACT_ATOMS: atom_id res chain seq x y z
N VAL A 4 13.14 -57.23 12.69
CA VAL A 4 13.60 -57.04 11.31
C VAL A 4 12.92 -55.80 10.70
N ILE A 5 13.75 -54.81 10.30
CA ILE A 5 13.33 -53.54 9.72
C ILE A 5 13.29 -53.66 8.19
N PRO A 6 12.22 -53.21 7.49
CA PRO A 6 12.21 -53.31 6.01
C PRO A 6 13.32 -52.47 5.40
N SER A 7 14.02 -53.04 4.44
CA SER A 7 15.15 -52.39 3.78
C SER A 7 14.66 -51.39 2.77
N ASN A 8 15.31 -50.22 2.67
CA ASN A 8 14.89 -49.18 1.76
C ASN A 8 15.94 -48.86 0.70
N THR A 9 17.15 -49.48 0.79
CA THR A 9 18.25 -49.20 -0.13
C THR A 9 17.83 -49.40 -1.60
N ASP A 10 18.17 -48.41 -2.43
CA ASP A 10 17.90 -48.44 -3.86
C ASP A 10 18.62 -49.61 -4.49
N TYR A 11 17.93 -50.33 -5.38
CA TYR A 11 18.50 -51.50 -6.01
C TYR A 11 17.99 -51.58 -7.44
N PRO A 12 18.70 -51.03 -8.44
CA PRO A 12 18.19 -51.12 -9.82
C PRO A 12 17.97 -52.58 -10.27
N GLY A 13 18.85 -53.49 -9.82
CA GLY A 13 18.78 -54.91 -10.13
C GLY A 13 18.97 -55.28 -11.58
N PRO A 14 18.75 -56.57 -11.91
CA PRO A 14 18.99 -57.05 -13.30
C PRO A 14 18.11 -56.44 -14.39
N HIS A 15 16.95 -55.86 -14.04
CA HIS A 15 16.02 -55.32 -15.03
C HIS A 15 16.03 -53.79 -15.06
N HIS A 16 17.02 -53.17 -14.38
CA HIS A 16 17.21 -51.72 -14.29
C HIS A 16 15.88 -51.05 -13.96
N PHE A 17 15.36 -51.41 -12.77
CA PHE A 17 14.08 -51.00 -12.24
C PHE A 17 14.13 -49.54 -11.82
N GLU A 18 13.33 -48.70 -12.51
CA GLU A 18 13.23 -47.28 -12.24
C GLU A 18 11.83 -46.88 -11.86
N VAL A 19 11.71 -45.97 -10.89
CA VAL A 19 10.46 -45.38 -10.41
C VAL A 19 10.56 -43.87 -10.69
N THR A 20 9.73 -43.35 -11.58
CA THR A 20 9.74 -41.94 -11.93
C THR A 20 8.33 -41.35 -11.87
N PHE A 21 8.28 -40.01 -11.95
CA PHE A 21 7.07 -39.20 -11.88
C PHE A 21 7.02 -38.25 -13.06
N GLN A 22 5.90 -38.25 -13.81
CA GLN A 22 5.60 -37.32 -14.92
C GLN A 22 5.75 -35.87 -14.44
N GLN A 23 5.98 -34.89 -15.37
CA GLN A 23 6.13 -33.45 -15.06
C GLN A 23 5.11 -33.04 -14.00
N SER A 24 5.57 -32.89 -12.75
CA SER A 24 4.71 -32.55 -11.63
C SER A 24 4.68 -31.05 -11.46
N SER A 25 3.46 -30.49 -11.51
CA SER A 25 3.20 -29.06 -11.39
C SER A 25 3.87 -28.47 -10.16
N THR A 26 4.59 -27.35 -10.36
CA THR A 26 5.27 -26.63 -9.29
C THR A 26 4.22 -25.68 -8.61
N ALA A 27 3.00 -25.58 -9.22
CA ALA A 27 1.85 -24.79 -8.77
C ALA A 27 1.38 -25.15 -7.36
N LYS A 28 0.80 -24.16 -6.64
CA LYS A 28 0.26 -24.38 -5.29
C LYS A 28 -1.06 -25.17 -5.35
N SER A 29 -1.73 -25.14 -6.52
CA SER A 29 -3.00 -25.81 -6.82
C SER A 29 -2.83 -27.34 -6.96
N ALA A 30 -1.58 -27.80 -7.32
CA ALA A 30 -1.22 -29.21 -7.53
C ALA A 30 -1.63 -30.09 -6.35
N THR A 31 -2.25 -31.22 -6.66
CA THR A 31 -2.74 -32.21 -5.70
C THR A 31 -1.60 -33.12 -5.25
N TRP A 32 -0.51 -33.16 -6.05
CA TRP A 32 0.73 -33.86 -5.79
C TRP A 32 1.86 -33.22 -6.58
N THR A 33 3.09 -33.35 -6.05
CA THR A 33 4.34 -32.89 -6.68
C THR A 33 5.50 -33.77 -6.17
N TYR A 34 6.46 -34.06 -7.04
CA TYR A 34 7.66 -34.83 -6.70
C TYR A 34 8.91 -33.98 -6.81
N SER A 35 9.72 -34.00 -5.76
CA SER A 35 10.97 -33.25 -5.72
C SER A 35 12.16 -34.17 -6.04
N PRO A 36 12.71 -34.13 -7.28
CA PRO A 36 13.92 -34.92 -7.60
C PRO A 36 15.11 -34.55 -6.70
N LEU A 37 15.25 -33.27 -6.35
CA LEU A 37 16.31 -32.73 -5.49
C LEU A 37 16.29 -33.41 -4.13
N LEU A 38 15.10 -33.58 -3.54
CA LEU A 38 15.00 -34.17 -2.20
C LEU A 38 14.59 -35.62 -2.19
N LYS A 39 14.24 -36.20 -3.37
CA LYS A 39 13.71 -37.58 -3.52
C LYS A 39 12.51 -37.68 -2.56
N LYS A 40 11.57 -36.70 -2.70
CA LYS A 40 10.43 -36.53 -1.83
C LYS A 40 9.17 -36.27 -2.60
N LEU A 41 8.11 -37.01 -2.23
CA LEU A 41 6.80 -36.90 -2.85
C LEU A 41 5.88 -36.22 -1.86
N TYR A 42 5.16 -35.21 -2.37
CA TYR A 42 4.19 -34.41 -1.67
C TYR A 42 2.82 -34.71 -2.25
N CYS A 43 1.86 -35.10 -1.43
CA CYS A 43 0.54 -35.51 -1.93
C CYS A 43 -0.55 -35.03 -1.03
N GLN A 44 -1.75 -34.85 -1.58
CA GLN A 44 -2.92 -34.51 -0.78
C GLN A 44 -3.61 -35.81 -0.42
N ILE A 45 -4.21 -35.88 0.80
CA ILE A 45 -4.95 -37.05 1.28
C ILE A 45 -5.97 -37.54 0.24
N ALA A 46 -6.02 -38.86 0.03
CA ALA A 46 -6.98 -39.59 -0.80
C ALA A 46 -7.06 -39.09 -2.27
N LYS A 47 -6.03 -38.47 -2.80
CA LYS A 47 -6.00 -38.02 -4.20
C LYS A 47 -5.12 -38.95 -5.02
N THR A 48 -5.37 -39.04 -6.33
CA THR A 48 -4.62 -39.90 -7.26
C THR A 48 -3.20 -39.42 -7.46
N CYS A 49 -2.23 -40.34 -7.27
CA CYS A 49 -0.83 -40.02 -7.52
C CYS A 49 -0.27 -41.06 -8.51
N PRO A 50 -0.14 -40.69 -9.81
CA PRO A 50 0.43 -41.64 -10.79
C PRO A 50 1.95 -41.76 -10.67
N ILE A 51 2.40 -43.00 -10.43
CA ILE A 51 3.82 -43.33 -10.37
C ILE A 51 4.19 -44.15 -11.62
N GLN A 52 5.29 -43.79 -12.31
CA GLN A 52 5.70 -44.56 -13.48
C GLN A 52 6.82 -45.55 -13.14
N ILE A 53 6.71 -46.75 -13.63
CA ILE A 53 7.68 -47.83 -13.46
C ILE A 53 8.33 -48.11 -14.82
N LYS A 54 9.65 -48.29 -14.84
CA LYS A 54 10.39 -48.63 -16.05
C LYS A 54 11.37 -49.76 -15.75
N VAL A 55 11.53 -50.67 -16.76
CA VAL A 55 12.46 -51.81 -16.74
C VAL A 55 13.15 -51.85 -18.12
N SER A 56 14.41 -52.31 -18.19
CA SER A 56 15.15 -52.40 -19.44
C SER A 56 14.74 -53.65 -20.22
N THR A 57 14.56 -54.76 -19.50
CA THR A 57 14.13 -56.07 -20.00
C THR A 57 12.94 -56.57 -19.18
N PRO A 58 12.01 -57.33 -19.78
CA PRO A 58 10.86 -57.83 -19.01
C PRO A 58 11.28 -58.74 -17.86
N PRO A 59 10.70 -58.57 -16.64
CA PRO A 59 11.08 -59.46 -15.53
C PRO A 59 10.43 -60.85 -15.68
N PRO A 60 10.79 -61.88 -14.84
CA PRO A 60 10.20 -63.23 -15.02
C PRO A 60 8.68 -63.30 -14.79
N PRO A 61 7.97 -64.38 -15.23
CA PRO A 61 6.53 -64.47 -14.97
C PRO A 61 6.21 -64.56 -13.48
N GLY A 62 5.13 -63.89 -13.09
CA GLY A 62 4.67 -63.84 -11.72
C GLY A 62 5.29 -62.75 -10.89
N THR A 63 6.01 -61.83 -11.53
CA THR A 63 6.68 -60.71 -10.89
C THR A 63 5.61 -59.70 -10.39
N ALA A 64 5.83 -59.18 -9.18
CA ALA A 64 4.92 -58.23 -8.57
C ALA A 64 5.65 -56.95 -8.13
N ILE A 65 4.89 -55.88 -7.91
CA ILE A 65 5.38 -54.59 -7.44
C ILE A 65 4.69 -54.31 -6.10
N ARG A 66 5.47 -54.24 -5.01
CA ARG A 66 4.94 -53.91 -3.67
C ARG A 66 5.23 -52.44 -3.30
N ALA A 67 4.33 -51.80 -2.54
CA ALA A 67 4.49 -50.46 -2.00
C ALA A 67 4.15 -50.52 -0.53
N MET A 68 5.18 -50.29 0.32
CA MET A 68 5.06 -50.32 1.76
C MET A 68 5.52 -48.99 2.40
N PRO A 69 4.72 -48.38 3.33
CA PRO A 69 5.21 -47.17 3.98
C PRO A 69 6.00 -47.55 5.23
N VAL A 70 7.07 -46.81 5.55
CA VAL A 70 7.91 -47.09 6.74
C VAL A 70 8.27 -45.75 7.36
N TYR A 71 8.34 -45.65 8.72
CA TYR A 71 8.78 -44.40 9.36
C TYR A 71 10.25 -44.19 9.05
N LYS A 72 10.62 -42.94 8.68
CA LYS A 72 11.97 -42.56 8.26
C LYS A 72 12.99 -42.53 9.42
N LYS A 73 12.63 -41.89 10.56
CA LYS A 73 13.52 -41.74 11.70
C LYS A 73 13.71 -43.05 12.44
N ALA A 74 14.95 -43.32 12.85
CA ALA A 74 15.40 -44.53 13.54
C ALA A 74 14.66 -44.78 14.84
N GLU A 75 14.22 -43.74 15.53
CA GLU A 75 13.51 -43.89 16.81
C GLU A 75 12.04 -44.29 16.60
N HIS A 76 11.57 -44.34 15.33
CA HIS A 76 10.17 -44.64 14.97
C HIS A 76 10.01 -45.88 14.07
N VAL A 77 11.11 -46.33 13.46
CA VAL A 77 11.17 -47.38 12.43
C VAL A 77 10.50 -48.73 12.83
N THR A 78 10.46 -49.11 14.13
CA THR A 78 9.82 -50.38 14.54
C THR A 78 8.27 -50.29 14.53
N ASP A 79 7.71 -49.06 14.53
CA ASP A 79 6.26 -48.84 14.48
C ASP A 79 5.75 -49.03 13.07
N VAL A 80 4.66 -49.81 12.90
CA VAL A 80 4.03 -50.10 11.62
C VAL A 80 3.25 -48.82 11.19
N VAL A 81 3.40 -48.42 9.92
CA VAL A 81 2.70 -47.26 9.36
C VAL A 81 1.31 -47.73 8.98
N LYS A 82 0.33 -47.17 9.66
CA LYS A 82 -1.06 -47.53 9.59
C LYS A 82 -1.84 -46.24 9.51
N ARG A 83 -3.10 -46.38 9.26
CA ARG A 83 -4.02 -45.31 9.28
C ARG A 83 -4.44 -44.89 10.66
N CYS A 84 -4.69 -43.61 10.85
CA CYS A 84 -5.14 -43.10 12.14
C CYS A 84 -6.52 -43.63 12.48
N PRO A 85 -6.75 -43.88 13.76
CA PRO A 85 -8.01 -44.47 14.22
C PRO A 85 -9.25 -43.79 13.66
N ASN A 86 -9.27 -42.48 13.72
CA ASN A 86 -10.34 -41.64 13.20
C ASN A 86 -10.65 -41.88 11.75
N HIS A 87 -9.65 -41.88 10.85
CA HIS A 87 -9.93 -42.11 9.42
C HIS A 87 -10.29 -43.57 9.16
N GLU A 88 -9.77 -44.49 10.01
CA GLU A 88 -10.04 -45.91 9.90
C GLU A 88 -11.54 -46.19 10.16
N LEU A 89 -12.09 -45.64 11.24
CA LEU A 89 -13.50 -45.82 11.63
C LEU A 89 -14.49 -45.02 10.75
N GLY A 90 -14.01 -43.99 10.06
CA GLY A 90 -14.84 -43.14 9.21
C GLY A 90 -15.51 -43.86 8.05
N ARG A 91 -16.64 -43.37 7.59
CA ARG A 91 -17.40 -43.91 6.46
C ARG A 91 -16.74 -43.49 5.12
N ASP A 92 -16.30 -42.23 5.02
CA ASP A 92 -15.65 -41.65 3.85
C ASP A 92 -14.41 -42.44 3.41
N PHE A 93 -14.41 -42.84 2.11
CA PHE A 93 -13.38 -43.61 1.43
C PHE A 93 -13.24 -45.03 1.97
N ASN A 94 -14.21 -45.51 2.77
CA ASN A 94 -14.16 -46.83 3.38
C ASN A 94 -15.35 -47.69 3.02
N GLU A 95 -16.36 -47.09 2.41
CA GLU A 95 -17.60 -47.74 2.02
C GLU A 95 -17.48 -48.39 0.63
N GLY A 96 -17.60 -49.72 0.61
CA GLY A 96 -17.52 -50.54 -0.60
C GLY A 96 -16.14 -50.65 -1.21
N GLN A 97 -15.07 -50.38 -0.44
CA GLN A 97 -13.69 -50.45 -0.91
C GLN A 97 -13.13 -51.82 -0.77
N SER A 98 -12.23 -52.17 -1.69
CA SER A 98 -11.49 -53.43 -1.62
C SER A 98 -10.46 -53.39 -0.50
N ALA A 99 -9.91 -52.19 -0.22
CA ALA A 99 -8.85 -51.98 0.76
C ALA A 99 -9.33 -52.03 2.18
N PRO A 100 -8.61 -52.72 3.09
CA PRO A 100 -8.95 -52.65 4.51
C PRO A 100 -8.84 -51.19 4.97
N ALA A 101 -9.69 -50.80 5.92
CA ALA A 101 -9.75 -49.42 6.40
C ALA A 101 -8.47 -48.94 7.11
N SER A 102 -7.57 -49.85 7.53
CA SER A 102 -6.34 -49.51 8.26
C SER A 102 -5.13 -49.24 7.33
N HIS A 103 -5.21 -49.63 6.05
CA HIS A 103 -4.09 -49.46 5.12
C HIS A 103 -3.92 -48.01 4.69
N LEU A 104 -2.66 -47.49 4.76
CA LEU A 104 -2.34 -46.12 4.35
C LEU A 104 -2.28 -46.02 2.81
N ILE A 105 -1.54 -46.95 2.16
CA ILE A 105 -1.38 -46.93 0.72
C ILE A 105 -2.45 -47.81 0.04
N ARG A 106 -3.13 -47.22 -0.96
CA ARG A 106 -4.09 -47.91 -1.80
C ARG A 106 -3.64 -47.85 -3.25
N VAL A 107 -4.04 -48.84 -4.06
CA VAL A 107 -3.81 -48.82 -5.51
C VAL A 107 -5.18 -48.50 -6.10
N GLU A 108 -5.24 -47.57 -7.03
CA GLU A 108 -6.49 -47.18 -7.65
C GLU A 108 -6.60 -47.77 -9.05
N GLY A 109 -7.77 -48.35 -9.34
CA GLY A 109 -8.07 -48.89 -10.67
C GLY A 109 -7.30 -50.12 -11.09
N ASN A 110 -7.10 -51.07 -10.16
CA ASN A 110 -6.48 -52.35 -10.44
C ASN A 110 -7.19 -53.41 -9.60
N ASN A 111 -7.99 -54.27 -10.27
CA ASN A 111 -8.75 -55.35 -9.60
C ASN A 111 -7.86 -56.46 -9.11
N LEU A 112 -6.59 -56.49 -9.57
CA LEU A 112 -5.65 -57.54 -9.17
C LEU A 112 -4.76 -57.12 -7.97
N SER A 113 -4.99 -55.93 -7.38
CA SER A 113 -4.20 -55.48 -6.23
C SER A 113 -4.48 -56.36 -5.00
N GLN A 114 -3.47 -56.52 -4.13
CA GLN A 114 -3.59 -57.36 -2.93
C GLN A 114 -3.13 -56.58 -1.74
N TYR A 115 -3.96 -56.52 -0.70
CA TYR A 115 -3.65 -55.82 0.55
C TYR A 115 -3.15 -56.82 1.56
N VAL A 116 -1.83 -56.79 1.78
CA VAL A 116 -1.10 -57.71 2.63
C VAL A 116 -0.98 -57.15 4.05
N ASP A 117 -1.25 -58.00 5.06
CA ASP A 117 -1.04 -57.81 6.50
C ASP A 117 -0.18 -58.96 6.94
N ASP A 118 1.14 -58.75 7.09
CA ASP A 118 2.03 -59.83 7.47
C ASP A 118 1.72 -60.34 8.88
N PRO A 119 1.47 -61.67 9.06
CA PRO A 119 1.13 -62.18 10.40
C PRO A 119 2.31 -62.17 11.40
N VAL A 120 3.55 -62.10 10.91
CA VAL A 120 4.73 -62.09 11.78
C VAL A 120 5.13 -60.65 12.16
N THR A 121 5.42 -59.81 11.15
CA THR A 121 5.91 -58.43 11.32
C THR A 121 4.77 -57.40 11.61
N GLY A 122 3.55 -57.70 11.13
CA GLY A 122 2.42 -56.80 11.26
C GLY A 122 2.39 -55.73 10.18
N ARG A 123 3.33 -55.77 9.24
CA ARG A 123 3.49 -54.79 8.17
C ARG A 123 2.40 -54.88 7.12
N GLN A 124 1.86 -53.70 6.77
CA GLN A 124 0.84 -53.55 5.77
C GLN A 124 1.46 -52.98 4.54
N SER A 125 1.08 -53.53 3.39
CA SER A 125 1.54 -53.13 2.07
C SER A 125 0.49 -53.51 1.04
N VAL A 126 0.70 -53.11 -0.23
CA VAL A 126 -0.24 -53.40 -1.32
C VAL A 126 0.60 -53.80 -2.53
N VAL A 127 0.24 -54.95 -3.13
CA VAL A 127 0.97 -55.59 -4.21
C VAL A 127 0.10 -55.69 -5.47
N VAL A 128 0.69 -55.42 -6.64
CA VAL A 128 0.05 -55.51 -7.94
C VAL A 128 0.92 -56.32 -8.85
N PRO A 129 0.39 -57.16 -9.76
CA PRO A 129 1.27 -57.89 -10.68
C PRO A 129 2.03 -56.93 -11.61
N TYR A 130 3.24 -57.32 -12.07
CA TYR A 130 3.92 -56.49 -13.04
C TYR A 130 3.18 -56.62 -14.38
N GLU A 131 2.94 -55.50 -15.05
CA GLU A 131 2.32 -55.45 -16.36
C GLU A 131 3.19 -54.60 -17.29
N PRO A 132 3.49 -55.07 -18.51
CA PRO A 132 4.32 -54.26 -19.44
C PRO A 132 3.66 -52.95 -19.85
N PRO A 133 4.41 -51.95 -20.35
CA PRO A 133 3.76 -50.72 -20.83
C PRO A 133 2.81 -50.99 -21.99
N GLN A 134 1.94 -50.02 -22.34
CA GLN A 134 1.04 -50.18 -23.50
C GLN A 134 1.89 -50.24 -24.78
N VAL A 135 1.32 -50.77 -25.89
CA VAL A 135 2.05 -50.87 -27.18
C VAL A 135 2.59 -49.47 -27.59
N GLY A 136 3.91 -49.40 -27.78
CA GLY A 136 4.61 -48.15 -28.11
C GLY A 136 4.71 -47.13 -26.98
N THR A 137 4.73 -47.63 -25.71
CA THR A 137 4.87 -46.79 -24.50
C THR A 137 6.13 -47.20 -23.76
N GLU A 138 6.71 -46.26 -23.00
CA GLU A 138 7.96 -46.40 -22.26
C GLU A 138 7.73 -46.91 -20.82
N PHE A 139 6.66 -46.44 -20.17
CA PHE A 139 6.39 -46.73 -18.76
C PHE A 139 5.10 -47.49 -18.49
N THR A 140 5.05 -48.10 -17.30
CA THR A 140 3.91 -48.75 -16.69
C THR A 140 3.45 -47.79 -15.62
N THR A 141 2.18 -47.39 -15.64
CA THR A 141 1.68 -46.47 -14.62
C THR A 141 0.89 -47.22 -13.56
N ILE A 142 1.19 -46.93 -12.29
CA ILE A 142 0.44 -47.43 -11.13
C ILE A 142 -0.13 -46.19 -10.44
N LEU A 143 -1.45 -46.17 -10.19
CA LEU A 143 -2.12 -45.06 -9.51
C LEU A 143 -2.20 -45.40 -8.02
N TYR A 144 -1.62 -44.55 -7.18
CA TYR A 144 -1.57 -44.72 -5.72
C TYR A 144 -2.40 -43.65 -5.01
N ASN A 145 -2.89 -44.00 -3.81
CA ASN A 145 -3.62 -43.07 -2.97
C ASN A 145 -3.08 -43.23 -1.54
N PHE A 146 -2.93 -42.13 -0.81
CA PHE A 146 -2.39 -42.14 0.57
C PHE A 146 -3.53 -41.58 1.40
N MET A 147 -4.02 -42.39 2.30
CA MET A 147 -5.30 -42.19 2.92
C MET A 147 -5.33 -41.47 4.25
N CYS A 148 -4.19 -41.04 4.75
CA CYS A 148 -4.10 -40.26 5.98
C CYS A 148 -3.05 -39.20 5.80
N ASN A 149 -3.20 -38.05 6.45
CA ASN A 149 -2.18 -37.01 6.37
C ASN A 149 -1.01 -37.41 7.27
N SER A 150 0.21 -36.87 7.01
CA SER A 150 1.39 -37.10 7.86
C SER A 150 1.13 -36.61 9.27
N SER A 151 0.28 -35.59 9.39
CA SER A 151 -0.03 -34.96 10.66
C SER A 151 -1.10 -35.70 11.50
N CYS A 152 -1.74 -36.74 10.95
CA CYS A 152 -2.82 -37.46 11.60
C CYS A 152 -2.46 -37.96 12.98
N VAL A 153 -3.08 -37.34 14.03
CA VAL A 153 -2.86 -37.73 15.43
C VAL A 153 -3.44 -39.15 15.62
N GLY A 154 -2.61 -40.04 16.14
CA GLY A 154 -2.95 -41.44 16.31
C GLY A 154 -2.37 -42.32 15.21
N GLY A 155 -2.14 -41.72 14.04
CA GLY A 155 -1.55 -42.39 12.87
C GLY A 155 -0.10 -41.96 12.71
N MET A 156 0.23 -41.32 11.57
CA MET A 156 1.61 -40.86 11.37
C MET A 156 2.01 -39.86 12.47
N ASN A 157 1.07 -39.06 12.99
CA ASN A 157 1.29 -38.17 14.13
C ASN A 157 2.50 -37.24 13.96
N ARG A 158 2.63 -36.63 12.72
CA ARG A 158 3.64 -35.66 12.25
C ARG A 158 5.01 -36.31 11.93
N ARG A 159 5.15 -37.61 12.14
CA ARG A 159 6.37 -38.32 11.82
C ARG A 159 6.57 -38.52 10.31
N PRO A 160 7.81 -38.25 9.76
CA PRO A 160 8.03 -38.46 8.32
C PRO A 160 8.08 -39.95 7.98
N ILE A 161 7.82 -40.29 6.69
CA ILE A 161 7.83 -41.66 6.22
C ILE A 161 8.57 -41.82 4.89
N LEU A 162 9.00 -43.07 4.64
CA LEU A 162 9.55 -43.51 3.37
C LEU A 162 8.50 -44.40 2.72
N ILE A 163 8.37 -44.31 1.40
CA ILE A 163 7.56 -45.23 0.59
C ILE A 163 8.57 -46.11 -0.13
N ILE A 164 8.48 -47.43 0.07
CA ILE A 164 9.41 -48.41 -0.52
C ILE A 164 8.71 -49.18 -1.64
N ILE A 165 9.20 -49.07 -2.86
CA ILE A 165 8.63 -49.76 -4.03
C ILE A 165 9.58 -50.88 -4.39
N THR A 166 9.13 -52.12 -4.32
CA THR A 166 10.04 -53.20 -4.64
C THR A 166 9.43 -54.11 -5.67
N LEU A 167 10.22 -54.42 -6.72
CA LEU A 167 9.93 -55.38 -7.78
C LEU A 167 10.33 -56.75 -7.21
N GLU A 168 9.36 -57.68 -7.04
CA GLU A 168 9.64 -59.00 -6.43
C GLU A 168 9.23 -60.16 -7.28
N MET A 169 9.87 -61.31 -7.05
CA MET A 169 9.50 -62.60 -7.62
C MET A 169 8.23 -63.07 -6.89
N ARG A 170 7.53 -64.07 -7.44
CA ARG A 170 6.34 -64.65 -6.82
C ARG A 170 6.61 -65.19 -5.38
N ASP A 171 7.84 -65.66 -5.10
CA ASP A 171 8.29 -66.18 -3.79
C ASP A 171 8.76 -65.07 -2.80
N GLY A 172 8.80 -63.81 -3.24
CA GLY A 172 9.24 -62.70 -2.39
C GLY A 172 10.69 -62.25 -2.57
N GLN A 173 11.47 -62.97 -3.40
CA GLN A 173 12.86 -62.61 -3.70
C GLN A 173 12.87 -61.29 -4.46
N VAL A 174 13.74 -60.38 -4.03
CA VAL A 174 13.86 -59.00 -4.53
C VAL A 174 14.60 -58.95 -5.88
N LEU A 175 13.96 -58.31 -6.89
CA LEU A 175 14.52 -58.06 -8.21
C LEU A 175 14.96 -56.60 -8.42
N GLY A 176 14.32 -55.70 -7.68
CA GLY A 176 14.54 -54.27 -7.74
C GLY A 176 13.92 -53.57 -6.56
N ARG A 177 14.40 -52.38 -6.22
CA ARG A 177 13.91 -51.55 -5.14
C ARG A 177 14.27 -50.09 -5.35
N ARG A 178 13.33 -49.20 -5.04
CA ARG A 178 13.42 -47.75 -5.09
C ARG A 178 12.60 -47.22 -3.94
N SER A 179 13.16 -46.31 -3.18
CA SER A 179 12.42 -45.70 -2.09
C SER A 179 12.52 -44.17 -2.19
N PHE A 180 11.60 -43.47 -1.53
CA PHE A 180 11.56 -42.01 -1.52
C PHE A 180 10.79 -41.57 -0.31
N GLU A 181 10.96 -40.32 0.10
CA GLU A 181 10.22 -39.81 1.24
C GLU A 181 8.81 -39.44 0.76
N GLY A 182 7.82 -39.67 1.61
CA GLY A 182 6.44 -39.30 1.33
C GLY A 182 5.97 -38.26 2.32
N ARG A 183 5.17 -37.27 1.82
CA ARG A 183 4.58 -36.23 2.67
C ARG A 183 3.16 -35.99 2.24
N ILE A 184 2.21 -36.28 3.14
CA ILE A 184 0.79 -36.13 2.84
C ILE A 184 0.37 -34.87 3.57
N CYS A 185 0.08 -33.81 2.81
CA CYS A 185 -0.19 -32.46 3.32
C CYS A 185 -1.28 -31.73 2.52
N ALA A 186 -1.71 -30.59 3.06
CA ALA A 186 -2.74 -29.74 2.45
C ALA A 186 -2.21 -28.97 1.23
N CYS A 187 -0.93 -28.54 1.24
CA CYS A 187 -0.29 -27.73 0.22
C CYS A 187 1.01 -28.37 -0.33
N PRO A 188 0.94 -29.35 -1.25
CA PRO A 188 2.18 -29.96 -1.75
C PRO A 188 3.15 -28.95 -2.39
N GLY A 189 2.63 -28.15 -3.32
CA GLY A 189 3.40 -27.15 -4.06
C GLY A 189 4.18 -26.17 -3.22
N ARG A 190 3.54 -25.65 -2.16
CA ARG A 190 4.13 -24.69 -1.25
C ARG A 190 5.19 -25.37 -0.40
N ASP A 191 4.87 -26.56 0.16
CA ASP A 191 5.75 -27.38 1.01
C ASP A 191 6.99 -27.86 0.25
N ARG A 192 6.88 -28.12 -1.06
CA ARG A 192 8.04 -28.52 -1.87
C ARG A 192 9.00 -27.34 -1.99
N LYS A 193 8.51 -26.18 -2.48
CA LYS A 193 9.26 -24.94 -2.67
C LYS A 193 10.03 -24.57 -1.39
N ALA A 194 9.35 -24.54 -0.24
CA ALA A 194 9.96 -24.19 1.04
C ALA A 194 11.13 -25.10 1.40
N ASP A 195 10.94 -26.43 1.24
CA ASP A 195 11.91 -27.48 1.56
C ASP A 195 13.10 -27.44 0.63
N GLU A 196 12.86 -27.26 -0.68
CA GLU A 196 13.91 -27.17 -1.70
C GLU A 196 14.79 -25.91 -1.45
N ASP A 197 14.16 -24.76 -1.11
CA ASP A 197 14.87 -23.51 -0.83
C ASP A 197 15.77 -23.67 0.37
N HIS A 198 15.28 -24.31 1.44
CA HIS A 198 16.04 -24.52 2.67
C HIS A 198 17.21 -25.48 2.43
N TYR A 199 17.01 -26.50 1.58
CA TYR A 199 18.03 -27.48 1.26
C TYR A 199 19.18 -26.86 0.44
N ARG A 200 18.86 -26.06 -0.59
CA ARG A 200 19.85 -25.38 -1.43
C ARG A 200 20.70 -24.42 -0.62
N GLU A 201 20.10 -23.75 0.39
CA GLU A 201 20.81 -22.82 1.27
C GLU A 201 21.75 -23.58 2.22
N ALA A 202 21.24 -24.58 2.94
CA ALA A 202 21.97 -25.37 3.91
C ALA A 202 23.12 -26.18 3.29
N GLU A 203 22.96 -26.61 2.04
CA GLU A 203 23.91 -27.47 1.35
C GLU A 203 24.77 -26.72 0.33
N ASN A 204 24.68 -25.36 0.31
CA ASN A 204 25.45 -24.46 -0.55
C ASN A 204 25.35 -24.90 -2.02
N LEU A 205 24.13 -25.17 -2.47
CA LEU A 205 23.93 -25.61 -3.84
C LEU A 205 23.80 -24.39 -4.73
N TYR A 206 24.56 -24.37 -5.84
CA TYR A 206 24.53 -23.26 -6.78
C TYR A 206 23.20 -23.25 -7.49
N PHE A 207 22.48 -22.12 -7.42
CA PHE A 207 21.18 -21.96 -8.05
C PHE A 207 21.02 -20.54 -8.62
N GLN A 208 20.54 -20.45 -9.88
CA GLN A 208 20.31 -19.23 -10.68
C GLN A 208 21.53 -18.29 -10.69
N MET B 31 -34.78 -63.71 29.39
CA MET B 31 -34.07 -62.43 29.53
C MET B 31 -34.19 -61.89 30.97
N ARG B 32 -33.14 -62.13 31.78
CA ARG B 32 -33.03 -61.68 33.17
C ARG B 32 -32.74 -60.18 33.23
N VAL B 33 -33.61 -59.42 33.92
CA VAL B 33 -33.43 -57.99 34.13
C VAL B 33 -32.42 -57.84 35.28
N LYS B 34 -31.29 -57.14 35.02
CA LYS B 34 -30.21 -56.92 35.97
C LYS B 34 -30.52 -55.74 36.90
N PHE B 35 -30.29 -55.93 38.21
CA PHE B 35 -30.55 -54.98 39.30
C PHE B 35 -29.29 -54.70 40.13
N ASN B 36 -28.09 -55.13 39.64
CA ASN B 36 -26.80 -54.90 40.29
C ASN B 36 -26.58 -53.35 40.45
N PRO B 37 -25.64 -52.84 41.28
CA PRO B 37 -25.57 -51.38 41.46
C PRO B 37 -25.37 -50.54 40.19
N LEU B 38 -24.49 -50.96 39.24
CA LEU B 38 -24.31 -50.22 37.99
C LEU B 38 -25.60 -50.21 37.16
N ALA B 39 -26.27 -51.35 37.06
CA ALA B 39 -27.49 -51.42 36.29
C ALA B 39 -28.54 -50.46 36.86
N LEU B 40 -28.64 -50.42 38.19
CA LEU B 40 -29.58 -49.51 38.85
C LEU B 40 -29.28 -48.02 38.61
N LEU B 41 -28.00 -47.66 38.67
CA LEU B 41 -27.58 -46.28 38.50
C LEU B 41 -27.93 -45.74 37.11
N LEU B 42 -27.71 -46.60 36.12
CA LEU B 42 -28.02 -46.31 34.72
C LEU B 42 -29.52 -46.17 34.48
N ASP B 43 -30.33 -47.18 34.89
CA ASP B 43 -31.81 -47.15 34.73
C ASP B 43 -32.45 -45.99 35.52
N SER B 44 -31.87 -45.67 36.68
CA SER B 44 -32.34 -44.61 37.58
C SER B 44 -32.10 -43.22 36.92
N SER B 45 -30.91 -43.03 36.31
CA SER B 45 -30.47 -41.83 35.58
C SER B 45 -31.36 -41.59 34.36
N LEU B 46 -31.76 -42.66 33.69
CA LEU B 46 -32.67 -42.60 32.55
C LEU B 46 -34.11 -42.24 32.99
N GLU B 47 -34.58 -42.79 34.14
CA GLU B 47 -35.96 -42.59 34.64
C GLU B 47 -36.13 -41.27 35.37
N GLY B 48 -35.06 -40.78 35.97
CA GLY B 48 -35.09 -39.48 36.64
C GLY B 48 -35.40 -39.62 38.10
N GLU B 49 -34.83 -40.67 38.72
CA GLU B 49 -34.96 -41.01 40.15
C GLU B 49 -33.71 -40.50 40.85
N PHE B 50 -33.65 -39.17 41.04
CA PHE B 50 -32.52 -38.48 41.65
C PHE B 50 -32.12 -39.06 43.02
N ASP B 51 -33.13 -39.28 43.91
CA ASP B 51 -32.94 -39.80 45.27
C ASP B 51 -32.26 -41.16 45.23
N LEU B 52 -32.74 -42.06 44.35
CA LEU B 52 -32.19 -43.39 44.13
C LEU B 52 -30.74 -43.27 43.59
N VAL B 53 -30.51 -42.35 42.58
CA VAL B 53 -29.22 -42.03 41.96
C VAL B 53 -28.22 -41.63 43.07
N GLN B 54 -28.61 -40.69 43.95
CA GLN B 54 -27.76 -40.23 45.05
C GLN B 54 -27.36 -41.35 46.03
N ARG B 55 -28.22 -42.37 46.17
CA ARG B 55 -28.02 -43.48 47.07
C ARG B 55 -27.17 -44.62 46.41
N ILE B 56 -27.58 -45.11 45.21
CA ILE B 56 -26.94 -46.22 44.51
C ILE B 56 -25.50 -45.92 44.03
N ILE B 57 -25.14 -44.63 43.84
CA ILE B 57 -23.82 -44.23 43.32
C ILE B 57 -22.65 -44.66 44.25
N TYR B 58 -22.84 -44.70 45.58
CA TYR B 58 -21.75 -45.07 46.51
C TYR B 58 -21.53 -46.59 46.56
N GLU B 59 -22.51 -47.37 46.05
CA GLU B 59 -22.45 -48.83 46.02
C GLU B 59 -21.78 -49.35 44.74
N VAL B 60 -21.56 -48.46 43.73
CA VAL B 60 -20.98 -48.84 42.43
C VAL B 60 -19.46 -48.58 42.44
N ASP B 61 -18.68 -49.62 42.06
CA ASP B 61 -17.21 -49.63 42.02
C ASP B 61 -16.70 -48.46 41.16
N ASP B 62 -17.25 -48.29 39.93
CA ASP B 62 -16.92 -47.20 38.99
C ASP B 62 -18.21 -46.66 38.33
N PRO B 63 -18.67 -45.44 38.70
CA PRO B 63 -19.90 -44.91 38.08
C PRO B 63 -19.72 -44.46 36.61
N SER B 64 -18.47 -44.40 36.13
CA SER B 64 -18.15 -43.99 34.76
C SER B 64 -18.10 -45.19 33.82
N LEU B 65 -18.32 -46.41 34.36
CA LEU B 65 -18.29 -47.66 33.61
C LEU B 65 -19.58 -47.84 32.79
N PRO B 66 -19.45 -48.26 31.52
CA PRO B 66 -20.63 -48.32 30.64
C PRO B 66 -21.31 -49.67 30.55
N ASN B 67 -22.46 -49.70 29.85
CA ASN B 67 -23.15 -50.96 29.57
C ASN B 67 -22.46 -51.59 28.31
N ASP B 68 -23.09 -52.61 27.70
CA ASP B 68 -22.55 -53.29 26.53
C ASP B 68 -22.55 -52.43 25.25
N GLU B 69 -23.40 -51.38 25.20
CA GLU B 69 -23.50 -50.48 24.04
C GLU B 69 -22.66 -49.18 24.23
N GLY B 70 -21.85 -49.14 25.29
CA GLY B 70 -20.95 -48.03 25.60
C GLY B 70 -21.56 -46.86 26.34
N ILE B 71 -22.88 -46.94 26.64
CA ILE B 71 -23.67 -45.90 27.31
C ILE B 71 -23.41 -45.92 28.83
N THR B 72 -23.20 -44.74 29.41
CA THR B 72 -23.02 -44.56 30.86
C THR B 72 -24.24 -43.87 31.47
N ALA B 73 -24.27 -43.73 32.83
CA ALA B 73 -25.36 -43.06 33.57
C ALA B 73 -25.53 -41.60 33.10
N LEU B 74 -24.41 -40.92 32.74
CA LEU B 74 -24.39 -39.53 32.27
C LEU B 74 -25.04 -39.43 30.89
N HIS B 75 -24.73 -40.37 29.96
CA HIS B 75 -25.39 -40.39 28.66
C HIS B 75 -26.89 -40.43 28.83
N ASN B 76 -27.38 -41.22 29.84
CA ASN B 76 -28.80 -41.42 30.14
C ASN B 76 -29.40 -40.17 30.73
N ALA B 77 -28.72 -39.57 31.70
CA ALA B 77 -29.11 -38.34 32.37
C ALA B 77 -29.34 -37.20 31.34
N VAL B 78 -28.39 -37.04 30.38
CA VAL B 78 -28.39 -36.03 29.33
C VAL B 78 -29.49 -36.27 28.26
N CYS B 79 -29.57 -37.45 27.63
CA CYS B 79 -30.56 -37.78 26.61
C CYS B 79 -31.99 -37.65 27.13
N ALA B 80 -32.26 -38.12 28.38
CA ALA B 80 -33.59 -38.08 29.01
C ALA B 80 -33.91 -36.69 29.60
N GLY B 81 -32.92 -35.80 29.59
CA GLY B 81 -33.06 -34.41 30.03
C GLY B 81 -33.21 -34.17 31.51
N HIS B 82 -32.60 -35.02 32.35
CA HIS B 82 -32.63 -34.91 33.82
C HIS B 82 -31.42 -34.10 34.27
N THR B 83 -31.55 -32.76 34.21
CA THR B 83 -30.48 -31.77 34.49
C THR B 83 -29.88 -31.90 35.92
N GLU B 84 -30.75 -32.20 36.90
CA GLU B 84 -30.39 -32.36 38.31
C GLU B 84 -29.44 -33.55 38.48
N ILE B 85 -29.67 -34.66 37.72
CA ILE B 85 -28.82 -35.84 37.75
C ILE B 85 -27.52 -35.51 36.96
N VAL B 86 -27.64 -34.84 35.76
CA VAL B 86 -26.50 -34.37 34.95
C VAL B 86 -25.50 -33.63 35.86
N LYS B 87 -25.96 -32.59 36.61
CA LYS B 87 -25.16 -31.77 37.52
C LYS B 87 -24.56 -32.61 38.63
N PHE B 88 -25.34 -33.55 39.22
CA PHE B 88 -24.90 -34.45 40.28
C PHE B 88 -23.77 -35.36 39.81
N LEU B 89 -24.02 -36.15 38.75
CA LEU B 89 -23.03 -37.08 38.21
C LEU B 89 -21.73 -36.39 37.86
N VAL B 90 -21.80 -35.27 37.10
CA VAL B 90 -20.63 -34.51 36.65
C VAL B 90 -19.83 -34.00 37.86
N GLN B 91 -20.51 -33.40 38.86
CA GLN B 91 -19.88 -32.86 40.08
C GLN B 91 -19.30 -33.99 40.95
N PHE B 92 -19.86 -35.22 40.85
CA PHE B 92 -19.38 -36.41 41.54
C PHE B 92 -18.00 -36.88 41.00
N GLY B 93 -17.69 -36.56 39.73
CA GLY B 93 -16.42 -36.91 39.12
C GLY B 93 -16.49 -37.96 38.04
N VAL B 94 -17.70 -38.20 37.52
CA VAL B 94 -17.97 -39.16 36.43
C VAL B 94 -17.30 -38.65 35.13
N ASN B 95 -16.79 -39.58 34.27
CA ASN B 95 -16.13 -39.27 33.00
C ASN B 95 -17.09 -38.49 32.09
N VAL B 96 -16.80 -37.21 31.90
CA VAL B 96 -17.60 -36.26 31.12
C VAL B 96 -17.43 -36.50 29.60
N ASN B 97 -16.38 -37.22 29.18
CA ASN B 97 -16.05 -37.45 27.77
C ASN B 97 -16.20 -38.92 27.34
N ALA B 98 -17.05 -39.69 28.06
CA ALA B 98 -17.34 -41.11 27.81
C ALA B 98 -17.96 -41.28 26.42
N ALA B 99 -17.36 -42.15 25.58
CA ALA B 99 -17.83 -42.34 24.22
C ALA B 99 -18.52 -43.67 24.04
N ASP B 100 -19.80 -43.65 23.63
CA ASP B 100 -20.54 -44.88 23.39
C ASP B 100 -19.90 -45.65 22.19
N SER B 101 -20.50 -46.74 21.72
CA SER B 101 -19.98 -47.57 20.63
C SER B 101 -19.81 -46.81 19.30
N ASP B 102 -20.53 -45.68 19.14
CA ASP B 102 -20.52 -44.89 17.90
C ASP B 102 -19.73 -43.57 18.06
N GLY B 103 -19.10 -43.39 19.22
CA GLY B 103 -18.28 -42.23 19.56
C GLY B 103 -18.97 -41.08 20.24
N TRP B 104 -20.30 -41.18 20.45
CA TRP B 104 -21.12 -40.16 21.10
C TRP B 104 -20.73 -39.97 22.56
N THR B 105 -20.40 -38.74 22.90
CA THR B 105 -20.08 -38.35 24.28
C THR B 105 -21.30 -37.62 24.85
N PRO B 106 -21.40 -37.35 26.18
CA PRO B 106 -22.56 -36.60 26.69
C PRO B 106 -22.77 -35.24 25.98
N LEU B 107 -21.67 -34.56 25.55
CA LEU B 107 -21.75 -33.27 24.83
C LEU B 107 -22.45 -33.45 23.48
N HIS B 108 -22.22 -34.59 22.76
CA HIS B 108 -22.93 -34.88 21.50
C HIS B 108 -24.42 -35.04 21.75
N CYS B 109 -24.75 -35.72 22.88
CA CYS B 109 -26.13 -35.99 23.31
C CYS B 109 -26.85 -34.70 23.70
N ALA B 110 -26.19 -33.81 24.48
CA ALA B 110 -26.75 -32.52 24.90
C ALA B 110 -27.01 -31.64 23.67
N ALA B 111 -26.04 -31.61 22.72
CA ALA B 111 -26.15 -30.89 21.46
C ALA B 111 -27.32 -31.37 20.61
N SER B 112 -27.51 -32.70 20.44
CA SER B 112 -28.62 -33.27 19.65
C SER B 112 -30.00 -32.86 20.21
N CYS B 113 -30.04 -32.45 21.50
CA CYS B 113 -31.25 -32.00 22.19
C CYS B 113 -31.40 -30.47 22.09
N ASN B 114 -30.37 -29.76 21.53
CA ASN B 114 -30.28 -28.29 21.44
C ASN B 114 -30.45 -27.71 22.83
N ASN B 115 -29.69 -28.28 23.77
CA ASN B 115 -29.70 -27.89 25.15
C ASN B 115 -28.44 -27.13 25.43
N VAL B 116 -28.48 -25.81 25.13
CA VAL B 116 -27.35 -24.90 25.32
C VAL B 116 -26.92 -24.85 26.80
N GLN B 117 -27.86 -24.91 27.75
CA GLN B 117 -27.57 -24.82 29.19
C GLN B 117 -26.71 -26.00 29.65
N VAL B 118 -27.06 -27.25 29.24
CA VAL B 118 -26.30 -28.45 29.59
C VAL B 118 -24.94 -28.41 28.86
N CYS B 119 -24.92 -28.03 27.54
CA CYS B 119 -23.68 -27.87 26.74
C CYS B 119 -22.70 -26.96 27.44
N LYS B 120 -23.17 -25.75 27.88
CA LYS B 120 -22.35 -24.78 28.60
C LYS B 120 -21.78 -25.37 29.88
N PHE B 121 -22.64 -26.08 30.65
CA PHE B 121 -22.24 -26.72 31.90
C PHE B 121 -21.16 -27.80 31.65
N LEU B 122 -21.39 -28.70 30.67
CA LEU B 122 -20.46 -29.77 30.32
C LEU B 122 -19.11 -29.21 29.87
N VAL B 123 -19.12 -28.12 29.05
CA VAL B 123 -17.91 -27.45 28.55
C VAL B 123 -17.09 -26.94 29.72
N GLU B 124 -17.80 -26.34 30.72
CA GLU B 124 -17.22 -25.80 31.95
C GLU B 124 -16.71 -26.90 32.89
N SER B 125 -17.11 -28.15 32.62
CA SER B 125 -16.77 -29.34 33.40
C SER B 125 -15.78 -30.26 32.66
N GLY B 126 -15.03 -29.71 31.71
CA GLY B 126 -13.98 -30.41 30.96
C GLY B 126 -14.41 -31.22 29.74
N ALA B 127 -15.50 -30.85 29.09
CA ALA B 127 -15.96 -31.60 27.90
C ALA B 127 -15.00 -31.37 26.70
N ALA B 128 -14.72 -32.45 25.93
CA ALA B 128 -13.89 -32.44 24.73
C ALA B 128 -14.73 -31.91 23.58
N VAL B 129 -14.51 -30.62 23.24
CA VAL B 129 -15.26 -29.88 22.20
C VAL B 129 -15.03 -30.47 20.83
N PHE B 130 -13.80 -30.98 20.58
CA PHE B 130 -13.43 -31.51 19.27
C PHE B 130 -13.54 -33.03 19.16
N ALA B 131 -14.17 -33.72 20.14
CA ALA B 131 -14.39 -35.17 20.07
C ALA B 131 -15.34 -35.45 18.94
N MET B 132 -14.99 -36.43 18.09
CA MET B 132 -15.80 -36.79 16.92
C MET B 132 -16.47 -38.15 17.04
N THR B 133 -17.68 -38.30 16.48
CA THR B 133 -18.38 -39.57 16.35
C THR B 133 -17.60 -40.37 15.32
N TYR B 134 -17.61 -41.71 15.36
CA TYR B 134 -16.75 -42.57 14.55
C TYR B 134 -17.12 -42.62 13.07
N SER B 135 -18.36 -43.00 12.73
CA SER B 135 -18.87 -43.18 11.36
C SER B 135 -18.69 -41.91 10.54
N ASP B 136 -19.32 -40.83 10.95
CA ASP B 136 -19.18 -39.49 10.40
C ASP B 136 -18.16 -38.87 11.30
N MET B 137 -17.43 -37.90 10.91
CA MET B 137 -16.45 -37.41 11.88
C MET B 137 -16.97 -36.11 12.46
N GLN B 138 -18.15 -36.18 13.10
CA GLN B 138 -18.88 -35.04 13.60
C GLN B 138 -18.63 -34.74 15.07
N THR B 139 -18.41 -33.43 15.35
CA THR B 139 -18.23 -32.91 16.69
C THR B 139 -19.65 -32.69 17.26
N ALA B 140 -19.75 -32.31 18.57
CA ALA B 140 -21.02 -32.06 19.23
C ALA B 140 -21.85 -31.00 18.50
N ALA B 141 -21.20 -29.88 18.12
CA ALA B 141 -21.81 -28.76 17.37
C ALA B 141 -22.52 -29.22 16.10
N ASP B 142 -22.03 -30.25 15.45
CA ASP B 142 -22.68 -30.73 14.21
C ASP B 142 -23.96 -31.48 14.50
N LYS B 143 -24.08 -32.06 15.71
CA LYS B 143 -25.21 -32.89 16.12
C LYS B 143 -26.51 -32.11 16.42
N CYS B 144 -26.44 -30.76 16.59
CA CYS B 144 -27.59 -29.88 16.84
C CYS B 144 -28.66 -30.07 15.75
N GLU B 145 -29.92 -30.05 16.14
CA GLU B 145 -31.05 -30.33 15.24
C GLU B 145 -31.68 -29.06 14.73
N GLU B 146 -31.57 -28.86 13.40
CA GLU B 146 -32.00 -27.67 12.66
C GLU B 146 -33.50 -27.44 12.75
N MET B 147 -34.30 -28.52 12.65
CA MET B 147 -35.76 -28.42 12.68
C MET B 147 -36.33 -28.29 14.10
N GLU B 148 -35.51 -28.49 15.14
CA GLU B 148 -35.94 -28.40 16.55
C GLU B 148 -35.64 -27.03 17.11
N GLU B 149 -36.33 -26.66 18.19
CA GLU B 149 -36.17 -25.40 18.90
C GLU B 149 -34.84 -25.35 19.65
N GLY B 150 -34.28 -24.14 19.76
CA GLY B 150 -33.01 -23.83 20.40
C GLY B 150 -31.77 -24.12 19.58
N TYR B 151 -31.93 -24.38 18.26
CA TYR B 151 -30.85 -24.70 17.34
C TYR B 151 -29.78 -23.63 17.25
N THR B 152 -30.20 -22.40 16.81
CA THR B 152 -29.34 -21.24 16.57
C THR B 152 -28.50 -20.97 17.80
N GLN B 153 -29.11 -20.90 18.99
CA GLN B 153 -28.40 -20.62 20.22
C GLN B 153 -27.43 -21.73 20.63
N CYS B 154 -27.79 -23.01 20.43
CA CYS B 154 -26.94 -24.12 20.83
C CYS B 154 -25.77 -24.32 19.86
N SER B 155 -26.05 -24.34 18.54
CA SER B 155 -25.02 -24.54 17.53
C SER B 155 -24.05 -23.39 17.50
N GLN B 156 -24.56 -22.15 17.61
CA GLN B 156 -23.68 -20.96 17.60
C GLN B 156 -22.80 -20.91 18.83
N PHE B 157 -23.25 -21.49 19.95
CA PHE B 157 -22.45 -21.54 21.17
C PHE B 157 -21.32 -22.54 21.01
N LEU B 158 -21.64 -23.74 20.53
CA LEU B 158 -20.64 -24.82 20.35
C LEU B 158 -19.65 -24.50 19.25
N TYR B 159 -20.12 -23.99 18.07
CA TYR B 159 -19.19 -23.61 17.00
C TYR B 159 -18.32 -22.42 17.44
N GLY B 160 -18.86 -21.57 18.31
CA GLY B 160 -18.14 -20.44 18.90
C GLY B 160 -16.95 -20.88 19.72
N VAL B 161 -17.14 -21.89 20.60
CA VAL B 161 -16.10 -22.48 21.46
C VAL B 161 -15.03 -23.11 20.56
N GLN B 162 -15.46 -23.83 19.50
CA GLN B 162 -14.55 -24.45 18.52
C GLN B 162 -13.66 -23.40 17.83
N GLU B 163 -14.23 -22.22 17.55
CA GLU B 163 -13.56 -21.10 16.85
C GLU B 163 -12.75 -20.18 17.80
N LYS B 164 -13.22 -19.95 19.04
CA LYS B 164 -12.55 -19.06 20.01
C LYS B 164 -11.57 -19.76 20.97
N MET B 165 -11.57 -21.10 21.05
CA MET B 165 -10.68 -21.86 21.98
C MET B 165 -9.21 -21.59 21.67
N GLY B 166 -8.45 -21.21 22.70
CA GLY B 166 -7.02 -20.92 22.52
C GLY B 166 -6.76 -19.48 22.12
N ILE B 167 -7.83 -18.67 22.00
CA ILE B 167 -7.80 -17.24 21.68
C ILE B 167 -8.44 -16.52 22.88
N MET B 168 -9.69 -16.89 23.22
CA MET B 168 -10.41 -16.37 24.39
C MET B 168 -9.70 -16.80 25.68
N ASN B 169 -10.10 -16.18 26.83
CA ASN B 169 -9.56 -16.43 28.18
C ASN B 169 -8.01 -16.36 28.19
N LYS B 170 -7.45 -15.39 27.42
CA LYS B 170 -6.02 -15.12 27.26
C LYS B 170 -5.26 -16.38 26.74
N GLY B 171 -5.91 -17.10 25.81
CA GLY B 171 -5.41 -18.33 25.22
C GLY B 171 -5.20 -19.51 26.16
N VAL B 172 -5.81 -19.48 27.36
CA VAL B 172 -5.68 -20.52 28.39
C VAL B 172 -6.65 -21.68 28.09
N ILE B 173 -6.08 -22.88 28.00
CA ILE B 173 -6.79 -24.15 27.77
C ILE B 173 -6.25 -25.17 28.76
N TYR B 174 -6.88 -26.36 28.80
CA TYR B 174 -6.50 -27.44 29.69
C TYR B 174 -6.40 -28.74 28.94
N ALA B 175 -5.45 -29.61 29.34
CA ALA B 175 -5.30 -30.94 28.77
C ALA B 175 -6.36 -31.83 29.41
N LEU B 176 -7.17 -32.53 28.58
CA LEU B 176 -8.23 -33.44 29.07
C LEU B 176 -7.75 -34.90 29.00
N TRP B 177 -6.52 -35.13 28.52
CA TRP B 177 -5.87 -36.43 28.39
C TRP B 177 -4.36 -36.28 28.46
N ASP B 178 -3.66 -37.36 28.83
CA ASP B 178 -2.20 -37.36 28.81
C ASP B 178 -1.77 -37.39 27.36
N TYR B 179 -0.60 -36.88 27.05
CA TYR B 179 -0.08 -36.93 25.70
C TYR B 179 1.41 -37.20 25.74
N GLU B 180 1.86 -38.33 25.14
CA GLU B 180 3.27 -38.70 25.03
C GLU B 180 3.78 -38.26 23.66
N PRO B 181 4.73 -37.27 23.60
CA PRO B 181 5.20 -36.77 22.29
C PRO B 181 5.81 -37.84 21.38
N GLN B 182 5.62 -37.67 20.05
CA GLN B 182 6.14 -38.56 19.01
C GLN B 182 7.29 -37.88 18.27
N ASN B 183 7.39 -36.54 18.39
CA ASN B 183 8.42 -35.71 17.77
C ASN B 183 9.00 -34.71 18.77
N ASP B 184 10.24 -34.25 18.51
CA ASP B 184 11.02 -33.32 19.35
C ASP B 184 10.33 -31.99 19.62
N ASP B 185 9.54 -31.48 18.67
CA ASP B 185 8.85 -30.19 18.79
C ASP B 185 7.44 -30.31 19.40
N GLU B 186 7.18 -31.37 20.19
CA GLU B 186 5.89 -31.60 20.80
C GLU B 186 5.98 -31.63 22.32
N LEU B 187 4.96 -31.04 22.98
CA LEU B 187 4.88 -30.96 24.43
C LEU B 187 4.22 -32.17 25.08
N PRO B 188 4.85 -32.73 26.13
CA PRO B 188 4.16 -33.77 26.89
C PRO B 188 3.06 -33.12 27.71
N MET B 189 1.94 -33.81 27.86
CA MET B 189 0.81 -33.28 28.62
C MET B 189 0.36 -34.31 29.62
N LYS B 190 -0.25 -33.82 30.71
CA LYS B 190 -0.86 -34.64 31.75
C LYS B 190 -2.25 -34.10 31.94
N GLU B 191 -3.25 -34.98 32.10
CA GLU B 191 -4.64 -34.57 32.31
C GLU B 191 -4.72 -33.50 33.41
N GLY B 192 -5.40 -32.39 33.10
CA GLY B 192 -5.56 -31.27 34.00
C GLY B 192 -4.57 -30.15 33.78
N ASP B 193 -3.43 -30.43 33.09
CA ASP B 193 -2.38 -29.45 32.79
C ASP B 193 -2.96 -28.20 32.15
N CYS B 194 -2.57 -27.05 32.69
CA CYS B 194 -3.01 -25.76 32.22
C CYS B 194 -1.90 -25.13 31.40
N MET B 195 -2.22 -24.72 30.17
CA MET B 195 -1.22 -24.10 29.30
C MET B 195 -1.86 -22.97 28.49
N THR B 196 -1.01 -22.13 27.86
CA THR B 196 -1.43 -21.00 27.05
C THR B 196 -1.12 -21.30 25.60
N ILE B 197 -2.07 -21.00 24.68
CA ILE B 197 -1.88 -21.21 23.25
C ILE B 197 -1.25 -19.95 22.67
N ILE B 198 -0.06 -20.13 22.09
CA ILE B 198 0.70 -19.08 21.41
C ILE B 198 0.14 -18.94 19.97
N HIS B 199 0.05 -20.07 19.22
CA HIS B 199 -0.46 -20.02 17.86
C HIS B 199 -1.36 -21.23 17.52
N ARG B 200 -2.47 -20.98 16.77
CA ARG B 200 -3.43 -22.00 16.33
C ARG B 200 -3.08 -22.53 14.93
N GLU B 201 -2.55 -21.67 14.03
CA GLU B 201 -2.14 -22.01 12.64
C GLU B 201 -3.25 -22.82 11.95
N ASP B 202 -4.45 -22.21 11.86
CA ASP B 202 -5.65 -22.80 11.26
C ASP B 202 -5.53 -23.09 9.75
N GLU B 203 -4.43 -22.62 9.11
CA GLU B 203 -4.18 -22.85 7.68
C GLU B 203 -3.34 -24.12 7.47
N ASP B 204 -2.19 -24.21 8.18
CA ASP B 204 -1.22 -25.32 8.10
C ASP B 204 -1.29 -26.19 9.37
N GLU B 205 -1.83 -27.43 9.23
CA GLU B 205 -2.03 -28.42 10.32
C GLU B 205 -3.00 -27.83 11.36
N ILE B 206 -4.30 -27.87 11.02
CA ILE B 206 -5.45 -27.32 11.78
C ILE B 206 -5.56 -27.92 13.20
N GLU B 207 -5.22 -29.21 13.36
CA GLU B 207 -5.38 -29.99 14.57
C GLU B 207 -4.22 -29.82 15.55
N TRP B 208 -3.14 -29.08 15.14
CA TRP B 208 -1.92 -28.88 15.95
C TRP B 208 -1.70 -27.42 16.24
N TRP B 209 -1.54 -27.11 17.55
CA TRP B 209 -1.41 -25.77 18.12
C TRP B 209 -0.10 -25.57 18.88
N TRP B 210 0.56 -24.40 18.71
CA TRP B 210 1.80 -24.07 19.41
C TRP B 210 1.43 -23.52 20.77
N ALA B 211 1.84 -24.25 21.81
CA ALA B 211 1.45 -23.96 23.18
C ALA B 211 2.65 -23.75 24.11
N ARG B 212 2.39 -23.23 25.31
CA ARG B 212 3.40 -22.98 26.34
C ARG B 212 2.92 -23.59 27.63
N LEU B 213 3.66 -24.60 28.11
CA LEU B 213 3.38 -25.30 29.37
C LEU B 213 4.62 -25.15 30.25
N ASN B 214 4.46 -24.47 31.42
CA ASN B 214 5.53 -24.13 32.37
C ASN B 214 6.55 -23.25 31.63
N ASP B 215 7.78 -23.74 31.38
CA ASP B 215 8.78 -22.97 30.65
C ASP B 215 8.89 -23.37 29.17
N LYS B 216 8.59 -24.66 28.86
CA LYS B 216 8.69 -25.27 27.54
C LYS B 216 7.55 -24.86 26.59
N GLU B 217 7.81 -25.00 25.27
CA GLU B 217 6.92 -24.70 24.15
C GLU B 217 6.98 -25.80 23.07
N GLY B 218 5.82 -26.20 22.58
CA GLY B 218 5.72 -27.22 21.54
C GLY B 218 4.34 -27.31 20.95
N TYR B 219 4.15 -28.30 20.10
CA TYR B 219 2.86 -28.59 19.47
C TYR B 219 2.08 -29.55 20.30
N VAL B 220 0.74 -29.35 20.35
CA VAL B 220 -0.17 -30.23 21.09
C VAL B 220 -1.39 -30.54 20.23
N PRO B 221 -2.04 -31.67 20.39
CA PRO B 221 -3.22 -31.91 19.58
C PRO B 221 -4.44 -31.25 20.14
N ARG B 222 -5.11 -30.45 19.34
CA ARG B 222 -6.20 -29.61 19.77
C ARG B 222 -7.35 -30.39 20.36
N ASN B 223 -7.57 -31.59 19.86
CA ASN B 223 -8.72 -32.38 20.21
C ASN B 223 -8.67 -33.02 21.58
N LEU B 224 -7.50 -33.04 22.16
CA LEU B 224 -7.29 -33.51 23.54
C LEU B 224 -7.48 -32.38 24.55
N LEU B 225 -7.79 -31.17 24.05
CA LEU B 225 -7.86 -29.98 24.89
C LEU B 225 -9.27 -29.51 25.10
N GLY B 226 -9.44 -28.79 26.22
CA GLY B 226 -10.67 -28.18 26.66
C GLY B 226 -10.45 -26.78 27.17
N LEU B 227 -11.52 -25.97 27.17
CA LEU B 227 -11.53 -24.60 27.65
C LEU B 227 -11.41 -24.56 29.18
N TYR B 228 -11.95 -25.60 29.86
CA TYR B 228 -11.94 -25.78 31.32
C TYR B 228 -11.49 -27.22 31.64
N PRO B 229 -10.90 -27.52 32.83
CA PRO B 229 -10.45 -28.88 33.09
C PRO B 229 -11.57 -29.81 33.58
N ARG B 230 -11.26 -31.11 33.68
CA ARG B 230 -12.18 -32.14 34.18
C ARG B 230 -12.37 -31.97 35.68
N ILE B 231 -13.48 -32.48 36.21
CA ILE B 231 -13.74 -32.47 37.65
C ILE B 231 -13.21 -33.81 38.19
N LYS B 232 -12.23 -33.75 39.10
CA LYS B 232 -11.61 -34.92 39.71
C LYS B 232 -12.56 -35.63 40.68
N VAL C 4 -39.87 -1.43 -11.61
CA VAL C 4 -39.58 -0.98 -10.25
C VAL C 4 -38.38 -1.79 -9.68
N ILE C 5 -37.31 -1.06 -9.31
CA ILE C 5 -36.06 -1.59 -8.76
C ILE C 5 -36.13 -1.63 -7.22
N PRO C 6 -35.74 -2.74 -6.55
CA PRO C 6 -35.80 -2.76 -5.09
C PRO C 6 -34.82 -1.73 -4.49
N SER C 7 -35.31 -1.02 -3.49
CA SER C 7 -34.59 0.03 -2.81
C SER C 7 -33.61 -0.57 -1.83
N ASN C 8 -32.41 0.00 -1.75
CA ASN C 8 -31.38 -0.53 -0.84
C ASN C 8 -30.95 0.50 0.23
N THR C 9 -31.47 1.73 0.19
CA THR C 9 -31.06 2.83 1.08
C THR C 9 -31.22 2.43 2.53
N ASP C 10 -30.17 2.67 3.35
CA ASP C 10 -30.20 2.38 4.78
C ASP C 10 -31.26 3.20 5.44
N TYR C 11 -32.00 2.63 6.39
CA TYR C 11 -33.07 3.34 7.08
C TYR C 11 -33.23 2.80 8.49
N PRO C 12 -32.74 3.47 9.56
CA PRO C 12 -32.90 2.91 10.90
C PRO C 12 -34.35 2.82 11.37
N GLY C 13 -35.18 3.77 10.99
CA GLY C 13 -36.61 3.75 11.26
C GLY C 13 -37.04 3.99 12.69
N PRO C 14 -38.37 3.89 12.96
CA PRO C 14 -38.86 4.13 14.34
C PRO C 14 -38.35 3.17 15.41
N HIS C 15 -37.85 1.98 15.01
CA HIS C 15 -37.38 0.98 15.97
C HIS C 15 -35.85 0.88 15.98
N HIS C 16 -35.14 1.82 15.31
CA HIS C 16 -33.66 1.90 15.23
C HIS C 16 -33.08 0.53 14.84
N PHE C 17 -33.44 0.09 13.64
CA PHE C 17 -33.07 -1.22 13.09
C PHE C 17 -31.60 -1.29 12.69
N GLU C 18 -30.87 -2.19 13.34
CA GLU C 18 -29.44 -2.42 13.08
C GLU C 18 -29.13 -3.87 12.70
N VAL C 19 -28.21 -4.03 11.72
CA VAL C 19 -27.69 -5.29 11.16
C VAL C 19 -26.14 -5.26 11.29
N THR C 20 -25.58 -6.06 12.23
CA THR C 20 -24.15 -6.18 12.55
C THR C 20 -23.62 -7.62 12.40
N PHE C 21 -22.29 -7.75 12.36
CA PHE C 21 -21.58 -9.02 12.27
C PHE C 21 -20.62 -9.15 13.44
N GLN C 22 -20.63 -10.30 14.14
CA GLN C 22 -19.71 -10.64 15.24
C GLN C 22 -18.26 -10.61 14.71
N GLN C 23 -17.24 -10.43 15.59
CA GLN C 23 -15.82 -10.37 15.18
C GLN C 23 -15.51 -11.49 14.17
N SER C 24 -15.37 -11.09 12.90
CA SER C 24 -15.11 -12.02 11.81
C SER C 24 -13.61 -12.19 11.59
N SER C 25 -13.16 -13.46 11.67
CA SER C 25 -11.77 -13.87 11.49
C SER C 25 -11.18 -13.29 10.21
N THR C 26 -9.98 -12.70 10.33
CA THR C 26 -9.24 -12.11 9.22
C THR C 26 -8.46 -13.25 8.50
N ALA C 27 -8.43 -14.46 9.13
CA ALA C 27 -7.78 -15.68 8.68
C ALA C 27 -8.26 -16.16 7.30
N LYS C 28 -7.38 -16.85 6.56
CA LYS C 28 -7.70 -17.40 5.24
C LYS C 28 -8.59 -18.66 5.39
N SER C 29 -8.57 -19.30 6.59
CA SER C 29 -9.35 -20.47 6.97
C SER C 29 -10.84 -20.15 7.21
N ALA C 30 -11.17 -18.87 7.52
CA ALA C 30 -12.52 -18.36 7.78
C ALA C 30 -13.48 -18.71 6.65
N THR C 31 -14.66 -19.20 7.02
CA THR C 31 -15.72 -19.61 6.09
C THR C 31 -16.51 -18.40 5.61
N TRP C 32 -16.44 -17.33 6.39
CA TRP C 32 -17.04 -16.02 6.13
C TRP C 32 -16.25 -14.94 6.88
N THR C 33 -16.29 -13.72 6.34
CA THR C 33 -15.68 -12.52 6.91
C THR C 33 -16.47 -11.27 6.42
N TYR C 34 -16.65 -10.29 7.34
CA TYR C 34 -17.28 -9.02 7.04
C TYR C 34 -16.27 -7.91 7.13
N SER C 35 -16.26 -7.06 6.10
CA SER C 35 -15.39 -5.91 5.92
C SER C 35 -16.11 -4.62 6.27
N PRO C 36 -15.94 -4.06 7.50
CA PRO C 36 -16.60 -2.76 7.82
C PRO C 36 -16.13 -1.62 6.90
N LEU C 37 -14.87 -1.69 6.42
CA LEU C 37 -14.30 -0.71 5.50
C LEU C 37 -15.09 -0.68 4.19
N LEU C 38 -15.42 -1.87 3.64
CA LEU C 38 -16.09 -1.92 2.35
C LEU C 38 -17.60 -2.17 2.45
N LYS C 39 -18.15 -2.44 3.69
CA LYS C 39 -19.56 -2.82 3.93
C LYS C 39 -19.84 -4.00 3.00
N LYS C 40 -18.98 -5.02 3.11
CA LYS C 40 -19.00 -6.18 2.23
C LYS C 40 -18.83 -7.46 3.00
N LEU C 41 -19.69 -8.43 2.68
CA LEU C 41 -19.68 -9.77 3.26
C LEU C 41 -19.12 -10.74 2.26
N TYR C 42 -18.16 -11.52 2.73
CA TYR C 42 -17.48 -12.58 2.00
C TYR C 42 -17.86 -13.89 2.63
N CYS C 43 -18.40 -14.80 1.85
CA CYS C 43 -18.89 -16.07 2.37
C CYS C 43 -18.45 -17.21 1.48
N GLN C 44 -18.38 -18.44 2.03
CA GLN C 44 -18.17 -19.66 1.24
C GLN C 44 -19.57 -20.21 0.91
N ILE C 45 -19.71 -20.86 -0.26
CA ILE C 45 -20.97 -21.44 -0.73
C ILE C 45 -21.57 -22.38 0.33
N ALA C 46 -22.87 -22.26 0.56
CA ALA C 46 -23.69 -23.07 1.44
C ALA C 46 -23.20 -23.17 2.91
N LYS C 47 -22.41 -22.20 3.39
CA LYS C 47 -21.93 -22.21 4.78
C LYS C 47 -22.71 -21.25 5.62
N THR C 48 -22.82 -21.52 6.93
CA THR C 48 -23.57 -20.69 7.90
C THR C 48 -22.92 -19.33 8.07
N CYS C 49 -23.76 -18.31 7.93
CA CYS C 49 -23.34 -16.94 8.11
C CYS C 49 -24.26 -16.25 9.11
N PRO C 50 -23.84 -16.13 10.39
CA PRO C 50 -24.71 -15.49 11.39
C PRO C 50 -24.72 -13.96 11.28
N ILE C 51 -25.94 -13.41 11.10
CA ILE C 51 -26.23 -11.98 11.01
C ILE C 51 -27.05 -11.57 12.28
N GLN C 52 -26.71 -10.44 12.92
CA GLN C 52 -27.36 -9.94 14.14
C GLN C 52 -28.32 -8.78 13.87
N ILE C 53 -29.54 -8.90 14.41
CA ILE C 53 -30.58 -7.90 14.28
C ILE C 53 -30.77 -7.23 15.63
N LYS C 54 -30.92 -5.90 15.62
CA LYS C 54 -31.17 -5.14 16.83
C LYS C 54 -32.20 -4.06 16.53
N VAL C 55 -33.11 -3.88 17.49
CA VAL C 55 -34.18 -2.87 17.52
C VAL C 55 -34.19 -2.24 18.94
N SER C 56 -34.57 -0.97 19.04
CA SER C 56 -34.58 -0.27 20.32
C SER C 56 -35.86 -0.60 21.09
N THR C 57 -36.97 -0.69 20.35
CA THR C 57 -38.32 -1.00 20.85
C THR C 57 -38.90 -2.13 20.01
N PRO C 58 -39.78 -2.98 20.59
CA PRO C 58 -40.37 -4.07 19.79
C PRO C 58 -41.23 -3.55 18.65
N PRO C 59 -41.12 -4.13 17.44
CA PRO C 59 -41.98 -3.65 16.34
C PRO C 59 -43.44 -4.18 16.47
N PRO C 60 -44.41 -3.74 15.62
CA PRO C 60 -45.80 -4.21 15.78
C PRO C 60 -46.03 -5.71 15.51
N PRO C 61 -47.18 -6.31 15.90
CA PRO C 61 -47.44 -7.72 15.58
C PRO C 61 -47.49 -7.99 14.06
N GLY C 62 -46.95 -9.12 13.65
CA GLY C 62 -46.91 -9.50 12.24
C GLY C 62 -45.71 -8.95 11.48
N THR C 63 -44.72 -8.42 12.22
CA THR C 63 -43.50 -7.84 11.63
C THR C 63 -42.60 -8.97 11.14
N ALA C 64 -42.04 -8.78 9.95
CA ALA C 64 -41.13 -9.76 9.37
C ALA C 64 -39.77 -9.13 8.97
N ILE C 65 -38.77 -9.99 8.76
CA ILE C 65 -37.43 -9.61 8.32
C ILE C 65 -37.21 -10.29 6.96
N ARG C 66 -37.10 -9.51 5.88
CA ARG C 66 -36.84 -10.06 4.54
C ARG C 66 -35.35 -9.91 4.16
N ALA C 67 -34.80 -10.87 3.38
CA ALA C 67 -33.46 -10.84 2.83
C ALA C 67 -33.58 -11.13 1.37
N MET C 68 -33.24 -10.13 0.54
CA MET C 68 -33.34 -10.22 -0.91
C MET C 68 -32.00 -9.86 -1.58
N PRO C 69 -31.48 -10.71 -2.49
CA PRO C 69 -30.25 -10.31 -3.20
C PRO C 69 -30.61 -9.48 -4.44
N VAL C 70 -29.82 -8.46 -4.77
CA VAL C 70 -30.06 -7.58 -5.93
C VAL C 70 -28.71 -7.34 -6.59
N TYR C 71 -28.64 -7.28 -7.93
CA TYR C 71 -27.38 -6.95 -8.62
C TYR C 71 -27.02 -5.49 -8.31
N LYS C 72 -25.75 -5.24 -7.96
CA LYS C 72 -25.22 -3.93 -7.54
C LYS C 72 -25.12 -2.90 -8.69
N LYS C 73 -24.61 -3.31 -9.86
CA LYS C 73 -24.41 -2.43 -11.00
C LYS C 73 -25.72 -2.14 -11.72
N ALA C 74 -25.90 -0.88 -12.15
CA ALA C 74 -27.09 -0.34 -12.82
C ALA C 74 -27.43 -1.08 -14.11
N GLU C 75 -26.44 -1.59 -14.82
CA GLU C 75 -26.63 -2.30 -16.09
C GLU C 75 -27.13 -3.74 -15.86
N HIS C 76 -27.22 -4.18 -14.59
CA HIS C 76 -27.64 -5.55 -14.22
C HIS C 76 -28.85 -5.60 -13.30
N VAL C 77 -29.20 -4.48 -12.65
CA VAL C 77 -30.20 -4.34 -11.60
C VAL C 77 -31.62 -4.88 -11.96
N THR C 78 -32.05 -4.88 -13.24
CA THR C 78 -33.37 -5.38 -13.62
C THR C 78 -33.42 -6.93 -13.62
N ASP C 79 -32.26 -7.60 -13.68
CA ASP C 79 -32.17 -9.07 -13.66
C ASP C 79 -32.36 -9.56 -12.23
N VAL C 80 -33.23 -10.55 -12.04
CA VAL C 80 -33.53 -11.17 -10.75
C VAL C 80 -32.33 -12.06 -10.37
N VAL C 81 -31.87 -11.95 -9.12
CA VAL C 81 -30.77 -12.76 -8.62
C VAL C 81 -31.35 -14.14 -8.25
N LYS C 82 -30.91 -15.17 -8.97
CA LYS C 82 -31.30 -16.57 -8.78
C LYS C 82 -30.06 -17.44 -8.77
N ARG C 83 -30.24 -18.69 -8.32
CA ARG C 83 -29.22 -19.74 -8.35
C ARG C 83 -28.90 -20.08 -9.85
N CYS C 84 -27.69 -20.58 -10.15
CA CYS C 84 -27.32 -20.95 -11.53
C CYS C 84 -28.02 -22.28 -11.95
N PRO C 85 -28.24 -22.56 -13.27
CA PRO C 85 -28.88 -23.81 -13.66
C PRO C 85 -28.24 -25.07 -13.03
N ASN C 86 -26.91 -25.15 -13.04
CA ASN C 86 -26.15 -26.29 -12.52
C ASN C 86 -26.42 -26.55 -11.05
N HIS C 87 -26.35 -25.54 -10.16
CA HIS C 87 -26.58 -25.76 -8.74
C HIS C 87 -28.06 -26.02 -8.47
N GLU C 88 -28.94 -25.45 -9.32
CA GLU C 88 -30.38 -25.62 -9.20
C GLU C 88 -30.77 -27.10 -9.43
N LEU C 89 -30.29 -27.71 -10.53
CA LEU C 89 -30.54 -29.11 -10.88
C LEU C 89 -29.72 -30.11 -10.02
N GLY C 90 -28.72 -29.60 -9.30
CA GLY C 90 -27.81 -30.38 -8.45
C GLY C 90 -28.42 -30.98 -7.19
N ARG C 91 -28.09 -32.26 -6.90
CA ARG C 91 -28.58 -33.03 -5.75
C ARG C 91 -28.14 -32.40 -4.43
N ASP C 92 -26.85 -32.01 -4.34
CA ASP C 92 -26.24 -31.42 -3.15
C ASP C 92 -26.96 -30.15 -2.69
N PHE C 93 -27.37 -30.16 -1.39
CA PHE C 93 -28.07 -29.10 -0.68
C PHE C 93 -29.48 -28.86 -1.24
N ASN C 94 -30.01 -29.79 -2.05
CA ASN C 94 -31.34 -29.68 -2.61
C ASN C 94 -32.23 -30.87 -2.20
N GLU C 95 -31.61 -31.96 -1.69
CA GLU C 95 -32.26 -33.19 -1.25
C GLU C 95 -32.74 -33.03 0.20
N GLY C 96 -34.07 -33.05 0.39
CA GLY C 96 -34.71 -32.89 1.69
C GLY C 96 -34.58 -31.50 2.29
N GLN C 97 -34.87 -30.46 1.45
CA GLN C 97 -34.80 -29.05 1.82
C GLN C 97 -36.13 -28.33 1.54
N SER C 98 -36.53 -27.43 2.46
CA SER C 98 -37.73 -26.60 2.38
C SER C 98 -37.62 -25.52 1.29
N ALA C 99 -36.39 -25.04 1.02
CA ALA C 99 -36.14 -23.97 0.08
C ALA C 99 -36.25 -24.42 -1.36
N PRO C 100 -36.88 -23.61 -2.25
CA PRO C 100 -36.87 -23.95 -3.67
C PRO C 100 -35.42 -23.97 -4.17
N ALA C 101 -35.10 -24.83 -5.13
CA ALA C 101 -33.75 -25.01 -5.62
C ALA C 101 -33.18 -23.77 -6.36
N SER C 102 -34.04 -22.80 -6.74
CA SER C 102 -33.62 -21.62 -7.49
C SER C 102 -33.24 -20.42 -6.56
N HIS C 103 -33.61 -20.46 -5.27
CA HIS C 103 -33.33 -19.37 -4.34
C HIS C 103 -31.88 -19.34 -3.93
N LEU C 104 -31.26 -18.13 -4.00
CA LEU C 104 -29.86 -17.96 -3.62
C LEU C 104 -29.71 -17.91 -2.09
N ILE C 105 -30.53 -17.11 -1.42
CA ILE C 105 -30.45 -16.98 0.04
C ILE C 105 -31.44 -17.95 0.73
N ARG C 106 -30.91 -18.67 1.72
CA ARG C 106 -31.65 -19.57 2.58
C ARG C 106 -31.48 -19.14 4.03
N VAL C 107 -32.50 -19.44 4.86
CA VAL C 107 -32.41 -19.23 6.30
C VAL C 107 -32.20 -20.62 6.87
N GLU C 108 -31.26 -20.74 7.80
CA GLU C 108 -30.95 -22.02 8.44
C GLU C 108 -31.52 -22.04 9.85
N GLY C 109 -32.20 -23.13 10.22
CA GLY C 109 -32.72 -23.30 11.57
C GLY C 109 -33.88 -22.41 11.97
N ASN C 110 -34.84 -22.25 11.08
CA ASN C 110 -36.09 -21.51 11.34
C ASN C 110 -37.20 -22.15 10.51
N ASN C 111 -38.12 -22.86 11.17
CA ASN C 111 -39.25 -23.57 10.54
C ASN C 111 -40.30 -22.62 9.97
N LEU C 112 -40.27 -21.36 10.44
CA LEU C 112 -41.22 -20.34 10.01
C LEU C 112 -40.74 -19.52 8.79
N SER C 113 -39.57 -19.83 8.21
CA SER C 113 -39.07 -19.09 7.06
C SER C 113 -39.95 -19.30 5.84
N GLN C 114 -40.17 -18.24 5.05
CA GLN C 114 -41.03 -18.28 3.86
C GLN C 114 -40.24 -17.88 2.64
N TYR C 115 -40.28 -18.70 1.59
CA TYR C 115 -39.57 -18.47 0.36
C TYR C 115 -40.54 -17.88 -0.61
N VAL C 116 -40.38 -16.56 -0.83
CA VAL C 116 -41.25 -15.73 -1.65
C VAL C 116 -40.71 -15.63 -3.08
N ASP C 117 -41.61 -15.80 -4.05
CA ASP C 117 -41.46 -15.62 -5.48
C ASP C 117 -42.55 -14.68 -5.87
N ASP C 118 -42.23 -13.38 -6.04
CA ASP C 118 -43.22 -12.38 -6.37
C ASP C 118 -43.82 -12.66 -7.75
N PRO C 119 -45.17 -12.80 -7.87
CA PRO C 119 -45.76 -13.12 -9.19
C PRO C 119 -45.70 -11.96 -10.18
N VAL C 120 -45.51 -10.72 -9.70
CA VAL C 120 -45.43 -9.55 -10.59
C VAL C 120 -43.96 -9.28 -11.05
N THR C 121 -43.05 -9.05 -10.08
CA THR C 121 -41.65 -8.68 -10.31
C THR C 121 -40.72 -9.86 -10.60
N GLY C 122 -41.11 -11.05 -10.11
CA GLY C 122 -40.33 -12.28 -10.24
C GLY C 122 -39.23 -12.38 -9.19
N ARG C 123 -39.16 -11.42 -8.25
CA ARG C 123 -38.11 -11.36 -7.23
C ARG C 123 -38.25 -12.45 -6.19
N GLN C 124 -37.14 -13.12 -5.91
CA GLN C 124 -37.04 -14.16 -4.89
C GLN C 124 -36.34 -13.59 -3.66
N SER C 125 -36.91 -13.92 -2.51
CA SER C 125 -36.43 -13.50 -1.20
C SER C 125 -36.92 -14.52 -0.17
N VAL C 126 -36.42 -14.40 1.06
CA VAL C 126 -36.77 -15.26 2.18
C VAL C 126 -37.16 -14.37 3.36
N VAL C 127 -38.32 -14.65 3.95
CA VAL C 127 -38.88 -13.87 5.05
C VAL C 127 -39.01 -14.75 6.30
N VAL C 128 -38.68 -14.18 7.46
CA VAL C 128 -38.78 -14.83 8.77
C VAL C 128 -39.55 -13.88 9.67
N PRO C 129 -40.49 -14.37 10.53
CA PRO C 129 -41.15 -13.43 11.44
C PRO C 129 -40.15 -12.78 12.40
N TYR C 130 -40.42 -11.53 12.86
CA TYR C 130 -39.53 -10.94 13.83
C TYR C 130 -39.73 -11.66 15.15
N GLU C 131 -38.63 -12.01 15.82
CA GLU C 131 -38.65 -12.62 17.13
C GLU C 131 -37.68 -11.85 18.04
N PRO C 132 -38.11 -11.49 19.27
CA PRO C 132 -37.21 -10.74 20.16
C PRO C 132 -35.94 -11.52 20.55
N PRO C 133 -34.86 -10.86 21.05
CA PRO C 133 -33.70 -11.62 21.53
C PRO C 133 -34.08 -12.52 22.71
N GLN C 134 -33.22 -13.49 23.06
CA GLN C 134 -33.46 -14.34 24.22
C GLN C 134 -33.34 -13.50 25.52
N VAL C 135 -33.87 -14.00 26.64
CA VAL C 135 -33.79 -13.29 27.94
C VAL C 135 -32.32 -12.98 28.27
N GLY C 136 -32.04 -11.69 28.48
CA GLY C 136 -30.69 -11.21 28.77
C GLY C 136 -29.75 -11.18 27.58
N THR C 137 -30.32 -11.08 26.35
CA THR C 137 -29.55 -11.01 25.09
C THR C 137 -29.85 -9.67 24.40
N GLU C 138 -28.87 -9.16 23.64
CA GLU C 138 -28.93 -7.88 22.94
C GLU C 138 -29.51 -8.03 21.52
N PHE C 139 -29.15 -9.13 20.83
CA PHE C 139 -29.50 -9.33 19.43
C PHE C 139 -30.38 -10.56 19.15
N THR C 140 -31.00 -10.55 17.97
CA THR C 140 -31.73 -11.63 17.36
C THR C 140 -30.78 -12.12 16.27
N THR C 141 -30.36 -13.40 16.30
CA THR C 141 -29.47 -13.93 15.28
C THR C 141 -30.27 -14.69 14.23
N ILE C 142 -30.00 -14.38 12.95
CA ILE C 142 -30.55 -15.10 11.81
C ILE C 142 -29.37 -15.75 11.11
N LEU C 143 -29.46 -17.08 10.86
CA LEU C 143 -28.41 -17.83 10.18
C LEU C 143 -28.76 -17.90 8.72
N TYR C 144 -27.88 -17.37 7.87
CA TYR C 144 -28.10 -17.33 6.42
C TYR C 144 -27.11 -18.25 5.71
N ASN C 145 -27.50 -18.74 4.58
CA ASN C 145 -26.66 -19.53 3.73
C ASN C 145 -26.87 -18.98 2.34
N PHE C 146 -25.79 -18.89 1.60
CA PHE C 146 -25.76 -18.37 0.24
C PHE C 146 -25.37 -19.54 -0.64
N MET C 147 -26.26 -19.88 -1.56
CA MET C 147 -26.22 -21.15 -2.27
C MET C 147 -25.42 -21.20 -3.56
N CYS C 148 -24.94 -20.05 -4.02
CA CYS C 148 -24.15 -20.02 -5.24
C CYS C 148 -22.94 -19.11 -5.13
N ASN C 149 -21.85 -19.48 -5.80
CA ASN C 149 -20.69 -18.62 -5.91
C ASN C 149 -21.00 -17.43 -6.82
N SER C 150 -20.43 -16.28 -6.50
CA SER C 150 -20.60 -15.07 -7.34
C SER C 150 -20.14 -15.30 -8.77
N SER C 151 -19.22 -16.26 -8.99
CA SER C 151 -18.66 -16.58 -10.31
C SER C 151 -19.48 -17.59 -11.14
N CYS C 152 -20.52 -18.24 -10.54
CA CYS C 152 -21.33 -19.26 -11.21
C CYS C 152 -21.83 -18.79 -12.55
N VAL C 153 -21.37 -19.44 -13.63
CA VAL C 153 -21.81 -19.12 -14.99
C VAL C 153 -23.27 -19.54 -15.13
N GLY C 154 -24.10 -18.61 -15.56
CA GLY C 154 -25.54 -18.84 -15.70
C GLY C 154 -26.32 -18.25 -14.54
N GLY C 155 -25.65 -18.04 -13.41
CA GLY C 155 -26.23 -17.43 -12.22
C GLY C 155 -25.72 -16.02 -12.07
N MET C 156 -25.05 -15.73 -10.94
CA MET C 156 -24.50 -14.40 -10.68
C MET C 156 -23.50 -14.04 -11.81
N ASN C 157 -22.78 -15.05 -12.38
CA ASN C 157 -21.90 -14.92 -13.54
C ASN C 157 -20.89 -13.78 -13.37
N ARG C 158 -20.21 -13.75 -12.20
CA ARG C 158 -19.17 -12.83 -11.77
C ARG C 158 -19.70 -11.44 -11.39
N ARG C 159 -21.01 -11.21 -11.53
CA ARG C 159 -21.62 -9.91 -11.22
C ARG C 159 -21.76 -9.70 -9.72
N PRO C 160 -21.36 -8.49 -9.20
CA PRO C 160 -21.52 -8.24 -7.75
C PRO C 160 -22.98 -8.06 -7.37
N ILE C 161 -23.31 -8.29 -6.07
CA ILE C 161 -24.67 -8.15 -5.56
C ILE C 161 -24.71 -7.39 -4.23
N LEU C 162 -25.90 -6.84 -3.94
CA LEU C 162 -26.26 -6.27 -2.65
C LEU C 162 -27.22 -7.23 -1.97
N ILE C 163 -27.07 -7.39 -0.66
CA ILE C 163 -28.00 -8.14 0.17
C ILE C 163 -28.78 -7.07 0.94
N ILE C 164 -30.11 -7.04 0.76
CA ILE C 164 -31.00 -6.06 1.38
C ILE C 164 -31.79 -6.72 2.53
N ILE C 165 -31.60 -6.24 3.75
CA ILE C 165 -32.33 -6.77 4.90
C ILE C 165 -33.36 -5.69 5.30
N THR C 166 -34.66 -5.91 4.99
CA THR C 166 -35.71 -4.96 5.31
C THR C 166 -36.50 -5.48 6.50
N LEU C 167 -36.78 -4.61 7.50
CA LEU C 167 -37.72 -4.87 8.61
C LEU C 167 -39.09 -4.42 8.08
N GLU C 168 -40.09 -5.34 7.89
CA GLU C 168 -41.35 -4.92 7.30
C GLU C 168 -42.58 -5.21 8.15
N MET C 169 -43.66 -4.45 7.90
CA MET C 169 -45.00 -4.69 8.45
C MET C 169 -45.59 -5.86 7.65
N ARG C 170 -46.70 -6.48 8.13
CA ARG C 170 -47.38 -7.59 7.45
C ARG C 170 -47.80 -7.21 6.01
N ASP C 171 -48.16 -5.92 5.79
CA ASP C 171 -48.59 -5.36 4.49
C ASP C 171 -47.42 -4.99 3.55
N GLY C 172 -46.18 -5.10 4.02
CA GLY C 172 -45.00 -4.74 3.21
C GLY C 172 -44.41 -3.35 3.47
N GLN C 173 -45.06 -2.54 4.32
CA GLN C 173 -44.56 -1.21 4.67
C GLN C 173 -43.26 -1.36 5.47
N VAL C 174 -42.29 -0.50 5.17
CA VAL C 174 -40.91 -0.54 5.68
C VAL C 174 -40.80 0.21 7.03
N LEU C 175 -40.16 -0.46 7.99
CA LEU C 175 -39.90 -0.02 9.35
C LEU C 175 -38.40 0.16 9.61
N GLY C 176 -37.60 -0.37 8.70
CA GLY C 176 -36.15 -0.36 8.75
C GLY C 176 -35.57 -1.06 7.52
N ARG C 177 -34.34 -0.72 7.17
CA ARG C 177 -33.62 -1.25 6.01
C ARG C 177 -32.14 -1.07 6.22
N ARG C 178 -31.35 -2.13 5.90
CA ARG C 178 -29.89 -2.17 5.93
C ARG C 178 -29.46 -3.02 4.79
N SER C 179 -28.51 -2.54 3.99
CA SER C 179 -27.98 -3.30 2.88
C SER C 179 -26.41 -3.32 2.92
N PHE C 180 -25.82 -4.30 2.24
CA PHE C 180 -24.36 -4.47 2.17
C PHE C 180 -24.03 -5.28 0.96
N GLU C 181 -22.79 -5.23 0.50
CA GLU C 181 -22.41 -6.02 -0.65
C GLU C 181 -22.15 -7.47 -0.22
N GLY C 182 -22.46 -8.40 -1.11
CA GLY C 182 -22.16 -9.79 -0.87
C GLY C 182 -21.29 -10.41 -1.95
N ARG C 183 -20.23 -11.07 -1.53
CA ARG C 183 -19.44 -11.89 -2.44
C ARG C 183 -19.45 -13.33 -1.95
N ILE C 184 -19.79 -14.25 -2.83
CA ILE C 184 -19.70 -15.66 -2.49
C ILE C 184 -18.49 -16.20 -3.22
N CYS C 185 -17.51 -16.69 -2.47
CA CYS C 185 -16.25 -17.13 -3.04
C CYS C 185 -15.59 -18.28 -2.24
N ALA C 186 -14.54 -18.90 -2.82
CA ALA C 186 -13.75 -19.97 -2.26
C ALA C 186 -12.90 -19.55 -1.09
N CYS C 187 -12.31 -18.34 -1.14
CA CYS C 187 -11.42 -17.87 -0.08
C CYS C 187 -11.84 -16.48 0.46
N PRO C 188 -12.81 -16.40 1.42
CA PRO C 188 -13.26 -15.10 1.95
C PRO C 188 -12.15 -14.19 2.50
N GLY C 189 -11.28 -14.74 3.35
CA GLY C 189 -10.20 -14.03 4.02
C GLY C 189 -9.16 -13.42 3.08
N ARG C 190 -8.79 -14.14 2.02
CA ARG C 190 -7.83 -13.69 1.02
C ARG C 190 -8.45 -12.58 0.19
N ASP C 191 -9.70 -12.79 -0.29
CA ASP C 191 -10.46 -11.84 -1.10
C ASP C 191 -10.72 -10.53 -0.36
N ARG C 192 -10.99 -10.59 0.96
CA ARG C 192 -11.20 -9.38 1.75
C ARG C 192 -9.92 -8.55 1.77
N LYS C 193 -8.78 -9.15 2.20
CA LYS C 193 -7.45 -8.51 2.29
C LYS C 193 -7.09 -7.83 0.96
N ALA C 194 -7.17 -8.55 -0.17
CA ALA C 194 -6.88 -8.03 -1.50
C ALA C 194 -7.72 -6.78 -1.84
N ASP C 195 -9.05 -6.84 -1.57
CA ASP C 195 -10.01 -5.78 -1.87
C ASP C 195 -9.79 -4.57 -1.01
N GLU C 196 -9.57 -4.78 0.31
CA GLU C 196 -9.29 -3.71 1.28
C GLU C 196 -7.98 -2.98 0.90
N ASP C 197 -6.92 -3.73 0.49
CA ASP C 197 -5.64 -3.16 0.08
C ASP C 197 -5.80 -2.30 -1.16
N HIS C 198 -6.59 -2.77 -2.14
CA HIS C 198 -6.82 -2.04 -3.39
C HIS C 198 -7.64 -0.78 -3.16
N TYR C 199 -8.58 -0.82 -2.21
CA TYR C 199 -9.45 0.29 -1.84
C TYR C 199 -8.65 1.39 -1.15
N ARG C 200 -7.80 1.03 -0.15
CA ARG C 200 -6.96 1.96 0.59
C ARG C 200 -5.99 2.69 -0.33
N GLU C 201 -5.46 2.00 -1.36
CA GLU C 201 -4.55 2.59 -2.33
C GLU C 201 -5.29 3.56 -3.26
N ALA C 202 -6.38 3.10 -3.88
CA ALA C 202 -7.17 3.89 -4.84
C ALA C 202 -7.81 5.13 -4.21
N GLU C 203 -8.16 5.05 -2.93
CA GLU C 203 -8.89 6.11 -2.22
C GLU C 203 -8.00 6.93 -1.28
N ASN C 204 -6.67 6.70 -1.34
CA ASN C 204 -5.66 7.43 -0.58
C ASN C 204 -5.94 7.40 0.91
N LEU C 205 -6.29 6.21 1.41
CA LEU C 205 -6.63 6.08 2.82
C LEU C 205 -5.36 5.89 3.64
N TYR C 206 -5.22 6.67 4.72
CA TYR C 206 -4.08 6.58 5.61
C TYR C 206 -4.13 5.26 6.34
N PHE C 207 -3.04 4.48 6.24
CA PHE C 207 -2.94 3.17 6.89
C PHE C 207 -1.51 2.95 7.37
N GLN C 208 -1.37 2.47 8.64
CA GLN C 208 -0.12 2.16 9.37
C GLN C 208 0.85 3.35 9.35
N ASN D 36 -42.92 -42.73 -35.33
CA ASN D 36 -41.84 -41.78 -35.16
C ASN D 36 -40.53 -42.32 -35.77
N PRO D 37 -39.98 -41.68 -36.86
CA PRO D 37 -38.71 -42.17 -37.44
C PRO D 37 -37.53 -42.03 -36.45
N LEU D 38 -37.59 -41.05 -35.52
CA LEU D 38 -36.59 -40.79 -34.48
C LEU D 38 -36.51 -41.96 -33.50
N ALA D 39 -37.69 -42.49 -33.08
CA ALA D 39 -37.82 -43.63 -32.19
C ALA D 39 -37.14 -44.88 -32.78
N LEU D 40 -37.15 -44.99 -34.13
CA LEU D 40 -36.50 -46.09 -34.85
C LEU D 40 -35.00 -45.89 -34.81
N LEU D 41 -34.50 -44.64 -35.02
CA LEU D 41 -33.09 -44.24 -34.98
C LEU D 41 -32.47 -44.49 -33.59
N LEU D 42 -33.26 -44.25 -32.52
CA LEU D 42 -32.86 -44.47 -31.13
C LEU D 42 -32.67 -45.96 -30.84
N ASP D 43 -33.68 -46.79 -31.18
CA ASP D 43 -33.64 -48.25 -30.97
C ASP D 43 -32.62 -48.94 -31.88
N SER D 44 -32.47 -48.45 -33.14
CA SER D 44 -31.53 -48.95 -34.14
C SER D 44 -30.08 -48.81 -33.69
N SER D 45 -29.72 -47.60 -33.17
CA SER D 45 -28.37 -47.27 -32.68
C SER D 45 -28.03 -48.09 -31.43
N LEU D 46 -29.01 -48.27 -30.52
CA LEU D 46 -28.86 -49.08 -29.31
C LEU D 46 -28.60 -50.57 -29.65
N GLU D 47 -29.26 -51.08 -30.72
CA GLU D 47 -29.16 -52.49 -31.15
C GLU D 47 -27.87 -52.79 -31.95
N GLY D 48 -27.35 -51.81 -32.69
CA GLY D 48 -26.14 -51.97 -33.48
C GLY D 48 -26.38 -52.19 -34.96
N GLU D 49 -27.57 -51.78 -35.43
CA GLU D 49 -28.02 -51.91 -36.81
C GLU D 49 -27.51 -50.72 -37.65
N PHE D 50 -26.17 -50.69 -37.90
CA PHE D 50 -25.46 -49.64 -38.65
C PHE D 50 -26.08 -49.41 -40.04
N ASP D 51 -26.63 -50.48 -40.65
CA ASP D 51 -27.29 -50.45 -41.95
C ASP D 51 -28.65 -49.75 -41.83
N LEU D 52 -29.46 -50.12 -40.81
CA LEU D 52 -30.78 -49.52 -40.53
C LEU D 52 -30.65 -48.04 -40.14
N VAL D 53 -29.59 -47.67 -39.35
CA VAL D 53 -29.29 -46.29 -38.92
C VAL D 53 -28.99 -45.40 -40.16
N GLN D 54 -28.04 -45.83 -41.02
CA GLN D 54 -27.61 -45.10 -42.24
C GLN D 54 -28.77 -44.75 -43.19
N ARG D 55 -29.90 -45.48 -43.11
CA ARG D 55 -31.10 -45.25 -43.92
C ARG D 55 -32.08 -44.29 -43.21
N ILE D 56 -32.52 -44.65 -41.97
CA ILE D 56 -33.49 -43.90 -41.16
C ILE D 56 -32.99 -42.46 -40.77
N ILE D 57 -31.66 -42.20 -40.86
CA ILE D 57 -31.04 -40.91 -40.54
C ILE D 57 -31.58 -39.77 -41.41
N TYR D 58 -31.91 -40.06 -42.68
CA TYR D 58 -32.42 -39.07 -43.62
C TYR D 58 -33.94 -38.85 -43.50
N GLU D 59 -34.65 -39.78 -42.82
CA GLU D 59 -36.10 -39.73 -42.58
C GLU D 59 -36.45 -38.91 -41.33
N VAL D 60 -35.46 -38.63 -40.46
CA VAL D 60 -35.67 -37.89 -39.21
C VAL D 60 -35.42 -36.38 -39.46
N ASP D 61 -36.30 -35.54 -38.88
CA ASP D 61 -36.24 -34.08 -38.97
C ASP D 61 -34.95 -33.54 -38.33
N ASP D 62 -34.63 -34.01 -37.10
CA ASP D 62 -33.43 -33.65 -36.34
C ASP D 62 -32.86 -34.90 -35.63
N PRO D 63 -31.68 -35.42 -36.09
CA PRO D 63 -31.12 -36.62 -35.45
C PRO D 63 -30.51 -36.36 -34.06
N SER D 64 -30.35 -35.08 -33.69
CA SER D 64 -29.78 -34.65 -32.41
C SER D 64 -30.88 -34.49 -31.34
N LEU D 65 -32.15 -34.70 -31.73
CA LEU D 65 -33.32 -34.59 -30.86
C LEU D 65 -33.44 -35.81 -29.92
N PRO D 66 -33.78 -35.60 -28.64
CA PRO D 66 -33.80 -36.74 -27.69
C PRO D 66 -35.17 -37.35 -27.42
N ASN D 67 -35.17 -38.47 -26.67
CA ASN D 67 -36.39 -39.12 -26.22
C ASN D 67 -36.87 -38.40 -24.94
N ASP D 68 -37.84 -38.99 -24.21
CA ASP D 68 -38.42 -38.42 -22.98
C ASP D 68 -37.41 -38.36 -21.81
N GLU D 69 -36.36 -39.19 -21.82
CA GLU D 69 -35.35 -39.23 -20.75
C GLU D 69 -34.07 -38.41 -21.12
N GLY D 70 -34.13 -37.66 -22.23
CA GLY D 70 -33.03 -36.81 -22.70
C GLY D 70 -31.96 -37.51 -23.52
N ILE D 71 -32.08 -38.83 -23.71
CA ILE D 71 -31.14 -39.68 -24.45
C ILE D 71 -31.31 -39.51 -25.98
N THR D 72 -30.20 -39.26 -26.68
CA THR D 72 -30.19 -39.10 -28.14
C THR D 72 -29.67 -40.40 -28.75
N ALA D 73 -29.44 -40.43 -30.07
CA ALA D 73 -28.96 -41.60 -30.80
C ALA D 73 -27.49 -41.87 -30.49
N LEU D 74 -26.73 -40.78 -30.22
CA LEU D 74 -25.30 -40.83 -29.89
C LEU D 74 -25.12 -41.46 -28.52
N HIS D 75 -25.99 -41.12 -27.55
CA HIS D 75 -26.00 -41.67 -26.19
C HIS D 75 -26.12 -43.20 -26.21
N ASN D 76 -27.12 -43.73 -26.96
CA ASN D 76 -27.38 -45.16 -27.12
C ASN D 76 -26.20 -45.86 -27.83
N ALA D 77 -25.68 -45.27 -28.96
CA ALA D 77 -24.55 -45.80 -29.73
C ALA D 77 -23.25 -45.89 -28.92
N VAL D 78 -23.04 -44.93 -28.00
CA VAL D 78 -21.86 -44.88 -27.14
C VAL D 78 -22.04 -45.89 -25.98
N CYS D 79 -23.18 -45.86 -25.25
CA CYS D 79 -23.46 -46.75 -24.11
C CYS D 79 -23.42 -48.23 -24.49
N ALA D 80 -23.96 -48.59 -25.66
CA ALA D 80 -24.02 -49.97 -26.16
C ALA D 80 -22.68 -50.38 -26.85
N GLY D 81 -21.79 -49.42 -27.06
CA GLY D 81 -20.46 -49.63 -27.62
C GLY D 81 -20.35 -49.91 -29.09
N HIS D 82 -21.21 -49.30 -29.91
CA HIS D 82 -21.19 -49.49 -31.36
C HIS D 82 -20.39 -48.33 -32.01
N THR D 83 -19.06 -48.46 -31.96
CA THR D 83 -18.06 -47.49 -32.43
C THR D 83 -18.32 -47.00 -33.87
N GLU D 84 -18.75 -47.90 -34.78
CA GLU D 84 -19.04 -47.62 -36.18
C GLU D 84 -20.18 -46.60 -36.30
N ILE D 85 -21.24 -46.77 -35.49
CA ILE D 85 -22.41 -45.87 -35.43
C ILE D 85 -21.98 -44.51 -34.82
N VAL D 86 -21.13 -44.55 -33.75
CA VAL D 86 -20.57 -43.38 -33.05
C VAL D 86 -19.82 -42.50 -34.07
N LYS D 87 -18.86 -43.08 -34.82
CA LYS D 87 -18.07 -42.37 -35.84
C LYS D 87 -18.98 -41.78 -36.93
N PHE D 88 -20.04 -42.55 -37.33
CA PHE D 88 -21.00 -42.13 -38.35
C PHE D 88 -21.82 -40.93 -37.87
N LEU D 89 -22.52 -41.07 -36.73
CA LEU D 89 -23.37 -40.03 -36.15
C LEU D 89 -22.60 -38.72 -35.91
N VAL D 90 -21.38 -38.81 -35.36
CA VAL D 90 -20.53 -37.65 -35.06
C VAL D 90 -20.11 -36.95 -36.37
N GLN D 91 -19.64 -37.74 -37.38
CA GLN D 91 -19.21 -37.19 -38.67
C GLN D 91 -20.40 -36.62 -39.48
N PHE D 92 -21.63 -37.12 -39.20
CA PHE D 92 -22.87 -36.64 -39.82
C PHE D 92 -23.23 -35.21 -39.35
N GLY D 93 -22.78 -34.82 -38.15
CA GLY D 93 -22.99 -33.51 -37.57
C GLY D 93 -23.95 -33.47 -36.39
N VAL D 94 -24.22 -34.65 -35.79
CA VAL D 94 -25.10 -34.80 -34.62
C VAL D 94 -24.43 -34.08 -33.42
N ASN D 95 -25.26 -33.47 -32.52
CA ASN D 95 -24.80 -32.75 -31.33
C ASN D 95 -23.97 -33.68 -30.45
N VAL D 96 -22.65 -33.42 -30.40
CA VAL D 96 -21.66 -34.23 -29.66
C VAL D 96 -21.76 -33.96 -28.14
N ASN D 97 -22.42 -32.86 -27.72
CA ASN D 97 -22.52 -32.44 -26.31
C ASN D 97 -23.95 -32.45 -25.76
N ALA D 98 -24.90 -33.11 -26.45
CA ALA D 98 -26.29 -33.21 -26.01
C ALA D 98 -26.34 -33.84 -24.64
N ALA D 99 -27.02 -33.17 -23.70
CA ALA D 99 -27.15 -33.63 -22.31
C ALA D 99 -28.48 -34.33 -22.02
N ASP D 100 -28.40 -35.45 -21.25
CA ASP D 100 -29.52 -36.26 -20.78
C ASP D 100 -30.26 -35.53 -19.66
N SER D 101 -31.33 -36.14 -19.11
CA SER D 101 -32.11 -35.60 -17.99
C SER D 101 -31.26 -35.39 -16.72
N ASP D 102 -30.12 -36.11 -16.62
CA ASP D 102 -29.19 -36.04 -15.49
C ASP D 102 -27.88 -35.31 -15.85
N GLY D 103 -27.80 -34.80 -17.09
CA GLY D 103 -26.68 -34.00 -17.57
C GLY D 103 -25.58 -34.73 -18.29
N TRP D 104 -25.76 -36.04 -18.49
CA TRP D 104 -24.84 -36.93 -19.18
C TRP D 104 -24.74 -36.62 -20.65
N THR D 105 -23.53 -36.40 -21.12
CA THR D 105 -23.22 -36.14 -22.52
C THR D 105 -22.59 -37.44 -23.09
N PRO D 106 -22.46 -37.63 -24.42
CA PRO D 106 -21.81 -38.85 -24.92
C PRO D 106 -20.41 -39.08 -24.32
N LEU D 107 -19.64 -37.98 -24.03
CA LEU D 107 -18.31 -38.08 -23.41
C LEU D 107 -18.40 -38.70 -22.00
N HIS D 108 -19.44 -38.35 -21.22
CA HIS D 108 -19.67 -38.98 -19.91
C HIS D 108 -19.91 -40.47 -20.07
N CYS D 109 -20.70 -40.83 -21.11
CA CYS D 109 -21.07 -42.22 -21.41
C CYS D 109 -19.86 -43.03 -21.86
N ALA D 110 -19.01 -42.47 -22.75
CA ALA D 110 -17.79 -43.13 -23.24
C ALA D 110 -16.83 -43.36 -22.07
N ALA D 111 -16.68 -42.36 -21.17
CA ALA D 111 -15.85 -42.42 -19.99
C ALA D 111 -16.32 -43.51 -19.04
N SER D 112 -17.64 -43.60 -18.76
CA SER D 112 -18.21 -44.64 -17.86
C SER D 112 -17.91 -46.07 -18.37
N CYS D 113 -17.63 -46.23 -19.67
CA CYS D 113 -17.30 -47.49 -20.32
C CYS D 113 -15.79 -47.72 -20.33
N ASN D 114 -15.00 -46.70 -19.90
CA ASN D 114 -13.55 -46.67 -19.86
C ASN D 114 -12.99 -46.83 -21.29
N ASN D 115 -13.70 -46.27 -22.28
CA ASN D 115 -13.36 -46.35 -23.69
C ASN D 115 -12.54 -45.16 -24.10
N VAL D 116 -11.21 -45.26 -23.91
CA VAL D 116 -10.21 -44.23 -24.18
C VAL D 116 -10.18 -43.83 -25.70
N GLN D 117 -10.52 -44.78 -26.61
CA GLN D 117 -10.52 -44.57 -28.07
C GLN D 117 -11.71 -43.67 -28.49
N VAL D 118 -12.92 -43.94 -27.95
CA VAL D 118 -14.13 -43.14 -28.23
C VAL D 118 -13.96 -41.75 -27.59
N CYS D 119 -13.46 -41.67 -26.33
CA CYS D 119 -13.18 -40.41 -25.61
C CYS D 119 -12.28 -39.52 -26.44
N LYS D 120 -11.15 -40.06 -26.95
CA LYS D 120 -10.19 -39.35 -27.78
C LYS D 120 -10.86 -38.82 -29.04
N PHE D 121 -11.68 -39.65 -29.70
CA PHE D 121 -12.41 -39.30 -30.93
C PHE D 121 -13.40 -38.17 -30.64
N LEU D 122 -14.25 -38.31 -29.59
CA LEU D 122 -15.24 -37.30 -29.21
C LEU D 122 -14.58 -35.97 -28.86
N VAL D 123 -13.44 -35.98 -28.13
CA VAL D 123 -12.66 -34.78 -27.76
C VAL D 123 -12.21 -34.06 -29.03
N GLU D 124 -11.74 -34.84 -30.02
CA GLU D 124 -11.27 -34.34 -31.32
C GLU D 124 -12.42 -33.84 -32.20
N SER D 125 -13.66 -34.18 -31.82
CA SER D 125 -14.89 -33.84 -32.52
C SER D 125 -15.71 -32.75 -31.77
N GLY D 126 -15.04 -31.98 -30.91
CA GLY D 126 -15.64 -30.88 -30.15
C GLY D 126 -16.40 -31.21 -28.89
N ALA D 127 -16.00 -32.28 -28.17
CA ALA D 127 -16.68 -32.62 -26.92
C ALA D 127 -16.35 -31.62 -25.81
N ALA D 128 -17.34 -31.30 -24.98
CA ALA D 128 -17.17 -30.37 -23.86
C ALA D 128 -16.55 -31.11 -22.71
N VAL D 129 -15.23 -30.91 -22.55
CA VAL D 129 -14.36 -31.56 -21.57
C VAL D 129 -14.88 -31.31 -20.14
N PHE D 130 -15.26 -30.05 -19.84
CA PHE D 130 -15.68 -29.63 -18.50
C PHE D 130 -17.18 -29.63 -18.28
N ALA D 131 -17.98 -30.22 -19.19
CA ALA D 131 -19.43 -30.37 -19.01
C ALA D 131 -19.69 -31.26 -17.81
N MET D 132 -20.59 -30.81 -16.93
CA MET D 132 -20.92 -31.52 -15.69
C MET D 132 -22.31 -32.10 -15.67
N THR D 133 -22.46 -33.24 -14.95
CA THR D 133 -23.76 -33.88 -14.76
C THR D 133 -24.58 -32.97 -13.83
N TYR D 134 -25.91 -33.16 -13.81
CA TYR D 134 -26.79 -32.31 -13.01
C TYR D 134 -26.75 -32.71 -11.55
N SER D 135 -27.14 -33.97 -11.21
CA SER D 135 -27.23 -34.54 -9.85
C SER D 135 -25.93 -34.24 -9.06
N ASP D 136 -24.82 -34.87 -9.46
CA ASP D 136 -23.46 -34.64 -8.95
C ASP D 136 -22.80 -33.78 -10.01
N MET D 137 -22.02 -32.80 -9.62
CA MET D 137 -21.45 -31.93 -10.67
C MET D 137 -20.13 -32.49 -11.19
N GLN D 138 -20.22 -33.69 -11.76
CA GLN D 138 -19.11 -34.46 -12.24
C GLN D 138 -18.87 -34.32 -13.74
N THR D 139 -17.59 -34.19 -14.13
CA THR D 139 -17.12 -34.13 -15.51
C THR D 139 -17.02 -35.56 -16.03
N ALA D 140 -16.74 -35.76 -17.34
CA ALA D 140 -16.60 -37.08 -17.95
C ALA D 140 -15.52 -37.91 -17.26
N ALA D 141 -14.33 -37.32 -16.99
CA ALA D 141 -13.18 -37.99 -16.33
C ALA D 141 -13.57 -38.59 -14.99
N ASP D 142 -14.52 -37.93 -14.28
CA ASP D 142 -15.03 -38.38 -12.99
C ASP D 142 -15.92 -39.62 -13.12
N LYS D 143 -16.44 -39.92 -14.32
CA LYS D 143 -17.36 -41.02 -14.58
C LYS D 143 -16.68 -42.37 -14.88
N CYS D 144 -15.34 -42.39 -15.11
CA CYS D 144 -14.57 -43.61 -15.35
C CYS D 144 -14.75 -44.57 -14.19
N GLU D 145 -14.87 -45.87 -14.49
CA GLU D 145 -15.17 -46.90 -13.50
C GLU D 145 -13.91 -47.64 -13.13
N GLU D 146 -13.55 -47.50 -11.84
CA GLU D 146 -12.36 -48.06 -11.21
C GLU D 146 -12.33 -49.61 -11.29
N MET D 147 -13.50 -50.28 -11.12
CA MET D 147 -13.60 -51.74 -11.15
C MET D 147 -13.67 -52.33 -12.59
N GLU D 148 -13.83 -51.48 -13.63
CA GLU D 148 -13.87 -51.92 -15.02
C GLU D 148 -12.49 -51.83 -15.62
N GLU D 149 -12.26 -52.58 -16.70
CA GLU D 149 -10.99 -52.62 -17.42
C GLU D 149 -10.76 -51.32 -18.19
N GLY D 150 -9.50 -50.92 -18.31
CA GLY D 150 -9.10 -49.71 -19.04
C GLY D 150 -9.28 -48.40 -18.29
N TYR D 151 -9.47 -48.47 -16.95
CA TYR D 151 -9.66 -47.32 -16.07
C TYR D 151 -8.50 -46.33 -16.11
N THR D 152 -7.29 -46.80 -15.73
CA THR D 152 -6.06 -46.03 -15.64
C THR D 152 -5.81 -45.29 -16.95
N GLN D 153 -5.85 -45.97 -18.09
CA GLN D 153 -5.62 -45.35 -19.39
C GLN D 153 -6.71 -44.31 -19.77
N CYS D 154 -8.00 -44.59 -19.46
CA CYS D 154 -9.08 -43.67 -19.82
C CYS D 154 -9.11 -42.45 -18.92
N SER D 155 -9.07 -42.64 -17.58
CA SER D 155 -9.13 -41.56 -16.60
C SER D 155 -7.90 -40.67 -16.72
N GLN D 156 -6.71 -41.25 -16.93
CA GLN D 156 -5.47 -40.49 -17.07
C GLN D 156 -5.47 -39.65 -18.34
N PHE D 157 -6.16 -40.13 -19.38
CA PHE D 157 -6.29 -39.39 -20.64
C PHE D 157 -7.19 -38.19 -20.42
N LEU D 158 -8.39 -38.42 -19.84
CA LEU D 158 -9.38 -37.36 -19.62
C LEU D 158 -8.93 -36.34 -18.58
N TYR D 159 -8.34 -36.77 -17.45
CA TYR D 159 -7.82 -35.81 -16.47
C TYR D 159 -6.63 -35.04 -17.04
N GLY D 160 -5.90 -35.66 -17.96
CA GLY D 160 -4.78 -35.06 -18.68
C GLY D 160 -5.23 -33.87 -19.50
N VAL D 161 -6.32 -34.05 -20.29
CA VAL D 161 -6.94 -33.01 -21.14
C VAL D 161 -7.45 -31.89 -20.24
N GLN D 162 -8.08 -32.22 -19.11
CA GLN D 162 -8.58 -31.25 -18.15
C GLN D 162 -7.45 -30.39 -17.56
N GLU D 163 -6.27 -31.00 -17.33
CA GLU D 163 -5.07 -30.36 -16.76
C GLU D 163 -4.23 -29.61 -17.81
N LYS D 164 -4.11 -30.17 -19.05
CA LYS D 164 -3.29 -29.59 -20.11
C LYS D 164 -4.06 -28.64 -21.06
N MET D 165 -5.41 -28.65 -21.04
CA MET D 165 -6.24 -27.78 -21.89
C MET D 165 -5.89 -26.34 -21.64
N GLY D 166 -5.64 -25.60 -22.71
CA GLY D 166 -5.29 -24.19 -22.61
C GLY D 166 -3.82 -23.94 -22.33
N ILE D 167 -3.01 -25.01 -22.27
CA ILE D 167 -1.55 -24.99 -22.05
C ILE D 167 -0.92 -25.69 -23.26
N MET D 168 -1.34 -26.94 -23.54
CA MET D 168 -0.92 -27.71 -24.71
C MET D 168 -1.47 -27.06 -25.99
N ASN D 169 -0.96 -27.48 -27.16
CA ASN D 169 -1.32 -26.96 -28.49
C ASN D 169 -1.22 -25.40 -28.54
N LYS D 170 -0.19 -24.86 -27.85
CA LYS D 170 0.13 -23.43 -27.74
C LYS D 170 -1.07 -22.62 -27.17
N GLY D 171 -1.78 -23.23 -26.21
CA GLY D 171 -2.93 -22.67 -25.52
C GLY D 171 -4.18 -22.47 -26.37
N VAL D 172 -4.21 -23.09 -27.55
CA VAL D 172 -5.31 -22.95 -28.50
C VAL D 172 -6.47 -23.88 -28.10
N ILE D 173 -7.65 -23.28 -27.94
CA ILE D 173 -8.92 -23.93 -27.62
C ILE D 173 -9.99 -23.35 -28.55
N TYR D 174 -11.20 -23.93 -28.52
CA TYR D 174 -12.32 -23.52 -29.36
C TYR D 174 -13.58 -23.34 -28.53
N ALA D 175 -14.42 -22.36 -28.90
CA ALA D 175 -15.71 -22.16 -28.26
C ALA D 175 -16.69 -23.18 -28.81
N LEU D 176 -17.40 -23.89 -27.93
CA LEU D 176 -18.37 -24.92 -28.34
C LEU D 176 -19.82 -24.41 -28.21
N TRP D 177 -19.97 -23.16 -27.75
CA TRP D 177 -21.24 -22.45 -27.59
C TRP D 177 -21.02 -20.96 -27.73
N ASP D 178 -22.09 -20.22 -28.07
CA ASP D 178 -22.04 -18.76 -28.07
C ASP D 178 -22.01 -18.30 -26.62
N TYR D 179 -21.36 -17.17 -26.34
CA TYR D 179 -21.32 -16.62 -25.01
C TYR D 179 -21.47 -15.10 -25.08
N GLU D 180 -22.52 -14.57 -24.41
CA GLU D 180 -22.78 -13.13 -24.33
C GLU D 180 -22.23 -12.62 -23.00
N PRO D 181 -21.19 -11.75 -23.01
CA PRO D 181 -20.59 -11.27 -21.73
C PRO D 181 -21.56 -10.56 -20.79
N GLN D 182 -21.35 -10.72 -19.48
CA GLN D 182 -22.15 -10.10 -18.42
C GLN D 182 -21.35 -9.01 -17.72
N ASN D 183 -20.02 -9.01 -17.91
CA ASN D 183 -19.09 -8.05 -17.32
C ASN D 183 -18.11 -7.57 -18.36
N ASP D 184 -17.53 -6.38 -18.14
CA ASP D 184 -16.57 -5.67 -19.01
C ASP D 184 -15.31 -6.49 -19.35
N ASP D 185 -14.78 -7.28 -18.39
CA ASP D 185 -13.57 -8.11 -18.58
C ASP D 185 -13.88 -9.51 -19.15
N GLU D 186 -14.99 -9.66 -19.89
CA GLU D 186 -15.36 -10.95 -20.47
C GLU D 186 -15.43 -10.89 -21.98
N LEU D 187 -14.92 -11.93 -22.66
CA LEU D 187 -14.89 -11.99 -24.12
C LEU D 187 -16.15 -12.60 -24.69
N PRO D 188 -16.75 -11.97 -25.73
CA PRO D 188 -17.89 -12.61 -26.40
C PRO D 188 -17.38 -13.77 -27.23
N MET D 189 -18.18 -14.82 -27.35
CA MET D 189 -17.79 -15.98 -28.12
C MET D 189 -18.89 -16.39 -29.07
N LYS D 190 -18.49 -17.04 -30.16
CA LYS D 190 -19.38 -17.62 -31.15
C LYS D 190 -18.92 -19.05 -31.34
N GLU D 191 -19.85 -20.02 -31.42
CA GLU D 191 -19.51 -21.43 -31.63
C GLU D 191 -18.48 -21.58 -32.76
N GLY D 192 -17.40 -22.29 -32.49
CA GLY D 192 -16.34 -22.51 -33.47
C GLY D 192 -15.17 -21.56 -33.32
N ASP D 193 -15.37 -20.41 -32.63
CA ASP D 193 -14.33 -19.40 -32.41
C ASP D 193 -13.07 -20.02 -31.83
N CYS D 194 -11.94 -19.69 -32.44
CA CYS D 194 -10.64 -20.18 -32.04
C CYS D 194 -9.92 -19.08 -31.28
N MET D 195 -9.46 -19.39 -30.06
CA MET D 195 -8.76 -18.41 -29.24
C MET D 195 -7.62 -19.06 -28.47
N THR D 196 -6.72 -18.23 -27.92
CA THR D 196 -5.54 -18.69 -27.19
C THR D 196 -5.73 -18.35 -25.72
N ILE D 197 -5.39 -19.29 -24.82
CA ILE D 197 -5.51 -19.08 -23.37
C ILE D 197 -4.20 -18.48 -22.88
N ILE D 198 -4.29 -17.28 -22.29
CA ILE D 198 -3.15 -16.56 -21.71
C ILE D 198 -2.95 -17.07 -20.28
N HIS D 199 -4.01 -17.02 -19.47
CA HIS D 199 -3.96 -17.48 -18.07
C HIS D 199 -5.20 -18.31 -17.71
N ARG D 200 -4.96 -19.40 -16.96
CA ARG D 200 -5.98 -20.29 -16.45
C ARG D 200 -6.42 -19.87 -15.04
N GLU D 201 -5.48 -19.35 -14.23
CA GLU D 201 -5.71 -18.86 -12.86
C GLU D 201 -6.51 -19.91 -12.06
N ASP D 202 -5.96 -21.14 -11.94
CA ASP D 202 -6.56 -22.29 -11.26
C ASP D 202 -6.73 -22.07 -9.74
N GLU D 203 -6.14 -21.00 -9.18
CA GLU D 203 -6.23 -20.66 -7.76
C GLU D 203 -7.42 -19.71 -7.50
N ASP D 204 -7.51 -18.60 -8.29
CA ASP D 204 -8.57 -17.60 -8.18
C ASP D 204 -9.57 -17.72 -9.35
N GLU D 205 -10.81 -18.22 -9.07
CA GLU D 205 -11.91 -18.46 -10.03
C GLU D 205 -11.44 -19.49 -11.07
N ILE D 206 -11.52 -20.77 -10.68
CA ILE D 206 -11.09 -21.96 -11.43
C ILE D 206 -11.79 -22.12 -12.81
N GLU D 207 -13.05 -21.67 -12.92
CA GLU D 207 -13.96 -21.81 -14.05
C GLU D 207 -13.81 -20.70 -15.07
N TRP D 208 -12.97 -19.69 -14.75
CA TRP D 208 -12.78 -18.56 -15.61
C TRP D 208 -11.31 -18.45 -16.01
N TRP D 209 -11.09 -18.52 -17.33
CA TRP D 209 -9.77 -18.42 -17.93
C TRP D 209 -9.63 -17.14 -18.77
N TRP D 210 -8.53 -16.36 -18.51
CA TRP D 210 -8.17 -15.17 -19.29
C TRP D 210 -7.68 -15.63 -20.69
N ALA D 211 -8.44 -15.32 -21.76
CA ALA D 211 -8.20 -15.71 -23.15
C ALA D 211 -7.97 -14.51 -24.11
N ARG D 212 -7.54 -14.79 -25.37
CA ARG D 212 -7.29 -13.81 -26.44
C ARG D 212 -7.99 -14.27 -27.71
N LEU D 213 -8.97 -13.49 -28.17
CA LEU D 213 -9.71 -13.76 -29.40
C LEU D 213 -9.52 -12.59 -30.35
N ASN D 214 -8.90 -12.87 -31.52
CA ASN D 214 -8.50 -11.90 -32.55
C ASN D 214 -7.52 -10.89 -31.90
N ASP D 215 -7.94 -9.63 -31.68
CA ASP D 215 -7.08 -8.61 -31.06
C ASP D 215 -7.41 -8.41 -29.56
N LYS D 216 -8.69 -8.60 -29.18
CA LYS D 216 -9.21 -8.41 -27.81
C LYS D 216 -8.81 -9.55 -26.84
N GLU D 217 -8.75 -9.23 -25.54
CA GLU D 217 -8.44 -10.12 -24.41
C GLU D 217 -9.49 -10.00 -23.29
N GLY D 218 -9.84 -11.13 -22.65
CA GLY D 218 -10.80 -11.16 -21.56
C GLY D 218 -11.08 -12.54 -21.02
N TYR D 219 -11.99 -12.63 -20.02
CA TYR D 219 -12.38 -13.87 -19.35
C TYR D 219 -13.44 -14.67 -20.13
N VAL D 220 -13.21 -15.97 -20.25
CA VAL D 220 -14.14 -16.89 -20.90
C VAL D 220 -14.45 -18.04 -19.91
N PRO D 221 -15.69 -18.57 -19.87
CA PRO D 221 -15.96 -19.68 -18.95
C PRO D 221 -15.46 -20.99 -19.54
N ARG D 222 -14.56 -21.72 -18.81
CA ARG D 222 -13.96 -22.99 -19.30
C ARG D 222 -15.00 -24.09 -19.67
N ASN D 223 -16.23 -24.06 -19.10
CA ASN D 223 -17.30 -25.05 -19.31
C ASN D 223 -17.75 -25.15 -20.76
N LEU D 224 -17.65 -24.02 -21.47
CA LEU D 224 -18.10 -23.77 -22.84
C LEU D 224 -17.01 -24.00 -23.89
N LEU D 225 -15.85 -24.53 -23.47
CA LEU D 225 -14.67 -24.67 -24.34
C LEU D 225 -14.32 -26.13 -24.66
N GLY D 226 -13.57 -26.29 -25.75
CA GLY D 226 -13.07 -27.57 -26.23
C GLY D 226 -11.67 -27.45 -26.79
N LEU D 227 -10.91 -28.56 -26.81
CA LEU D 227 -9.55 -28.61 -27.35
C LEU D 227 -9.58 -28.55 -28.89
N TYR D 228 -10.68 -29.04 -29.49
CA TYR D 228 -10.97 -29.06 -30.93
C TYR D 228 -12.42 -28.56 -31.17
N PRO D 229 -12.77 -28.00 -32.36
CA PRO D 229 -14.15 -27.52 -32.55
C PRO D 229 -15.14 -28.63 -32.96
N ARG D 230 -16.43 -28.28 -32.97
CA ARG D 230 -17.54 -29.18 -33.35
C ARG D 230 -17.50 -29.48 -34.85
N ILE D 231 -18.15 -30.58 -35.26
CA ILE D 231 -18.30 -30.95 -36.66
C ILE D 231 -19.66 -30.42 -37.14
N VAL E 4 53.27 -12.97 8.83
CA VAL E 4 53.62 -12.80 7.42
C VAL E 4 52.85 -11.58 6.83
N ILE E 5 53.62 -10.60 6.33
CA ILE E 5 53.14 -9.35 5.75
C ILE E 5 53.02 -9.52 4.24
N PRO E 6 51.89 -9.08 3.61
CA PRO E 6 51.77 -9.21 2.15
C PRO E 6 52.82 -8.38 1.42
N SER E 7 53.43 -8.95 0.41
CA SER E 7 54.49 -8.31 -0.36
C SER E 7 53.91 -7.33 -1.34
N ASN E 8 54.57 -6.19 -1.50
CA ASN E 8 54.10 -5.14 -2.40
C ASN E 8 55.06 -4.83 -3.52
N THR E 9 56.27 -5.44 -3.52
CA THR E 9 57.31 -5.17 -4.52
C THR E 9 56.78 -5.38 -5.95
N ASP E 10 57.08 -4.44 -6.84
CA ASP E 10 56.68 -4.46 -8.24
C ASP E 10 57.39 -5.59 -8.97
N TYR E 11 56.63 -6.43 -9.70
CA TYR E 11 57.15 -7.59 -10.42
C TYR E 11 56.52 -7.71 -11.83
N PRO E 12 57.19 -7.26 -12.91
CA PRO E 12 56.60 -7.37 -14.25
C PRO E 12 56.34 -8.82 -14.67
N GLY E 13 57.26 -9.72 -14.31
CA GLY E 13 57.16 -11.15 -14.58
C GLY E 13 57.25 -11.56 -16.05
N PRO E 14 56.96 -12.86 -16.33
CA PRO E 14 57.06 -13.37 -17.71
C PRO E 14 56.09 -12.76 -18.73
N HIS E 15 54.97 -12.16 -18.30
CA HIS E 15 53.99 -11.61 -19.22
C HIS E 15 54.00 -10.07 -19.27
N HIS E 16 55.06 -9.44 -18.66
CA HIS E 16 55.27 -7.99 -18.61
C HIS E 16 53.98 -7.30 -18.17
N PHE E 17 53.54 -7.65 -16.95
CA PHE E 17 52.31 -7.19 -16.33
C PHE E 17 52.41 -5.73 -15.93
N GLU E 18 51.57 -4.88 -16.57
CA GLU E 18 51.53 -3.44 -16.33
C GLU E 18 50.15 -3.01 -15.85
N VAL E 19 50.12 -2.06 -14.87
CA VAL E 19 48.92 -1.44 -14.30
C VAL E 19 49.01 0.06 -14.58
N THR E 20 48.11 0.59 -15.44
CA THR E 20 48.09 2.00 -15.83
C THR E 20 46.70 2.61 -15.64
N PHE E 21 46.64 3.96 -15.77
CA PHE E 21 45.44 4.76 -15.61
C PHE E 21 45.30 5.73 -16.78
N GLN E 22 44.11 5.75 -17.42
CA GLN E 22 43.74 6.68 -18.52
C GLN E 22 43.94 8.14 -18.05
N GLN E 23 44.11 9.10 -19.01
CA GLN E 23 44.31 10.53 -18.70
C GLN E 23 43.33 10.97 -17.59
N SER E 24 43.87 11.12 -16.37
CA SER E 24 43.09 11.49 -15.21
C SER E 24 43.05 13.00 -15.05
N SER E 25 41.84 13.56 -15.03
CA SER E 25 41.57 15.00 -14.90
C SER E 25 42.30 15.58 -13.71
N THR E 26 42.99 16.71 -13.94
CA THR E 26 43.73 17.43 -12.90
C THR E 26 42.71 18.35 -12.16
N ALA E 27 41.47 18.46 -12.70
CA ALA E 27 40.34 19.25 -12.21
C ALA E 27 39.95 18.89 -10.77
N LYS E 28 39.40 19.87 -10.02
CA LYS E 28 38.93 19.65 -8.65
C LYS E 28 37.61 18.86 -8.63
N SER E 29 36.88 18.87 -9.78
CA SER E 29 35.60 18.18 -9.99
C SER E 29 35.77 16.66 -10.16
N ALA E 30 36.99 16.20 -10.59
CA ALA E 30 37.35 14.81 -10.82
C ALA E 30 37.02 13.92 -9.62
N THR E 31 36.37 12.76 -9.89
CA THR E 31 35.98 11.78 -8.86
C THR E 31 37.17 10.91 -8.45
N TRP E 32 38.21 10.89 -9.31
CA TRP E 32 39.48 10.19 -9.13
C TRP E 32 40.55 10.83 -9.99
N THR E 33 41.80 10.71 -9.54
CA THR E 33 43.01 11.17 -10.24
C THR E 33 44.22 10.31 -9.81
N TYR E 34 45.14 10.03 -10.74
CA TYR E 34 46.35 9.27 -10.47
C TYR E 34 47.57 10.14 -10.64
N SER E 35 48.46 10.12 -9.67
CA SER E 35 49.68 10.89 -9.70
C SER E 35 50.87 10.00 -10.08
N PRO E 36 51.35 10.07 -11.34
CA PRO E 36 52.55 9.30 -11.72
C PRO E 36 53.79 9.69 -10.89
N LEU E 37 53.93 10.99 -10.54
CA LEU E 37 55.02 11.54 -9.73
C LEU E 37 55.09 10.86 -8.37
N LEU E 38 53.93 10.65 -7.72
CA LEU E 38 53.92 10.06 -6.40
C LEU E 38 53.53 8.57 -6.38
N LYS E 39 53.12 7.99 -7.55
CA LYS E 39 52.60 6.61 -7.68
C LYS E 39 51.47 6.48 -6.66
N LYS E 40 50.53 7.44 -6.75
CA LYS E 40 49.43 7.59 -5.80
C LYS E 40 48.13 7.81 -6.52
N LEU E 41 47.10 7.07 -6.09
CA LEU E 41 45.75 7.17 -6.60
C LEU E 41 44.90 7.83 -5.56
N TYR E 42 44.14 8.83 -6.02
CA TYR E 42 43.20 9.63 -5.24
C TYR E 42 41.81 9.32 -5.75
N CYS E 43 40.89 8.95 -4.86
CA CYS E 43 39.56 8.55 -5.29
C CYS E 43 38.51 9.01 -4.31
N GLN E 44 37.27 9.17 -4.79
CA GLN E 44 36.15 9.50 -3.92
C GLN E 44 35.51 8.20 -3.50
N ILE E 45 34.99 8.14 -2.26
CA ILE E 45 34.32 6.96 -1.70
C ILE E 45 33.25 6.42 -2.66
N ALA E 46 33.24 5.09 -2.84
CA ALA E 46 32.26 4.32 -3.62
C ALA E 46 32.08 4.76 -5.08
N LYS E 47 33.05 5.43 -5.68
CA LYS E 47 32.94 5.89 -7.08
C LYS E 47 33.78 4.99 -7.97
N THR E 48 33.42 4.90 -9.25
CA THR E 48 34.10 4.06 -10.25
C THR E 48 35.49 4.54 -10.54
N CYS E 49 36.45 3.63 -10.41
CA CYS E 49 37.83 3.94 -10.72
C CYS E 49 38.36 2.90 -11.73
N PRO E 50 38.43 3.26 -13.04
CA PRO E 50 38.91 2.31 -14.04
C PRO E 50 40.43 2.19 -14.03
N ILE E 51 40.90 0.94 -13.79
CA ILE E 51 42.32 0.59 -13.79
C ILE E 51 42.59 -0.28 -15.03
N GLN E 52 43.64 0.04 -15.83
CA GLN E 52 43.98 -0.68 -17.07
C GLN E 52 45.20 -1.60 -16.92
N ILE E 53 44.96 -2.89 -17.20
CA ILE E 53 45.89 -4.02 -17.14
C ILE E 53 46.44 -4.27 -18.54
N LYS E 54 47.75 -4.54 -18.63
CA LYS E 54 48.41 -4.87 -19.89
C LYS E 54 49.40 -6.00 -19.67
N VAL E 55 49.44 -6.93 -20.64
CA VAL E 55 50.36 -8.08 -20.71
C VAL E 55 50.93 -8.16 -22.14
N SER E 56 52.17 -8.61 -22.28
CA SER E 56 52.83 -8.74 -23.59
C SER E 56 52.35 -10.00 -24.32
N THR E 57 52.19 -11.11 -23.55
CA THR E 57 51.72 -12.41 -24.00
C THR E 57 50.57 -12.87 -23.10
N PRO E 58 49.60 -13.67 -23.62
CA PRO E 58 48.49 -14.13 -22.77
C PRO E 58 48.98 -15.01 -21.62
N PRO E 59 48.48 -14.83 -20.38
CA PRO E 59 48.93 -15.70 -19.29
C PRO E 59 48.25 -17.09 -19.36
N PRO E 60 48.63 -18.11 -18.54
CA PRO E 60 48.00 -19.44 -18.66
C PRO E 60 46.49 -19.47 -18.31
N PRO E 61 45.72 -20.53 -18.68
CA PRO E 61 44.29 -20.55 -18.31
C PRO E 61 44.08 -20.60 -16.80
N GLY E 62 43.04 -19.93 -16.30
CA GLY E 62 42.74 -19.88 -14.88
C GLY E 62 43.49 -18.79 -14.12
N THR E 63 44.21 -17.90 -14.86
CA THR E 63 44.94 -16.77 -14.30
C THR E 63 43.94 -15.74 -13.73
N ALA E 64 44.23 -15.24 -12.54
CA ALA E 64 43.38 -14.27 -11.88
C ALA E 64 44.15 -12.98 -11.53
N ILE E 65 43.40 -11.90 -11.27
CA ILE E 65 43.92 -10.61 -10.87
C ILE E 65 43.35 -10.31 -9.48
N ARG E 66 44.21 -10.23 -8.45
CA ARG E 66 43.80 -9.89 -7.09
C ARG E 66 44.12 -8.41 -6.76
N ALA E 67 43.28 -7.78 -5.93
CA ALA E 67 43.49 -6.43 -5.42
C ALA E 67 43.27 -6.47 -3.91
N MET E 68 44.33 -6.19 -3.16
CA MET E 68 44.34 -6.20 -1.70
C MET E 68 44.85 -4.86 -1.12
N PRO E 69 44.16 -4.25 -0.12
CA PRO E 69 44.71 -3.04 0.50
C PRO E 69 45.58 -3.39 1.69
N VAL E 70 46.63 -2.61 1.95
CA VAL E 70 47.59 -2.89 3.03
C VAL E 70 48.04 -1.55 3.59
N TYR E 71 48.12 -1.42 4.94
CA TYR E 71 48.61 -0.18 5.56
C TYR E 71 50.07 0.05 5.16
N LYS E 72 50.38 1.29 4.76
CA LYS E 72 51.68 1.72 4.26
C LYS E 72 52.80 1.75 5.30
N LYS E 73 52.53 2.32 6.48
CA LYS E 73 53.51 2.50 7.53
C LYS E 73 53.75 1.20 8.29
N ALA E 74 55.02 0.93 8.63
CA ALA E 74 55.50 -0.25 9.34
C ALA E 74 54.83 -0.47 10.68
N GLU E 75 54.45 0.62 11.38
CA GLU E 75 53.82 0.52 12.69
C GLU E 75 52.32 0.12 12.59
N HIS E 76 51.79 -0.02 11.36
CA HIS E 76 50.38 -0.33 11.09
C HIS E 76 50.16 -1.56 10.23
N VAL E 77 51.21 -2.03 9.53
CA VAL E 77 51.21 -3.09 8.52
C VAL E 77 50.58 -4.43 8.99
N THR E 78 50.62 -4.80 10.29
CA THR E 78 50.03 -6.06 10.75
C THR E 78 48.48 -5.98 10.83
N ASP E 79 47.91 -4.76 10.89
CA ASP E 79 46.46 -4.55 10.94
C ASP E 79 45.86 -4.74 9.56
N VAL E 80 44.76 -5.51 9.48
CA VAL E 80 44.03 -5.81 8.24
C VAL E 80 43.22 -4.56 7.86
N VAL E 81 43.28 -4.15 6.58
CA VAL E 81 42.55 -3.01 6.06
C VAL E 81 41.13 -3.47 5.79
N LYS E 82 40.24 -2.95 6.62
CA LYS E 82 38.81 -3.22 6.65
C LYS E 82 38.00 -1.90 6.73
N ARG E 83 36.74 -1.94 6.25
CA ARG E 83 35.76 -0.87 6.24
C ARG E 83 35.48 -0.41 7.69
N CYS E 84 35.18 0.88 7.94
CA CYS E 84 34.91 1.31 9.33
C CYS E 84 33.56 0.72 9.84
N PRO E 85 33.36 0.54 11.18
CA PRO E 85 32.07 0.01 11.67
C PRO E 85 30.84 0.73 11.10
N ASN E 86 30.86 2.06 11.08
CA ASN E 86 29.76 2.90 10.60
C ASN E 86 29.41 2.62 9.15
N HIS E 87 30.37 2.58 8.21
CA HIS E 87 30.02 2.32 6.80
C HIS E 87 29.64 0.86 6.59
N GLU E 88 30.15 -0.04 7.43
CA GLU E 88 29.87 -1.47 7.38
C GLU E 88 28.38 -1.71 7.71
N LEU E 89 27.88 -1.14 8.82
CA LEU E 89 26.49 -1.28 9.27
C LEU E 89 25.48 -0.44 8.44
N GLY E 90 25.97 0.57 7.71
CA GLY E 90 25.16 1.47 6.89
C GLY E 90 24.42 0.80 5.76
N ARG E 91 23.26 1.35 5.39
CA ARG E 91 22.39 0.80 4.34
C ARG E 91 22.95 1.11 2.96
N ASP E 92 23.42 2.35 2.76
CA ASP E 92 23.97 2.82 1.48
C ASP E 92 25.14 1.97 0.99
N PHE E 93 25.03 1.50 -0.27
CA PHE E 93 25.98 0.66 -1.01
C PHE E 93 26.12 -0.73 -0.39
N ASN E 94 25.20 -1.12 0.51
CA ASN E 94 25.24 -2.43 1.16
C ASN E 94 23.96 -3.23 0.91
N GLU E 95 22.89 -2.55 0.45
CA GLU E 95 21.58 -3.13 0.14
C GLU E 95 21.58 -3.69 -1.30
N GLY E 96 21.44 -5.01 -1.40
CA GLY E 96 21.45 -5.75 -2.67
C GLY E 96 22.80 -5.76 -3.36
N GLN E 97 23.87 -6.08 -2.60
CA GLN E 97 25.26 -6.14 -3.09
C GLN E 97 25.91 -7.49 -2.81
N SER E 98 26.71 -7.97 -3.78
CA SER E 98 27.46 -9.24 -3.71
C SER E 98 28.61 -9.18 -2.71
N ALA E 99 29.23 -8.00 -2.55
CA ALA E 99 30.38 -7.80 -1.68
C ALA E 99 30.04 -7.81 -0.20
N PRO E 100 30.84 -8.47 0.66
CA PRO E 100 30.59 -8.38 2.12
C PRO E 100 30.73 -6.91 2.53
N ALA E 101 29.95 -6.46 3.51
CA ALA E 101 29.93 -5.06 3.93
C ALA E 101 31.26 -4.57 4.57
N SER E 102 32.18 -5.49 4.94
CA SER E 102 33.46 -5.15 5.57
C SER E 102 34.59 -4.93 4.57
N HIS E 103 34.44 -5.36 3.32
CA HIS E 103 35.49 -5.23 2.30
C HIS E 103 35.64 -3.80 1.83
N LEU E 104 36.89 -3.32 1.77
CA LEU E 104 37.19 -1.97 1.33
C LEU E 104 37.17 -1.92 -0.17
N ILE E 105 37.86 -2.85 -0.87
CA ILE E 105 37.90 -2.84 -2.34
C ILE E 105 36.80 -3.73 -2.93
N ARG E 106 36.05 -3.18 -3.88
CA ARG E 106 34.98 -3.84 -4.64
C ARG E 106 35.30 -3.79 -6.12
N VAL E 107 34.84 -4.81 -6.87
CA VAL E 107 34.95 -4.81 -8.33
C VAL E 107 33.54 -4.50 -8.82
N GLU E 108 33.43 -3.60 -9.78
CA GLU E 108 32.14 -3.20 -10.33
C GLU E 108 31.94 -3.83 -11.70
N GLY E 109 30.76 -4.38 -11.93
CA GLY E 109 30.37 -4.98 -13.20
C GLY E 109 31.10 -6.21 -13.65
N ASN E 110 31.30 -7.17 -12.71
CA ASN E 110 31.91 -8.47 -13.00
C ASN E 110 31.28 -9.49 -12.06
N ASN E 111 30.42 -10.38 -12.61
CA ASN E 111 29.71 -11.43 -11.86
C ASN E 111 30.65 -12.50 -11.33
N LEU E 112 31.86 -12.61 -11.92
CA LEU E 112 32.84 -13.62 -11.56
C LEU E 112 33.82 -13.16 -10.48
N SER E 113 33.62 -11.96 -9.94
CA SER E 113 34.46 -11.42 -8.87
C SER E 113 34.25 -12.22 -7.58
N GLN E 114 35.35 -12.51 -6.85
CA GLN E 114 35.31 -13.29 -5.62
C GLN E 114 35.88 -12.50 -4.48
N TYR E 115 35.13 -12.42 -3.37
CA TYR E 115 35.54 -11.71 -2.17
C TYR E 115 36.10 -12.70 -1.20
N VAL E 116 37.44 -12.68 -1.08
CA VAL E 116 38.25 -13.59 -0.27
C VAL E 116 38.51 -13.00 1.12
N ASP E 117 38.32 -13.83 2.14
CA ASP E 117 38.61 -13.61 3.57
C ASP E 117 39.51 -14.74 3.98
N ASP E 118 40.83 -14.52 4.05
CA ASP E 118 41.76 -15.58 4.42
C ASP E 118 41.51 -16.04 5.86
N PRO E 119 41.26 -17.36 6.09
CA PRO E 119 40.96 -17.82 7.47
C PRO E 119 42.18 -17.82 8.38
N VAL E 120 43.41 -17.79 7.82
CA VAL E 120 44.64 -17.79 8.64
C VAL E 120 45.09 -16.34 8.96
N THR E 121 45.36 -15.52 7.92
CA THR E 121 45.85 -14.14 8.02
C THR E 121 44.77 -13.11 8.32
N GLY E 122 43.53 -13.39 7.92
CA GLY E 122 42.40 -12.49 8.11
C GLY E 122 42.29 -11.45 7.01
N ARG E 123 43.20 -11.48 6.01
CA ARG E 123 43.26 -10.53 4.91
C ARG E 123 42.10 -10.65 3.96
N GLN E 124 41.50 -9.48 3.63
CA GLN E 124 40.41 -9.36 2.69
C GLN E 124 40.95 -8.81 1.40
N SER E 125 40.49 -9.40 0.28
CA SER E 125 40.87 -9.03 -1.08
C SER E 125 39.74 -9.46 -2.04
N VAL E 126 39.86 -9.09 -3.31
CA VAL E 126 38.84 -9.36 -4.32
C VAL E 126 39.56 -9.80 -5.59
N VAL E 127 39.13 -10.96 -6.13
CA VAL E 127 39.77 -11.59 -7.28
C VAL E 127 38.81 -11.67 -8.46
N VAL E 128 39.33 -11.45 -9.67
CA VAL E 128 38.57 -11.55 -10.90
C VAL E 128 39.39 -12.38 -11.88
N PRO E 129 38.77 -13.23 -12.72
CA PRO E 129 39.58 -13.97 -13.71
C PRO E 129 40.24 -13.03 -14.70
N TYR E 130 41.42 -13.40 -15.24
CA TYR E 130 42.03 -12.59 -16.28
C TYR E 130 41.19 -12.73 -17.55
N GLU E 131 40.91 -11.62 -18.23
CA GLU E 131 40.18 -11.58 -19.49
C GLU E 131 40.98 -10.77 -20.49
N PRO E 132 41.20 -11.26 -21.72
CA PRO E 132 41.99 -10.48 -22.70
C PRO E 132 41.34 -9.15 -23.09
N PRO E 133 42.08 -8.16 -23.67
CA PRO E 133 41.41 -6.93 -24.13
C PRO E 133 40.38 -7.21 -25.22
N GLN E 134 39.49 -6.25 -25.49
CA GLN E 134 38.50 -6.38 -26.56
C GLN E 134 39.21 -6.38 -27.91
N VAL E 135 38.54 -6.83 -28.98
CA VAL E 135 39.12 -6.87 -30.34
C VAL E 135 39.60 -5.46 -30.74
N GLY E 136 40.88 -5.36 -31.07
CA GLY E 136 41.53 -4.09 -31.43
C GLY E 136 41.77 -3.15 -30.26
N THR E 137 41.91 -3.69 -29.03
CA THR E 137 42.17 -2.92 -27.80
C THR E 137 43.53 -3.38 -27.22
N GLU E 138 44.20 -2.46 -26.52
CA GLU E 138 45.53 -2.64 -25.91
C GLU E 138 45.42 -3.15 -24.46
N PHE E 139 44.41 -2.69 -23.70
CA PHE E 139 44.25 -2.98 -22.28
C PHE E 139 42.98 -3.72 -21.89
N THR E 140 43.01 -4.30 -20.71
CA THR E 140 41.91 -4.94 -20.00
C THR E 140 41.55 -3.96 -18.89
N THR E 141 40.28 -3.51 -18.84
CA THR E 141 39.85 -2.58 -17.81
C THR E 141 39.10 -3.31 -16.71
N ILE E 142 39.49 -3.05 -15.46
CA ILE E 142 38.82 -3.51 -14.26
C ILE E 142 38.31 -2.25 -13.56
N LEU E 143 37.01 -2.22 -13.22
CA LEU E 143 36.39 -1.11 -12.52
C LEU E 143 36.41 -1.42 -11.04
N TYR E 144 37.08 -0.55 -10.25
CA TYR E 144 37.21 -0.71 -8.80
C TYR E 144 36.45 0.36 -8.05
N ASN E 145 36.12 0.05 -6.79
CA ASN E 145 35.42 0.94 -5.88
C ASN E 145 36.01 0.78 -4.51
N PHE E 146 36.29 1.91 -3.83
CA PHE E 146 36.88 1.90 -2.50
C PHE E 146 35.80 2.44 -1.58
N MET E 147 35.43 1.66 -0.60
CA MET E 147 34.19 1.85 0.14
C MET E 147 34.26 2.59 1.45
N CYS E 148 35.41 3.13 1.79
CA CYS E 148 35.56 3.97 2.96
C CYS E 148 36.55 5.08 2.67
N ASN E 149 36.42 6.23 3.33
CA ASN E 149 37.40 7.32 3.17
C ASN E 149 38.60 6.98 4.03
N SER E 150 39.82 7.42 3.63
CA SER E 150 41.07 7.21 4.39
C SER E 150 40.96 7.73 5.83
N SER E 151 40.10 8.71 6.07
CA SER E 151 39.94 9.35 7.37
C SER E 151 38.92 8.67 8.28
N CYS E 152 38.18 7.64 7.80
CA CYS E 152 37.11 6.95 8.55
C CYS E 152 37.61 6.44 9.88
N VAL E 153 37.17 7.07 10.97
CA VAL E 153 37.50 6.69 12.36
C VAL E 153 36.92 5.29 12.58
N GLY E 154 37.74 4.39 13.09
CA GLY E 154 37.35 3.02 13.26
C GLY E 154 37.88 2.16 12.15
N GLY E 155 38.05 2.76 10.99
CA GLY E 155 38.53 2.07 9.83
C GLY E 155 39.95 2.44 9.56
N MET E 156 40.21 2.98 8.42
CA MET E 156 41.58 3.27 8.11
C MET E 156 42.16 4.28 9.04
N ASN E 157 41.31 5.19 9.50
CA ASN E 157 41.65 6.10 10.56
C ASN E 157 42.84 6.99 10.24
N ARG E 158 42.76 7.66 9.11
CA ARG E 158 43.74 8.63 8.62
C ARG E 158 45.06 7.97 8.21
N ARG E 159 45.21 6.67 8.42
CA ARG E 159 46.43 5.94 8.06
C ARG E 159 46.53 5.72 6.54
N PRO E 160 47.72 5.96 5.92
CA PRO E 160 47.85 5.72 4.48
C PRO E 160 47.87 4.23 4.13
N ILE E 161 47.54 3.87 2.86
CA ILE E 161 47.50 2.51 2.41
C ILE E 161 48.13 2.32 1.04
N LEU E 162 48.58 1.08 0.78
CA LEU E 162 49.01 0.59 -0.53
C LEU E 162 47.92 -0.31 -1.09
N ILE E 163 47.69 -0.21 -2.41
CA ILE E 163 46.80 -1.13 -3.12
C ILE E 163 47.72 -2.02 -3.93
N ILE E 164 47.65 -3.35 -3.71
CA ILE E 164 48.51 -4.34 -4.36
C ILE E 164 47.71 -5.10 -5.41
N ILE E 165 48.11 -4.98 -6.69
CA ILE E 165 47.44 -5.70 -7.78
C ILE E 165 48.36 -6.85 -8.19
N THR E 166 47.90 -8.10 -8.06
CA THR E 166 48.79 -9.19 -8.43
C THR E 166 48.12 -10.13 -9.41
N LEU E 167 48.84 -10.47 -10.49
CA LEU E 167 48.46 -11.44 -11.51
C LEU E 167 48.90 -12.80 -10.97
N GLU E 168 47.96 -13.72 -10.72
CA GLU E 168 48.27 -15.02 -10.12
C GLU E 168 47.81 -16.20 -10.95
N MET E 169 48.46 -17.36 -10.74
CA MET E 169 48.04 -18.65 -11.27
C MET E 169 46.85 -19.11 -10.44
N ARG E 170 46.09 -20.12 -10.92
CA ARG E 170 44.94 -20.68 -10.21
C ARG E 170 45.31 -21.18 -8.79
N ASP E 171 46.57 -21.66 -8.59
CA ASP E 171 47.11 -22.16 -7.32
C ASP E 171 47.63 -21.04 -6.37
N GLY E 172 47.64 -19.79 -6.82
CA GLY E 172 48.13 -18.67 -6.01
C GLY E 172 49.57 -18.23 -6.30
N GLN E 173 50.28 -18.95 -7.20
CA GLN E 173 51.64 -18.59 -7.57
C GLN E 173 51.60 -17.27 -8.32
N VAL E 174 52.52 -16.35 -8.00
CA VAL E 174 52.59 -15.00 -8.52
C VAL E 174 53.27 -14.98 -9.91
N LEU E 175 52.60 -14.32 -10.88
CA LEU E 175 53.05 -14.14 -12.25
C LEU E 175 53.43 -12.70 -12.53
N GLY E 176 52.86 -11.79 -11.74
CA GLY E 176 53.06 -10.34 -11.83
C GLY E 176 52.52 -9.63 -10.61
N ARG E 177 53.05 -8.42 -10.36
CA ARG E 177 52.62 -7.58 -9.24
C ARG E 177 52.99 -6.13 -9.49
N ARG E 178 52.04 -5.23 -9.14
CA ARG E 178 52.17 -3.77 -9.20
C ARG E 178 51.44 -3.21 -8.01
N SER E 179 52.07 -2.28 -7.30
CA SER E 179 51.41 -1.64 -6.15
C SER E 179 51.54 -0.12 -6.26
N PHE E 180 50.66 0.60 -5.57
CA PHE E 180 50.64 2.07 -5.56
C PHE E 180 49.95 2.52 -4.29
N GLU E 181 50.14 3.79 -3.92
CA GLU E 181 49.46 4.31 -2.74
C GLU E 181 48.04 4.66 -3.11
N GLY E 182 47.14 4.46 -2.19
CA GLY E 182 45.76 4.84 -2.38
C GLY E 182 45.34 5.87 -1.37
N ARG E 183 44.51 6.85 -1.81
CA ARG E 183 43.93 7.85 -0.94
C ARG E 183 42.48 8.04 -1.30
N ILE E 184 41.59 7.77 -0.33
CA ILE E 184 40.15 7.92 -0.54
C ILE E 184 39.76 9.15 0.24
N CYS E 185 39.39 10.20 -0.48
CA CYS E 185 39.12 11.52 0.05
C CYS E 185 37.98 12.23 -0.70
N ALA E 186 37.43 13.26 -0.09
CA ALA E 186 36.33 14.00 -0.67
C ALA E 186 36.74 14.66 -1.97
N CYS E 187 37.95 15.17 -1.99
CA CYS E 187 38.40 16.02 -3.08
C CYS E 187 39.78 15.67 -3.67
N PRO E 188 39.83 14.68 -4.56
CA PRO E 188 41.09 14.14 -5.09
C PRO E 188 41.98 15.10 -5.89
N GLY E 189 41.39 15.90 -6.79
CA GLY E 189 42.14 16.89 -7.56
C GLY E 189 42.92 17.90 -6.75
N ARG E 190 42.33 18.37 -5.66
CA ARG E 190 42.95 19.34 -4.77
C ARG E 190 44.07 18.67 -4.00
N ASP E 191 43.81 17.48 -3.44
CA ASP E 191 44.75 16.69 -2.65
C ASP E 191 45.97 16.29 -3.49
N ARG E 192 45.78 15.96 -4.77
CA ARG E 192 46.90 15.60 -5.65
C ARG E 192 47.82 16.78 -5.80
N LYS E 193 47.29 17.94 -6.26
CA LYS E 193 48.01 19.21 -6.46
C LYS E 193 48.82 19.58 -5.22
N ALA E 194 48.19 19.62 -4.04
CA ALA E 194 48.85 19.95 -2.76
C ALA E 194 50.03 19.05 -2.46
N ASP E 195 49.85 17.72 -2.63
CA ASP E 195 50.87 16.68 -2.36
C ASP E 195 52.02 16.76 -3.34
N GLU E 196 51.73 16.93 -4.64
CA GLU E 196 52.73 17.08 -5.69
C GLU E 196 53.59 18.35 -5.45
N ASP E 197 52.96 19.48 -5.05
CA ASP E 197 53.65 20.74 -4.77
C ASP E 197 54.59 20.59 -3.58
N HIS E 198 54.15 19.91 -2.52
CA HIS E 198 54.94 19.68 -1.32
C HIS E 198 56.10 18.73 -1.58
N TYR E 199 55.91 17.75 -2.48
CA TYR E 199 56.93 16.77 -2.85
C TYR E 199 58.03 17.42 -3.68
N ARG E 200 57.67 18.23 -4.69
CA ARG E 200 58.64 18.95 -5.54
C ARG E 200 59.50 19.90 -4.71
N GLU E 201 58.92 20.54 -3.68
CA GLU E 201 59.66 21.44 -2.80
C GLU E 201 60.62 20.66 -1.90
N ALA E 202 60.12 19.67 -1.17
CA ALA E 202 60.89 18.87 -0.22
C ALA E 202 62.03 18.08 -0.88
N GLU E 203 61.84 17.66 -2.14
CA GLU E 203 62.78 16.84 -2.87
C GLU E 203 63.62 17.61 -3.91
N ASN E 204 63.51 18.95 -3.90
CA ASN E 204 64.24 19.87 -4.77
C ASN E 204 64.11 19.47 -6.23
N LEU E 205 62.88 19.19 -6.65
CA LEU E 205 62.62 18.78 -8.04
C LEU E 205 62.45 20.00 -8.90
N TYR E 206 63.16 20.06 -10.03
CA TYR E 206 63.08 21.18 -10.96
C TYR E 206 61.70 21.21 -11.59
N PHE E 207 61.01 22.35 -11.46
CA PHE E 207 59.67 22.57 -12.02
C PHE E 207 59.52 24.01 -12.50
N GLN E 208 58.97 24.18 -13.72
CA GLN E 208 58.71 25.45 -14.43
C GLN E 208 59.95 26.34 -14.51
N ASN F 36 14.33 -11.37 36.10
CA ASN F 36 15.32 -10.36 35.72
C ASN F 36 14.94 -8.98 36.31
N PRO F 37 15.73 -8.42 37.27
CA PRO F 37 15.38 -7.10 37.81
C PRO F 37 15.48 -5.98 36.74
N LEU F 38 16.35 -6.18 35.73
CA LEU F 38 16.57 -5.26 34.60
C LEU F 38 15.31 -5.16 33.75
N ALA F 39 14.67 -6.31 33.48
CA ALA F 39 13.41 -6.40 32.71
C ALA F 39 12.29 -5.59 33.38
N LEU F 40 12.33 -5.52 34.74
CA LEU F 40 11.36 -4.75 35.51
C LEU F 40 11.66 -3.26 35.34
N LEU F 41 12.96 -2.86 35.40
CA LEU F 41 13.45 -1.48 35.23
C LEU F 41 13.10 -0.95 33.84
N LEU F 42 13.17 -1.80 32.80
CA LEU F 42 12.85 -1.47 31.41
C LEU F 42 11.35 -1.18 31.26
N ASP F 43 10.48 -2.09 31.75
CA ASP F 43 9.03 -1.95 31.67
C ASP F 43 8.51 -0.81 32.56
N SER F 44 9.15 -0.60 33.73
CA SER F 44 8.81 0.46 34.69
C SER F 44 9.07 1.85 34.07
N SER F 45 10.27 2.03 33.45
CA SER F 45 10.70 3.24 32.74
C SER F 45 9.69 3.60 31.63
N LEU F 46 9.30 2.60 30.83
CA LEU F 46 8.35 2.75 29.74
C LEU F 46 6.95 3.14 30.22
N GLU F 47 6.49 2.59 31.37
CA GLU F 47 5.15 2.83 31.90
C GLU F 47 5.02 4.15 32.68
N GLY F 48 6.11 4.61 33.29
CA GLY F 48 6.14 5.87 34.04
C GLY F 48 6.02 5.70 35.54
N GLU F 49 6.35 4.49 36.03
CA GLU F 49 6.31 4.10 37.44
C GLU F 49 7.63 4.54 38.10
N PHE F 50 7.73 5.86 38.35
CA PHE F 50 8.89 6.55 38.93
C PHE F 50 9.29 6.00 40.31
N ASP F 51 8.28 5.64 41.16
CA ASP F 51 8.49 5.10 42.50
C ASP F 51 9.12 3.70 42.43
N LEU F 52 8.60 2.85 41.52
CA LEU F 52 9.11 1.50 41.27
C LEU F 52 10.55 1.57 40.74
N VAL F 53 10.81 2.49 39.75
CA VAL F 53 12.14 2.73 39.14
C VAL F 53 13.15 3.05 40.24
N GLN F 54 12.81 4.01 41.14
CA GLN F 54 13.66 4.46 42.25
C GLN F 54 14.05 3.30 43.19
N ARG F 55 13.21 2.24 43.25
CA ARG F 55 13.45 1.06 44.08
C ARG F 55 14.28 0.00 43.33
N ILE F 56 13.77 -0.51 42.18
CA ILE F 56 14.36 -1.58 41.36
C ILE F 56 15.78 -1.20 40.80
N ILE F 57 16.12 0.11 40.76
CA ILE F 57 17.41 0.62 40.26
C ILE F 57 18.62 0.05 41.02
N TYR F 58 18.46 -0.19 42.34
CA TYR F 58 19.53 -0.69 43.20
C TYR F 58 19.62 -2.23 43.17
N GLU F 59 18.57 -2.91 42.64
CA GLU F 59 18.49 -4.37 42.50
C GLU F 59 19.15 -4.87 41.21
N VAL F 60 19.39 -3.96 40.23
CA VAL F 60 20.01 -4.32 38.94
C VAL F 60 21.53 -4.16 39.03
N ASP F 61 22.27 -5.14 38.48
CA ASP F 61 23.74 -5.18 38.44
C ASP F 61 24.31 -4.00 37.65
N ASP F 62 23.75 -3.73 36.45
CA ASP F 62 24.12 -2.63 35.55
C ASP F 62 22.85 -2.02 34.93
N PRO F 63 22.46 -0.79 35.35
CA PRO F 63 21.23 -0.19 34.78
C PRO F 63 21.40 0.32 33.34
N SER F 64 22.66 0.37 32.85
CA SER F 64 23.00 0.82 31.50
C SER F 64 22.97 -0.35 30.49
N LEU F 65 22.71 -1.58 30.98
CA LEU F 65 22.66 -2.80 30.18
C LEU F 65 21.35 -2.87 29.39
N PRO F 66 21.38 -3.29 28.11
CA PRO F 66 20.15 -3.28 27.30
C PRO F 66 19.40 -4.60 27.20
N ASN F 67 18.22 -4.56 26.56
CA ASN F 67 17.47 -5.76 26.25
C ASN F 67 18.03 -6.36 24.94
N ASP F 68 17.32 -7.31 24.31
CA ASP F 68 17.77 -7.98 23.09
C ASP F 68 17.76 -7.07 21.85
N GLU F 69 16.97 -5.97 21.89
CA GLU F 69 16.88 -5.02 20.77
C GLU F 69 17.79 -3.78 20.98
N GLY F 70 18.66 -3.82 21.99
CA GLY F 70 19.61 -2.75 22.31
C GLY F 70 19.06 -1.59 23.12
N ILE F 71 17.76 -1.63 23.46
CA ILE F 71 17.04 -0.61 24.23
C ILE F 71 17.38 -0.70 25.73
N THR F 72 17.78 0.43 26.33
CA THR F 72 18.09 0.52 27.75
C THR F 72 16.89 1.20 28.42
N ALA F 73 16.93 1.34 29.77
CA ALA F 73 15.89 1.99 30.57
C ALA F 73 15.75 3.46 30.15
N LEU F 74 16.90 4.15 29.90
CA LEU F 74 16.94 5.55 29.45
C LEU F 74 16.25 5.70 28.08
N HIS F 75 16.40 4.73 27.15
CA HIS F 75 15.72 4.79 25.85
C HIS F 75 14.20 4.85 26.04
N ASN F 76 13.62 3.91 26.83
CA ASN F 76 12.19 3.82 27.17
C ASN F 76 11.67 5.06 27.88
N ALA F 77 12.40 5.55 28.92
CA ALA F 77 12.05 6.76 29.67
C ALA F 77 11.92 7.98 28.75
N VAL F 78 12.88 8.15 27.80
CA VAL F 78 12.92 9.25 26.82
C VAL F 78 11.80 9.09 25.78
N CYS F 79 11.68 7.90 25.15
CA CYS F 79 10.67 7.59 24.12
C CYS F 79 9.24 7.78 24.62
N ALA F 80 8.95 7.36 25.86
CA ALA F 80 7.61 7.46 26.46
C ALA F 80 7.37 8.85 27.09
N GLY F 81 8.42 9.65 27.18
CA GLY F 81 8.36 11.03 27.67
C GLY F 81 8.22 11.24 29.15
N HIS F 82 8.85 10.38 29.97
CA HIS F 82 8.76 10.51 31.42
C HIS F 82 10.02 11.24 31.92
N THR F 83 9.98 12.58 31.83
CA THR F 83 11.06 13.52 32.14
C THR F 83 11.66 13.30 33.55
N GLU F 84 10.81 12.99 34.55
CA GLU F 84 11.22 12.74 35.94
C GLU F 84 12.16 11.53 36.03
N ILE F 85 11.83 10.44 35.30
CA ILE F 85 12.62 9.20 35.23
C ILE F 85 13.93 9.48 34.46
N VAL F 86 13.86 10.26 33.33
CA VAL F 86 15.01 10.66 32.50
C VAL F 86 16.04 11.42 33.36
N LYS F 87 15.60 12.48 34.08
CA LYS F 87 16.47 13.26 34.96
C LYS F 87 17.09 12.37 36.05
N PHE F 88 16.30 11.40 36.59
CA PHE F 88 16.74 10.46 37.63
C PHE F 88 17.82 9.51 37.09
N LEU F 89 17.50 8.76 36.00
CA LEU F 89 18.41 7.81 35.37
C LEU F 89 19.74 8.45 34.95
N VAL F 90 19.68 9.65 34.33
CA VAL F 90 20.87 10.37 33.86
C VAL F 90 21.74 10.80 35.06
N GLN F 91 21.11 11.39 36.12
CA GLN F 91 21.80 11.85 37.33
C GLN F 91 22.37 10.66 38.13
N PHE F 92 21.75 9.46 37.99
CA PHE F 92 22.20 8.20 38.63
C PHE F 92 23.54 7.72 38.04
N GLY F 93 23.81 8.07 36.78
CA GLY F 93 25.04 7.72 36.07
C GLY F 93 24.89 6.69 34.96
N VAL F 94 23.64 6.49 34.50
CA VAL F 94 23.30 5.57 33.40
C VAL F 94 23.94 6.12 32.10
N ASN F 95 24.45 5.22 31.22
CA ASN F 95 25.09 5.56 29.93
C ASN F 95 24.13 6.40 29.09
N VAL F 96 24.48 7.69 28.93
CA VAL F 96 23.69 8.69 28.21
C VAL F 96 23.81 8.50 26.68
N ASN F 97 24.83 7.73 26.21
CA ASN F 97 25.11 7.51 24.78
C ASN F 97 24.91 6.06 24.33
N ALA F 98 24.10 5.29 25.07
CA ALA F 98 23.80 3.88 24.76
C ALA F 98 23.06 3.77 23.43
N ALA F 99 23.59 2.95 22.50
CA ALA F 99 23.07 2.82 21.14
C ALA F 99 22.34 1.51 20.94
N ASP F 100 21.11 1.58 20.42
CA ASP F 100 20.31 0.38 20.21
C ASP F 100 20.82 -0.40 18.99
N SER F 101 20.10 -1.46 18.58
CA SER F 101 20.42 -2.33 17.44
C SER F 101 20.54 -1.54 16.13
N ASP F 102 19.91 -0.35 16.06
CA ASP F 102 19.90 0.51 14.88
C ASP F 102 20.76 1.77 15.08
N GLY F 103 21.41 1.93 16.23
CA GLY F 103 22.32 3.04 16.47
C GLY F 103 21.76 4.25 17.19
N TRP F 104 20.49 4.16 17.55
CA TRP F 104 19.75 5.20 18.24
C TRP F 104 20.21 5.33 19.68
N THR F 105 20.64 6.52 20.04
CA THR F 105 21.01 6.92 21.39
C THR F 105 19.80 7.64 22.03
N PRO F 106 19.76 7.88 23.36
CA PRO F 106 18.64 8.65 23.94
C PRO F 106 18.47 10.04 23.31
N LEU F 107 19.58 10.69 22.86
CA LEU F 107 19.51 12.00 22.17
C LEU F 107 18.74 11.89 20.84
N HIS F 108 18.92 10.79 20.09
CA HIS F 108 18.15 10.55 18.86
C HIS F 108 16.68 10.42 19.19
N CYS F 109 16.38 9.73 20.31
CA CYS F 109 15.01 9.48 20.78
C CYS F 109 14.34 10.76 21.23
N ALA F 110 15.04 11.61 22.01
CA ALA F 110 14.51 12.91 22.46
C ALA F 110 14.23 13.82 21.26
N ALA F 111 15.14 13.85 20.28
CA ALA F 111 15.01 14.63 19.05
C ALA F 111 13.79 14.16 18.25
N SER F 112 13.60 12.83 18.06
CA SER F 112 12.43 12.30 17.31
C SER F 112 11.09 12.72 17.94
N CYS F 113 11.09 13.09 19.23
CA CYS F 113 9.92 13.57 19.97
C CYS F 113 9.83 15.12 19.90
N ASN F 114 10.87 15.80 19.36
CA ASN F 114 11.08 17.25 19.29
C ASN F 114 11.07 17.83 20.73
N ASN F 115 11.74 17.10 21.66
CA ASN F 115 11.79 17.48 23.06
C ASN F 115 13.04 18.28 23.37
N VAL F 116 13.00 19.57 23.01
CA VAL F 116 14.11 20.52 23.13
C VAL F 116 14.59 20.65 24.61
N GLN F 117 13.71 20.45 25.58
CA GLN F 117 14.09 20.53 27.00
C GLN F 117 14.94 19.32 27.41
N VAL F 118 14.55 18.10 26.98
CA VAL F 118 15.27 16.86 27.25
C VAL F 118 16.61 16.88 26.46
N CYS F 119 16.58 17.30 25.16
CA CYS F 119 17.78 17.43 24.32
C CYS F 119 18.81 18.31 25.00
N LYS F 120 18.40 19.51 25.47
CA LYS F 120 19.28 20.45 26.20
C LYS F 120 19.88 19.79 27.44
N PHE F 121 19.04 19.08 28.24
CA PHE F 121 19.47 18.37 29.44
C PHE F 121 20.48 17.27 29.11
N LEU F 122 20.17 16.39 28.11
CA LEU F 122 21.06 15.31 27.69
C LEU F 122 22.40 15.84 27.18
N VAL F 123 22.40 16.95 26.40
CA VAL F 123 23.62 17.59 25.87
C VAL F 123 24.49 18.05 27.05
N GLU F 124 23.85 18.62 28.08
CA GLU F 124 24.49 19.11 29.31
C GLU F 124 24.98 17.97 30.20
N SER F 125 24.53 16.74 29.90
CA SER F 125 24.85 15.52 30.64
C SER F 125 25.79 14.60 29.85
N GLY F 126 26.53 15.16 28.88
CA GLY F 126 27.50 14.45 28.06
C GLY F 126 27.00 13.65 26.87
N ALA F 127 25.88 14.08 26.24
CA ALA F 127 25.38 13.37 25.05
C ALA F 127 26.27 13.58 23.84
N ALA F 128 26.47 12.51 23.03
CA ALA F 128 27.29 12.53 21.83
C ALA F 128 26.48 13.14 20.72
N VAL F 129 26.74 14.42 20.48
CA VAL F 129 26.07 15.28 19.48
C VAL F 129 26.14 14.67 18.08
N PHE F 130 27.31 14.16 17.68
CA PHE F 130 27.56 13.63 16.34
C PHE F 130 27.41 12.12 16.20
N ALA F 131 26.81 11.44 17.20
CA ALA F 131 26.55 10.01 17.14
C ALA F 131 25.55 9.75 16.02
N MET F 132 25.83 8.74 15.19
CA MET F 132 24.98 8.43 14.05
C MET F 132 24.26 7.10 14.15
N THR F 133 23.13 7.03 13.49
CA THR F 133 22.34 5.84 13.34
C THR F 133 23.14 4.92 12.38
N TYR F 134 22.86 3.61 12.37
CA TYR F 134 23.61 2.69 11.52
C TYR F 134 23.11 2.68 10.06
N SER F 135 21.80 2.39 9.81
CA SER F 135 21.19 2.31 8.48
C SER F 135 21.38 3.61 7.69
N ASP F 136 20.88 4.72 8.22
CA ASP F 136 21.10 6.03 7.64
C ASP F 136 22.01 6.79 8.60
N MET F 137 23.08 7.40 8.09
CA MET F 137 24.10 7.88 9.03
C MET F 137 23.69 9.24 9.59
N GLN F 138 22.55 9.24 10.30
CA GLN F 138 21.91 10.44 10.81
C GLN F 138 22.20 10.70 12.26
N THR F 139 22.51 11.97 12.57
CA THR F 139 22.68 12.47 13.94
C THR F 139 21.30 12.70 14.55
N ALA F 140 21.26 13.09 15.85
CA ALA F 140 20.01 13.37 16.57
C ALA F 140 19.20 14.46 15.88
N ALA F 141 19.86 15.59 15.48
CA ALA F 141 19.24 16.75 14.79
C ALA F 141 18.47 16.34 13.56
N ASP F 142 18.92 15.29 12.86
CA ASP F 142 18.28 14.78 11.64
C ASP F 142 16.98 14.02 11.94
N LYS F 143 16.81 13.56 13.19
CA LYS F 143 15.69 12.72 13.63
C LYS F 143 14.45 13.52 14.02
N CYS F 144 14.57 14.86 14.18
CA CYS F 144 13.45 15.74 14.50
C CYS F 144 12.33 15.58 13.47
N GLU F 145 11.07 15.60 13.94
CA GLU F 145 9.91 15.34 13.10
C GLU F 145 9.20 16.63 12.67
N GLU F 146 9.09 16.82 11.35
CA GLU F 146 8.46 17.98 10.72
C GLU F 146 6.99 18.08 11.13
N MET F 147 6.25 16.95 11.03
CA MET F 147 4.81 16.91 11.29
C MET F 147 4.46 17.06 12.78
N GLU F 148 5.44 16.95 13.69
CA GLU F 148 5.23 17.11 15.12
C GLU F 148 5.51 18.56 15.53
N GLU F 149 4.89 18.98 16.65
CA GLU F 149 5.05 20.29 17.24
C GLU F 149 6.43 20.43 17.85
N GLY F 150 6.96 21.65 17.84
CA GLY F 150 8.26 21.97 18.41
C GLY F 150 9.46 21.59 17.55
N TYR F 151 9.21 21.35 16.24
CA TYR F 151 10.25 20.98 15.26
C TYR F 151 11.35 22.05 15.14
N THR F 152 10.95 23.27 14.74
CA THR F 152 11.80 24.44 14.50
C THR F 152 12.69 24.67 15.70
N GLN F 153 12.12 24.72 16.91
CA GLN F 153 12.90 24.96 18.13
C GLN F 153 13.86 23.81 18.45
N CYS F 154 13.47 22.56 18.24
CA CYS F 154 14.34 21.43 18.56
C CYS F 154 15.44 21.24 17.53
N SER F 155 15.10 21.24 16.22
CA SER F 155 16.09 21.06 15.16
C SER F 155 17.10 22.23 15.13
N GLN F 156 16.63 23.47 15.32
CA GLN F 156 17.50 24.64 15.34
C GLN F 156 18.43 24.61 16.54
N PHE F 157 18.01 23.99 17.65
CA PHE F 157 18.86 23.88 18.83
C PHE F 157 19.97 22.87 18.57
N LEU F 158 19.59 21.69 18.05
CA LEU F 158 20.54 20.60 17.79
C LEU F 158 21.49 20.93 16.67
N TYR F 159 21.01 21.50 15.55
CA TYR F 159 21.89 21.92 14.44
C TYR F 159 22.79 23.05 14.90
N GLY F 160 22.33 23.87 15.83
CA GLY F 160 23.08 24.97 16.42
C GLY F 160 24.32 24.45 17.15
N VAL F 161 24.13 23.44 18.02
CA VAL F 161 25.20 22.77 18.78
C VAL F 161 26.20 22.11 17.80
N GLN F 162 25.69 21.45 16.75
CA GLN F 162 26.52 20.83 15.72
C GLN F 162 27.37 21.85 14.97
N GLU F 163 26.85 23.07 14.78
CA GLU F 163 27.52 24.18 14.08
C GLU F 163 28.44 25.00 14.99
N LYS F 164 28.03 25.23 16.25
CA LYS F 164 28.78 26.04 17.23
C LYS F 164 29.75 25.24 18.10
N MET F 165 29.69 23.89 18.10
CA MET F 165 30.59 23.05 18.95
C MET F 165 32.04 23.26 18.59
N GLY F 166 32.86 23.55 19.61
CA GLY F 166 34.28 23.80 19.40
C GLY F 166 34.58 25.25 19.00
N ILE F 167 33.54 26.10 18.97
CA ILE F 167 33.62 27.53 18.67
C ILE F 167 33.07 28.27 19.90
N MET F 168 31.85 27.94 20.32
CA MET F 168 31.20 28.48 21.51
C MET F 168 31.91 27.96 22.76
N ASN F 169 31.62 28.56 23.93
CA ASN F 169 32.23 28.27 25.23
C ASN F 169 33.78 28.28 25.16
N LYS F 170 34.34 29.22 24.36
CA LYS F 170 35.76 29.45 24.12
C LYS F 170 36.45 28.17 23.56
N GLY F 171 35.72 27.45 22.70
CA GLY F 171 36.17 26.22 22.04
C GLY F 171 36.36 25.02 22.96
N VAL F 172 35.82 25.10 24.19
CA VAL F 172 35.97 24.05 25.19
C VAL F 172 34.95 22.95 24.92
N ILE F 173 35.47 21.72 24.79
CA ILE F 173 34.69 20.48 24.59
C ILE F 173 35.25 19.42 25.55
N TYR F 174 34.59 18.27 25.64
CA TYR F 174 34.99 17.16 26.50
C TYR F 174 35.01 15.84 25.73
N ALA F 175 35.95 14.95 26.08
CA ALA F 175 36.01 13.62 25.50
C ALA F 175 34.95 12.75 26.20
N LEU F 176 34.11 12.06 25.41
CA LEU F 176 33.06 11.19 25.93
C LEU F 176 33.47 9.71 25.84
N TRP F 177 34.66 9.45 25.29
CA TRP F 177 35.26 8.12 25.14
C TRP F 177 36.77 8.23 25.15
N ASP F 178 37.45 7.12 25.48
CA ASP F 178 38.90 7.08 25.37
C ASP F 178 39.26 7.03 23.89
N TYR F 179 40.42 7.54 23.52
CA TYR F 179 40.86 7.49 22.14
C TYR F 179 42.35 7.20 22.09
N GLU F 180 42.74 6.08 21.45
CA GLU F 180 44.13 5.68 21.28
C GLU F 180 44.61 6.15 19.89
N PRO F 181 45.57 7.11 19.79
CA PRO F 181 46.00 7.60 18.47
C PRO F 181 46.56 6.54 17.53
N GLN F 182 46.32 6.70 16.23
CA GLN F 182 46.79 5.79 15.19
C GLN F 182 47.90 6.45 14.38
N ASN F 183 48.06 7.77 14.50
CA ASN F 183 49.07 8.57 13.82
C ASN F 183 49.71 9.57 14.79
N ASP F 184 50.95 10.00 14.47
CA ASP F 184 51.77 10.92 15.28
C ASP F 184 51.09 12.26 15.61
N ASP F 185 50.29 12.81 14.66
CA ASP F 185 49.61 14.09 14.79
C ASP F 185 48.23 13.99 15.46
N GLU F 186 48.00 12.92 16.25
CA GLU F 186 46.71 12.72 16.91
C GLU F 186 46.85 12.71 18.42
N LEU F 187 45.87 13.34 19.11
CA LEU F 187 45.87 13.44 20.57
C LEU F 187 45.22 12.26 21.27
N PRO F 188 45.90 11.68 22.29
CA PRO F 188 45.23 10.63 23.07
C PRO F 188 44.19 11.25 23.96
N MET F 189 43.08 10.55 24.20
CA MET F 189 42.01 11.08 25.04
C MET F 189 41.58 10.07 26.05
N LYS F 190 41.05 10.57 27.16
CA LYS F 190 40.47 9.76 28.24
C LYS F 190 39.09 10.33 28.52
N GLU F 191 38.08 9.49 28.71
CA GLU F 191 36.72 9.95 29.00
C GLU F 191 36.74 11.02 30.10
N GLY F 192 36.08 12.14 29.84
CA GLY F 192 36.01 13.26 30.75
C GLY F 192 37.03 14.36 30.46
N ASP F 193 38.11 14.04 29.71
CA ASP F 193 39.17 14.98 29.35
C ASP F 193 38.62 16.25 28.77
N CYS F 194 39.07 17.39 29.27
CA CYS F 194 38.64 18.70 28.84
C CYS F 194 39.72 19.30 27.95
N MET F 195 39.35 19.72 26.73
CA MET F 195 40.32 20.31 25.81
C MET F 195 39.70 21.47 25.04
N THR F 196 40.53 22.27 24.36
CA THR F 196 40.11 23.44 23.60
C THR F 196 40.32 23.16 22.11
N ILE F 197 39.34 23.53 21.27
CA ILE F 197 39.42 23.34 19.83
C ILE F 197 40.07 24.57 19.22
N ILE F 198 41.20 24.35 18.52
CA ILE F 198 41.97 25.38 17.83
C ILE F 198 41.34 25.58 16.44
N HIS F 199 41.18 24.49 15.67
CA HIS F 199 40.59 24.52 14.33
C HIS F 199 39.63 23.35 14.10
N ARG F 200 38.49 23.62 13.43
CA ARG F 200 37.49 22.61 13.07
C ARG F 200 37.76 22.05 11.68
N GLU F 201 38.27 22.91 10.76
CA GLU F 201 38.62 22.56 9.37
C GLU F 201 37.47 21.79 8.71
N ASP F 202 36.29 22.43 8.65
CA ASP F 202 35.05 21.88 8.09
C ASP F 202 35.14 21.60 6.57
N GLU F 203 36.21 22.06 5.90
CA GLU F 203 36.41 21.84 4.47
C GLU F 203 37.23 20.55 4.24
N ASP F 204 38.40 20.43 4.92
CA ASP F 204 39.34 19.30 4.81
C ASP F 204 39.26 18.41 6.07
N GLU F 205 38.68 17.19 5.92
CA GLU F 205 38.46 16.18 6.98
C GLU F 205 37.54 16.78 8.06
N ILE F 206 36.24 16.77 7.74
CA ILE F 206 35.11 17.32 8.50
C ILE F 206 34.96 16.69 9.90
N GLU F 207 35.28 15.41 10.01
CA GLU F 207 35.10 14.62 11.23
C GLU F 207 36.30 14.72 12.19
N TRP F 208 37.39 15.43 11.76
CA TRP F 208 38.63 15.59 12.52
C TRP F 208 38.90 17.07 12.80
N TRP F 209 38.89 17.43 14.10
CA TRP F 209 39.17 18.79 14.57
C TRP F 209 40.56 18.89 15.25
N TRP F 210 41.35 19.95 14.94
CA TRP F 210 42.64 20.23 15.61
C TRP F 210 42.37 20.80 17.03
N ALA F 211 42.80 20.10 18.09
CA ALA F 211 42.56 20.53 19.47
C ALA F 211 43.85 20.70 20.29
N ARG F 212 43.70 21.04 21.60
CA ARG F 212 44.77 21.24 22.57
C ARG F 212 44.35 20.67 23.92
N LEU F 213 45.08 19.65 24.38
CA LEU F 213 44.85 18.99 25.68
C LEU F 213 46.13 19.13 26.49
N ASN F 214 46.02 19.82 27.67
CA ASN F 214 47.12 20.17 28.57
C ASN F 214 48.13 21.01 27.77
N ASP F 215 49.34 20.48 27.48
CA ASP F 215 50.35 21.21 26.70
C ASP F 215 50.39 20.79 25.23
N LYS F 216 50.06 19.51 24.94
CA LYS F 216 50.07 18.90 23.59
C LYS F 216 48.91 19.39 22.70
N GLU F 217 49.12 19.39 21.37
CA GLU F 217 48.21 19.86 20.32
C GLU F 217 48.12 18.89 19.09
N GLY F 218 46.90 18.46 18.74
CA GLY F 218 46.68 17.57 17.60
C GLY F 218 45.25 17.18 17.30
N TYR F 219 45.06 16.43 16.18
CA TYR F 219 43.77 15.94 15.68
C TYR F 219 43.07 14.94 16.56
N VAL F 220 41.75 15.21 16.84
CA VAL F 220 40.85 14.35 17.61
C VAL F 220 39.54 14.05 16.79
N PRO F 221 38.84 12.91 17.01
CA PRO F 221 37.63 12.64 16.21
C PRO F 221 36.40 13.33 16.83
N ARG F 222 35.70 14.22 16.07
CA ARG F 222 34.58 15.02 16.61
C ARG F 222 33.40 14.20 17.09
N ASN F 223 33.26 12.96 16.60
CA ASN F 223 32.21 11.99 16.92
C ASN F 223 32.21 11.67 18.41
N LEU F 224 33.41 11.57 18.99
CA LEU F 224 33.72 11.16 20.35
C LEU F 224 33.64 12.30 21.36
N LEU F 225 33.34 13.53 20.90
CA LEU F 225 33.32 14.74 21.71
C LEU F 225 31.92 15.29 22.03
N GLY F 226 31.84 15.92 23.19
CA GLY F 226 30.64 16.56 23.72
C GLY F 226 30.91 17.96 24.21
N LEU F 227 29.87 18.78 24.28
CA LEU F 227 29.94 20.17 24.75
C LEU F 227 30.15 20.21 26.27
N TYR F 228 29.63 19.19 26.98
CA TYR F 228 29.72 18.98 28.43
C TYR F 228 30.13 17.53 28.71
N PRO F 229 30.76 17.19 29.86
CA PRO F 229 31.16 15.79 30.08
C PRO F 229 30.04 14.91 30.63
N ARG F 230 30.30 13.59 30.68
CA ARG F 230 29.36 12.59 31.19
C ARG F 230 29.20 12.71 32.70
N ILE F 231 28.09 12.18 33.24
CA ILE F 231 27.84 12.13 34.68
C ILE F 231 28.33 10.75 35.14
N LYS F 232 29.37 10.71 35.97
CA LYS F 232 29.94 9.46 36.47
C LYS F 232 29.02 8.84 37.54
N VAL G 4 -0.64 42.69 -13.89
CA VAL G 4 -0.29 43.23 -12.56
C VAL G 4 0.96 42.49 -12.05
N ILE G 5 2.03 43.26 -11.79
CA ILE G 5 3.31 42.75 -11.31
C ILE G 5 3.36 42.83 -9.78
N PRO G 6 3.79 41.74 -9.05
CA PRO G 6 3.85 41.83 -7.58
C PRO G 6 4.85 42.91 -7.13
N SER G 7 4.45 43.69 -6.16
CA SER G 7 5.24 44.79 -5.63
C SER G 7 6.31 44.26 -4.69
N ASN G 8 7.53 44.79 -4.77
CA ASN G 8 8.62 44.33 -3.94
C ASN G 8 9.16 45.41 -3.00
N THR G 9 8.64 46.66 -3.09
CA THR G 9 9.13 47.78 -2.27
C THR G 9 9.05 47.46 -0.77
N ASP G 10 10.16 47.72 -0.05
CA ASP G 10 10.25 47.53 1.39
C ASP G 10 9.23 48.41 2.07
N TYR G 11 8.51 47.86 3.05
CA TYR G 11 7.47 48.59 3.75
C TYR G 11 7.46 48.18 5.19
N PRO G 12 8.18 48.90 6.11
CA PRO G 12 8.17 48.49 7.53
C PRO G 12 6.77 48.43 8.13
N GLY G 13 5.91 49.36 7.74
CA GLY G 13 4.54 49.45 8.18
C GLY G 13 4.33 49.78 9.64
N PRO G 14 3.05 49.72 10.12
CA PRO G 14 2.74 50.09 11.51
C PRO G 14 3.38 49.24 12.60
N HIS G 15 3.82 48.00 12.29
CA HIS G 15 4.38 47.09 13.29
C HIS G 15 5.90 46.96 13.17
N HIS G 16 6.54 47.84 12.36
CA HIS G 16 7.98 47.87 12.10
C HIS G 16 8.48 46.47 11.79
N PHE G 17 7.94 45.91 10.69
CA PHE G 17 8.18 44.57 10.21
C PHE G 17 9.59 44.44 9.64
N GLU G 18 10.43 43.60 10.30
CA GLU G 18 11.80 43.35 9.89
C GLU G 18 12.03 41.89 9.57
N VAL G 19 12.82 41.63 8.50
CA VAL G 19 13.26 40.29 8.03
C VAL G 19 14.78 40.26 8.13
N THR G 20 15.33 39.43 9.04
CA THR G 20 16.79 39.36 9.25
C THR G 20 17.27 37.93 9.26
N PHE G 21 18.62 37.77 9.24
CA PHE G 21 19.31 36.48 9.18
C PHE G 21 20.37 36.41 10.25
N GLN G 22 20.37 35.35 11.05
CA GLN G 22 21.37 35.03 12.08
C GLN G 22 22.78 35.03 11.44
N GLN G 23 23.86 35.24 12.25
CA GLN G 23 25.26 35.25 11.76
C GLN G 23 25.49 34.10 10.76
N SER G 24 25.53 34.45 9.48
CA SER G 24 25.69 33.46 8.41
C SER G 24 27.16 33.27 8.11
N SER G 25 27.62 32.00 8.20
CA SER G 25 28.99 31.59 7.96
C SER G 25 29.52 32.14 6.64
N THR G 26 30.71 32.75 6.69
CA THR G 26 31.39 33.32 5.52
C THR G 26 32.14 32.16 4.79
N ALA G 27 32.21 30.97 5.44
CA ALA G 27 32.84 29.74 5.00
C ALA G 27 32.31 29.23 3.66
N LYS G 28 33.15 28.53 2.89
CA LYS G 28 32.77 27.94 1.60
C LYS G 28 31.90 26.69 1.82
N SER G 29 31.99 26.08 3.03
CA SER G 29 31.25 24.91 3.48
C SER G 29 29.76 25.23 3.80
N ALA G 30 29.45 26.51 4.10
CA ALA G 30 28.11 27.01 4.43
C ALA G 30 27.07 26.61 3.39
N THR G 31 25.93 26.12 3.87
CA THR G 31 24.80 25.66 3.02
C THR G 31 23.96 26.86 2.55
N TRP G 32 24.09 27.98 3.30
CA TRP G 32 23.46 29.26 3.00
C TRP G 32 24.28 30.38 3.64
N THR G 33 24.18 31.58 3.06
CA THR G 33 24.81 32.80 3.54
C THR G 33 24.00 34.00 3.03
N TYR G 34 23.88 35.02 3.86
CA TYR G 34 23.16 36.25 3.53
C TYR G 34 24.13 37.39 3.46
N SER G 35 24.06 38.17 2.39
CA SER G 35 24.91 39.32 2.21
C SER G 35 24.15 40.60 2.54
N PRO G 36 24.39 41.22 3.75
CA PRO G 36 23.76 42.51 4.06
C PRO G 36 24.14 43.62 3.10
N LEU G 37 25.40 43.60 2.58
CA LEU G 37 25.90 44.55 1.60
C LEU G 37 25.05 44.53 0.33
N LEU G 38 24.72 43.32 -0.16
CA LEU G 38 24.00 43.21 -1.43
C LEU G 38 22.52 42.94 -1.26
N LYS G 39 22.04 42.72 0.00
CA LYS G 39 20.64 42.34 0.31
C LYS G 39 20.32 41.13 -0.54
N LYS G 40 21.21 40.11 -0.44
CA LYS G 40 21.19 38.92 -1.29
C LYS G 40 21.41 37.69 -0.48
N LEU G 41 20.54 36.69 -0.70
CA LEU G 41 20.61 35.39 -0.04
C LEU G 41 21.10 34.38 -1.00
N TYR G 42 22.09 33.61 -0.54
CA TYR G 42 22.73 32.53 -1.27
C TYR G 42 22.41 31.24 -0.57
N CYS G 43 21.88 30.26 -1.31
CA CYS G 43 21.45 29.02 -0.68
C CYS G 43 21.74 27.83 -1.56
N GLN G 44 21.90 26.67 -0.93
CA GLN G 44 22.04 25.41 -1.66
C GLN G 44 20.67 24.83 -1.85
N ILE G 45 20.40 24.17 -2.98
CA ILE G 45 19.11 23.56 -3.31
C ILE G 45 18.61 22.68 -2.16
N ALA G 46 17.31 22.81 -1.83
CA ALA G 46 16.57 22.01 -0.86
C ALA G 46 17.16 21.99 0.56
N LYS G 47 18.00 22.97 0.94
CA LYS G 47 18.56 23.02 2.31
C LYS G 47 17.80 24.04 3.14
N THR G 48 17.81 23.88 4.45
CA THR G 48 17.10 24.74 5.40
C THR G 48 17.71 26.10 5.51
N CYS G 49 16.86 27.12 5.37
CA CYS G 49 17.31 28.50 5.53
CA CYS G 49 17.20 28.55 5.48
C CYS G 49 16.44 29.19 6.60
N PRO G 50 16.98 29.37 7.81
CA PRO G 50 16.21 30.05 8.85
C PRO G 50 16.19 31.57 8.66
N ILE G 51 15.01 32.13 8.46
CA ILE G 51 14.77 33.56 8.31
C ILE G 51 14.07 34.07 9.59
N GLN G 52 14.38 35.30 10.05
CA GLN G 52 13.88 35.84 11.32
C GLN G 52 13.00 37.07 11.12
N ILE G 53 11.87 37.05 11.82
CA ILE G 53 10.80 38.03 11.77
C ILE G 53 10.81 38.78 13.03
N LYS G 54 10.70 40.10 12.88
CA LYS G 54 10.61 40.95 14.04
C LYS G 54 9.55 42.02 13.80
N VAL G 55 8.77 42.30 14.86
CA VAL G 55 7.72 43.34 14.90
C VAL G 55 7.88 44.11 16.22
N SER G 56 7.53 45.40 16.24
CA SER G 56 7.64 46.22 17.45
C SER G 56 6.45 46.01 18.36
N THR G 57 5.26 45.85 17.76
CA THR G 57 3.98 45.59 18.43
C THR G 57 3.31 44.39 17.77
N PRO G 58 2.50 43.60 18.50
CA PRO G 58 1.84 42.44 17.86
C PRO G 58 0.88 42.85 16.75
N PRO G 59 0.89 42.19 15.58
CA PRO G 59 -0.07 42.58 14.53
C PRO G 59 -1.49 42.06 14.86
N PRO G 60 -2.57 42.47 14.12
CA PRO G 60 -3.94 42.00 14.47
C PRO G 60 -4.15 40.49 14.36
N PRO G 61 -5.21 39.90 14.97
CA PRO G 61 -5.41 38.44 14.85
C PRO G 61 -5.67 38.02 13.41
N GLY G 62 -5.12 36.87 13.01
CA GLY G 62 -5.28 36.35 11.65
C GLY G 62 -4.27 36.87 10.65
N THR G 63 -3.24 37.55 11.14
CA THR G 63 -2.14 38.08 10.33
C THR G 63 -1.27 36.91 9.84
N ALA G 64 -0.91 36.96 8.55
CA ALA G 64 -0.10 35.94 7.93
C ALA G 64 1.18 36.52 7.32
N ILE G 65 2.16 35.65 7.04
CA ILE G 65 3.43 35.97 6.42
C ILE G 65 3.50 35.17 5.12
N ARG G 66 3.52 35.84 3.97
CA ARG G 66 3.66 35.20 2.64
C ARG G 66 5.08 35.34 2.10
N ALA G 67 5.54 34.36 1.32
CA ALA G 67 6.84 34.33 0.65
C ALA G 67 6.62 33.91 -0.77
N MET G 68 6.87 34.83 -1.71
CA MET G 68 6.67 34.63 -3.13
C MET G 68 7.99 34.96 -3.92
N PRO G 69 8.41 34.08 -4.84
CA PRO G 69 9.58 34.43 -5.64
C PRO G 69 9.14 35.19 -6.89
N VAL G 70 9.92 36.18 -7.35
CA VAL G 70 9.58 36.96 -8.56
C VAL G 70 10.87 37.17 -9.33
N TYR G 71 10.84 37.15 -10.69
CA TYR G 71 12.05 37.45 -11.47
C TYR G 71 12.42 38.92 -11.28
N LYS G 72 13.71 39.20 -11.04
CA LYS G 72 14.25 40.53 -10.73
C LYS G 72 14.26 41.50 -11.94
N LYS G 73 14.75 41.05 -13.09
CA LYS G 73 14.85 41.90 -14.29
C LYS G 73 13.49 42.10 -14.94
N ALA G 74 13.26 43.33 -15.44
CA ALA G 74 12.03 43.80 -16.08
C ALA G 74 11.61 42.96 -17.28
N GLU G 75 12.56 42.37 -18.01
CA GLU G 75 12.25 41.56 -19.18
C GLU G 75 11.74 40.15 -18.80
N HIS G 76 11.83 39.75 -17.50
CA HIS G 76 11.36 38.42 -17.05
C HIS G 76 10.26 38.48 -15.99
N VAL G 77 9.92 39.68 -15.50
CA VAL G 77 9.00 39.89 -14.39
C VAL G 77 7.56 39.31 -14.63
N THR G 78 7.05 39.22 -15.87
CA THR G 78 5.69 38.69 -16.11
C THR G 78 5.63 37.16 -16.00
N ASP G 79 6.78 36.47 -16.11
CA ASP G 79 6.91 35.03 -15.98
C ASP G 79 6.83 34.62 -14.53
N VAL G 80 6.01 33.61 -14.21
CA VAL G 80 5.83 33.07 -12.86
C VAL G 80 7.08 32.22 -12.51
N VAL G 81 7.60 32.43 -11.29
CA VAL G 81 8.73 31.64 -10.82
C VAL G 81 8.19 30.33 -10.28
N LYS G 82 8.63 29.21 -10.92
CA LYS G 82 8.24 27.83 -10.62
C LYS G 82 9.47 26.91 -10.68
N ARG G 83 9.27 25.60 -10.38
CA ARG G 83 10.34 24.62 -10.45
C ARG G 83 10.48 24.19 -11.86
N CYS G 84 11.66 23.74 -12.26
CA CYS G 84 11.90 23.28 -13.63
C CYS G 84 11.16 21.94 -13.83
N PRO G 85 10.80 21.60 -15.08
CA PRO G 85 10.10 20.32 -15.29
C PRO G 85 10.78 19.14 -14.59
N ASN G 86 12.12 19.03 -14.72
CA ASN G 86 12.92 17.95 -14.19
C ASN G 86 12.80 17.79 -12.69
N HIS G 87 12.95 18.85 -11.88
CA HIS G 87 12.84 18.70 -10.42
C HIS G 87 11.40 18.46 -10.01
N GLU G 88 10.44 18.97 -10.80
CA GLU G 88 9.02 18.78 -10.53
C GLU G 88 8.63 17.30 -10.65
N LEU G 89 9.00 16.63 -11.76
CA LEU G 89 8.70 15.23 -12.02
C LEU G 89 9.56 14.23 -11.20
N GLY G 90 10.68 14.70 -10.67
CA GLY G 90 11.60 13.87 -9.91
C GLY G 90 11.04 13.36 -8.61
N ARG G 91 11.61 12.26 -8.15
CA ARG G 91 11.19 11.59 -6.93
C ARG G 91 11.75 12.31 -5.71
N ASP G 92 13.04 12.71 -5.78
CA ASP G 92 13.76 13.38 -4.69
C ASP G 92 13.06 14.66 -4.23
N PHE G 93 12.76 14.73 -2.92
CA PHE G 93 12.12 15.83 -2.19
C PHE G 93 10.66 16.03 -2.58
N ASN G 94 10.08 15.04 -3.27
CA ASN G 94 8.69 15.11 -3.72
C ASN G 94 7.86 13.95 -3.18
N GLU G 95 8.54 12.89 -2.70
CA GLU G 95 7.92 11.69 -2.15
C GLU G 95 7.53 11.90 -0.68
N GLY G 96 6.23 11.91 -0.40
CA GLY G 96 5.66 12.12 0.93
C GLY G 96 5.84 13.52 1.46
N GLN G 97 5.49 14.54 0.62
CA GLN G 97 5.61 15.97 0.94
C GLN G 97 4.29 16.71 0.80
N SER G 98 4.01 17.66 1.73
CA SER G 98 2.82 18.53 1.76
C SER G 98 2.79 19.52 0.58
N ALA G 99 3.97 20.00 0.16
CA ALA G 99 4.10 21.02 -0.87
C ALA G 99 3.86 20.49 -2.27
N PRO G 100 3.13 21.21 -3.14
CA PRO G 100 3.03 20.78 -4.54
C PRO G 100 4.43 20.70 -5.14
N ALA G 101 4.66 19.75 -6.05
CA ALA G 101 5.96 19.55 -6.66
C ALA G 101 6.46 20.75 -7.51
N SER G 102 5.58 21.70 -7.86
CA SER G 102 5.94 22.84 -8.73
C SER G 102 6.42 24.08 -7.95
N HIS G 103 6.16 24.15 -6.63
CA HIS G 103 6.51 25.29 -5.80
C HIS G 103 7.98 25.36 -5.53
N LEU G 104 8.61 26.55 -5.78
CA LEU G 104 10.03 26.79 -5.53
C LEU G 104 10.28 26.97 -4.03
N ILE G 105 9.47 27.78 -3.34
CA ILE G 105 9.66 28.03 -1.91
C ILE G 105 8.74 27.10 -1.10
N ARG G 106 9.34 26.43 -0.11
CA ARG G 106 8.67 25.60 0.86
C ARG G 106 8.92 26.11 2.27
N VAL G 107 8.01 25.85 3.19
CA VAL G 107 8.18 26.14 4.62
C VAL G 107 8.44 24.78 5.25
N GLU G 108 9.43 24.68 6.11
CA GLU G 108 9.78 23.44 6.76
C GLU G 108 9.33 23.46 8.20
N GLY G 109 8.68 22.38 8.63
CA GLY G 109 8.21 22.18 10.01
C GLY G 109 7.14 23.11 10.51
N ASN G 110 6.10 23.36 9.71
CA ASN G 110 4.95 24.17 10.13
C ASN G 110 3.70 23.54 9.51
N ASN G 111 2.84 22.95 10.37
CA ASN G 111 1.60 22.26 9.98
C ASN G 111 0.54 23.21 9.48
N LEU G 112 0.72 24.51 9.75
CA LEU G 112 -0.26 25.49 9.33
C LEU G 112 0.14 26.21 8.00
N SER G 113 1.21 25.78 7.33
CA SER G 113 1.62 26.44 6.07
C SER G 113 0.64 26.15 4.98
N GLN G 114 0.43 27.11 4.05
CA GLN G 114 -0.50 26.99 2.94
C GLN G 114 0.19 27.31 1.63
N TYR G 115 0.08 26.41 0.63
CA TYR G 115 0.66 26.56 -0.67
C TYR G 115 -0.40 27.09 -1.60
N VAL G 116 -0.29 28.39 -1.93
CA VAL G 116 -1.22 29.13 -2.77
C VAL G 116 -0.79 29.12 -4.25
N ASP G 117 -1.73 28.87 -5.14
CA ASP G 117 -1.66 28.96 -6.60
C ASP G 117 -2.80 29.88 -6.99
N ASP G 118 -2.50 31.15 -7.28
CA ASP G 118 -3.52 32.12 -7.65
C ASP G 118 -4.20 31.71 -8.96
N PRO G 119 -5.55 31.58 -8.98
CA PRO G 119 -6.22 31.14 -10.22
C PRO G 119 -6.23 32.19 -11.33
N VAL G 120 -6.01 33.48 -11.00
CA VAL G 120 -6.01 34.55 -11.99
C VAL G 120 -4.61 34.81 -12.54
N THR G 121 -3.64 35.14 -11.65
CA THR G 121 -2.24 35.50 -11.97
C THR G 121 -1.35 34.29 -12.22
N GLY G 122 -1.68 33.15 -11.61
CA GLY G 122 -0.90 31.93 -11.72
C GLY G 122 0.27 31.89 -10.75
N ARG G 123 0.41 32.93 -9.89
CA ARG G 123 1.50 33.08 -8.94
C ARG G 123 1.43 32.09 -7.83
N GLN G 124 2.59 31.46 -7.53
CA GLN G 124 2.75 30.48 -6.47
C GLN G 124 3.47 31.15 -5.33
N SER G 125 2.99 30.89 -4.12
CA SER G 125 3.54 31.42 -2.89
C SER G 125 3.18 30.47 -1.72
N VAL G 126 3.70 30.72 -0.52
CA VAL G 126 3.47 29.89 0.67
C VAL G 126 3.26 30.81 1.83
N VAL G 127 2.17 30.58 2.59
CA VAL G 127 1.74 31.47 3.69
C VAL G 127 1.72 30.71 5.00
N VAL G 128 2.17 31.35 6.06
CA VAL G 128 2.17 30.81 7.43
C VAL G 128 1.52 31.82 8.35
N PRO G 129 0.73 31.44 9.35
CA PRO G 129 0.19 32.45 10.27
C PRO G 129 1.29 33.16 11.04
N TYR G 130 1.08 34.43 11.44
CA TYR G 130 2.05 35.08 12.29
C TYR G 130 1.96 34.44 13.69
N GLU G 131 3.12 34.12 14.28
CA GLU G 131 3.22 33.57 15.63
C GLU G 131 4.23 34.42 16.40
N PRO G 132 3.92 34.86 17.63
CA PRO G 132 4.90 35.66 18.40
C PRO G 132 6.20 34.90 18.72
N PRO G 133 7.32 35.58 19.06
CA PRO G 133 8.53 34.84 19.47
C PRO G 133 8.30 33.99 20.73
N GLN G 134 9.23 33.08 21.06
CA GLN G 134 9.13 32.30 22.30
C GLN G 134 9.32 33.22 23.52
N VAL G 135 8.91 32.79 24.72
CA VAL G 135 9.07 33.58 25.95
C VAL G 135 10.57 33.91 26.14
N GLY G 136 10.88 35.20 26.23
CA GLY G 136 12.24 35.67 26.34
C GLY G 136 13.07 35.76 25.08
N THR G 137 12.44 36.12 23.97
CA THR G 137 13.08 36.13 22.68
C THR G 137 12.66 37.33 21.86
N GLU G 138 13.40 37.59 20.80
CA GLU G 138 13.25 38.79 19.99
C GLU G 138 12.59 38.51 18.65
N PHE G 139 12.88 37.34 18.08
CA PHE G 139 12.44 36.97 16.75
C PHE G 139 11.56 35.73 16.70
N THR G 140 10.81 35.63 15.59
CA THR G 140 10.01 34.51 15.14
C THR G 140 10.80 33.91 13.99
N THR G 141 11.12 32.63 14.04
CA THR G 141 11.90 31.99 12.98
C THR G 141 10.99 31.18 12.09
N ILE G 142 11.15 31.35 10.77
CA ILE G 142 10.47 30.58 9.73
C ILE G 142 11.57 29.86 8.97
N LEU G 143 11.46 28.54 8.82
CA LEU G 143 12.44 27.73 8.08
C LEU G 143 11.95 27.58 6.65
N TYR G 144 12.72 28.08 5.69
CA TYR G 144 12.42 28.06 4.26
C TYR G 144 13.34 27.13 3.51
N ASN G 145 12.93 26.72 2.30
CA ASN G 145 13.68 25.81 1.44
C ASN G 145 13.46 26.24 0.02
N PHE G 146 14.48 26.20 -0.84
CA PHE G 146 14.37 26.64 -2.25
C PHE G 146 14.70 25.44 -3.08
N MET G 147 13.74 25.00 -3.83
CA MET G 147 13.73 23.68 -4.45
C MET G 147 14.21 23.61 -5.89
N CYS G 148 15.02 24.54 -6.32
CA CYS G 148 15.63 24.57 -7.65
C CYS G 148 16.85 25.43 -7.64
N ASN G 149 17.83 25.13 -8.48
CA ASN G 149 19.00 26.00 -8.58
C ASN G 149 18.65 27.14 -9.51
N SER G 150 19.26 28.33 -9.36
CA SER G 150 19.04 29.48 -10.24
C SER G 150 19.33 29.15 -11.70
N SER G 151 20.23 28.21 -11.94
CA SER G 151 20.67 27.81 -13.28
C SER G 151 19.76 26.74 -13.95
N CYS G 152 18.84 26.06 -13.19
CA CYS G 152 17.94 25.00 -13.71
C CYS G 152 17.37 25.43 -15.05
N VAL G 153 17.63 24.67 -16.10
CA VAL G 153 17.12 24.90 -17.46
C VAL G 153 15.63 24.49 -17.46
N GLY G 154 14.78 25.39 -17.94
CA GLY G 154 13.33 25.18 -17.96
C GLY G 154 12.62 25.84 -16.79
N GLY G 155 13.38 26.12 -15.72
CA GLY G 155 12.92 26.80 -14.53
C GLY G 155 13.44 28.23 -14.55
N MET G 156 14.26 28.56 -13.55
CA MET G 156 14.83 29.91 -13.43
C MET G 156 15.72 30.20 -14.61
N ASN G 157 16.37 29.18 -15.14
CA ASN G 157 17.17 29.24 -16.36
C ASN G 157 18.19 30.43 -16.31
N ARG G 158 18.93 30.51 -15.20
CA ARG G 158 20.01 31.47 -14.91
C ARG G 158 19.51 32.89 -14.58
N ARG G 159 18.19 33.13 -14.68
CA ARG G 159 17.62 34.44 -14.37
C ARG G 159 17.61 34.74 -12.87
N PRO G 160 18.03 35.95 -12.43
CA PRO G 160 17.99 36.26 -11.00
C PRO G 160 16.56 36.45 -10.49
N ILE G 161 16.35 36.29 -9.15
CA ILE G 161 15.04 36.45 -8.55
C ILE G 161 15.07 37.28 -7.28
N LEU G 162 13.90 37.85 -6.94
CA LEU G 162 13.62 38.48 -5.68
C LEU G 162 12.71 37.55 -4.88
N ILE G 163 12.95 37.49 -3.57
CA ILE G 163 12.06 36.78 -2.63
C ILE G 163 11.36 37.89 -1.88
N ILE G 164 10.01 37.94 -1.96
CA ILE G 164 9.18 38.96 -1.34
C ILE G 164 8.48 38.38 -0.10
N ILE G 165 8.76 38.92 1.07
CA ILE G 165 8.13 38.49 2.32
C ILE G 165 7.13 39.58 2.71
N THR G 166 5.85 39.23 2.79
CA THR G 166 4.90 40.25 3.15
C THR G 166 4.06 39.82 4.32
N LEU G 167 3.90 40.71 5.30
CA LEU G 167 3.04 40.57 6.48
C LEU G 167 1.65 41.06 6.03
N GLU G 168 0.62 40.21 6.04
CA GLU G 168 -0.72 40.57 5.53
C GLU G 168 -1.82 40.33 6.52
N MET G 169 -2.92 41.07 6.34
CA MET G 169 -4.17 40.88 7.07
C MET G 169 -4.82 39.64 6.48
N ARG G 170 -5.81 39.08 7.19
CA ARG G 170 -6.56 37.90 6.75
C ARG G 170 -7.22 38.10 5.32
N ASP G 171 -7.62 39.34 4.99
CA ASP G 171 -8.23 39.75 3.71
C ASP G 171 -7.20 40.05 2.58
N GLY G 172 -5.90 40.00 2.87
CA GLY G 172 -4.84 40.27 1.89
C GLY G 172 -4.25 41.68 1.92
N GLN G 173 -4.81 42.59 2.77
CA GLN G 173 -4.30 43.96 2.92
C GLN G 173 -2.91 43.85 3.52
N VAL G 174 -1.95 44.62 2.99
CA VAL G 174 -0.55 44.63 3.37
C VAL G 174 -0.30 45.43 4.65
N LEU G 175 0.41 44.82 5.60
CA LEU G 175 0.83 45.43 6.87
C LEU G 175 2.36 45.72 6.90
N GLY G 176 3.10 44.95 6.12
CA GLY G 176 4.55 45.02 6.04
C GLY G 176 5.06 44.27 4.83
N ARG G 177 6.25 44.62 4.36
CA ARG G 177 6.92 43.98 3.21
C ARG G 177 8.41 44.22 3.26
N ARG G 178 9.17 43.17 2.96
CA ARG G 178 10.63 43.13 2.85
C ARG G 178 10.98 42.19 1.74
N SER G 179 11.87 42.60 0.85
CA SER G 179 12.30 41.77 -0.25
C SER G 179 13.83 41.74 -0.30
N PHE G 180 14.37 40.72 -0.99
CA PHE G 180 15.82 40.57 -1.13
C PHE G 180 16.06 39.72 -2.33
N GLU G 181 17.27 39.78 -2.89
CA GLU G 181 17.60 38.92 -4.00
C GLU G 181 17.90 37.50 -3.48
N GLY G 182 17.52 36.51 -4.26
CA GLY G 182 17.82 35.13 -3.92
C GLY G 182 18.70 34.50 -4.95
N ARG G 183 19.63 33.65 -4.53
CA ARG G 183 20.51 32.89 -5.42
C ARG G 183 20.65 31.48 -4.92
N ILE G 184 20.27 30.51 -5.75
CA ILE G 184 20.34 29.08 -5.37
C ILE G 184 21.41 28.50 -6.21
N CYS G 185 22.50 28.12 -5.55
CA CYS G 185 23.75 27.70 -6.19
C CYS G 185 24.47 26.61 -5.39
N ALA G 186 25.52 26.03 -5.98
CA ALA G 186 26.34 24.97 -5.40
C ALA G 186 27.26 25.47 -4.26
N CYS G 187 27.84 26.69 -4.39
CA CYS G 187 28.73 27.22 -3.35
CA CYS G 187 28.79 27.27 -3.45
C CYS G 187 28.30 28.64 -2.93
N PRO G 188 27.36 28.71 -1.95
CA PRO G 188 26.93 30.04 -1.44
C PRO G 188 28.07 30.98 -0.98
N GLY G 189 28.98 30.47 -0.16
CA GLY G 189 30.12 31.18 0.40
C GLY G 189 31.08 31.79 -0.60
N ARG G 190 31.39 31.03 -1.66
CA ARG G 190 32.30 31.48 -2.73
C ARG G 190 31.63 32.56 -3.55
N ASP G 191 30.37 32.32 -3.94
CA ASP G 191 29.57 33.24 -4.76
C ASP G 191 29.34 34.58 -4.04
N ARG G 192 29.14 34.57 -2.73
CA ARG G 192 28.95 35.78 -1.95
C ARG G 192 30.22 36.61 -2.01
N LYS G 193 31.37 36.03 -1.62
CA LYS G 193 32.71 36.66 -1.61
C LYS G 193 33.03 37.31 -2.94
N ALA G 194 32.89 36.58 -4.05
CA ALA G 194 33.13 37.08 -5.40
C ALA G 194 32.28 38.31 -5.73
N ASP G 195 30.97 38.26 -5.41
CA ASP G 195 29.98 39.30 -5.70
C ASP G 195 30.23 40.54 -4.88
N GLU G 196 30.52 40.36 -3.58
CA GLU G 196 30.84 41.44 -2.65
C GLU G 196 32.12 42.16 -3.10
N ASP G 197 33.17 41.42 -3.51
CA ASP G 197 34.45 41.99 -3.98
C ASP G 197 34.24 42.82 -5.24
N HIS G 198 33.43 42.32 -6.18
CA HIS G 198 33.15 43.02 -7.43
C HIS G 198 32.33 44.28 -7.20
N TYR G 199 31.41 44.24 -6.21
CA TYR G 199 30.54 45.37 -5.86
C TYR G 199 31.35 46.49 -5.20
N ARG G 200 32.23 46.16 -4.23
CA ARG G 200 33.07 47.13 -3.52
C ARG G 200 34.02 47.83 -4.49
N GLU G 201 34.53 47.12 -5.53
CA GLU G 201 35.40 47.70 -6.55
C GLU G 201 34.61 48.64 -7.46
N ALA G 202 33.50 48.16 -8.03
CA ALA G 202 32.67 48.92 -8.96
C ALA G 202 32.04 50.19 -8.35
N GLU G 203 31.74 50.15 -7.05
CA GLU G 203 31.05 51.21 -6.36
C GLU G 203 31.99 52.03 -5.46
N ASN G 204 33.32 51.80 -5.56
CA ASN G 204 34.34 52.54 -4.84
C ASN G 204 34.06 52.56 -3.33
N LEU G 205 33.72 51.40 -2.78
CA LEU G 205 33.40 51.28 -1.36
C LEU G 205 34.66 51.11 -0.57
N TYR G 206 34.82 51.91 0.48
CA TYR G 206 35.97 51.84 1.36
C TYR G 206 35.95 50.54 2.11
N PHE G 207 37.02 49.74 1.99
CA PHE G 207 37.17 48.46 2.68
C PHE G 207 38.63 48.24 3.05
N GLN G 208 38.87 47.79 4.31
CA GLN G 208 40.18 47.50 4.94
C GLN G 208 41.15 48.70 4.83
N LYS H 34 -11.26 -0.25 -36.56
CA LYS H 34 -10.47 0.35 -37.63
C LYS H 34 -8.99 -0.13 -37.58
N PHE H 35 -8.15 0.33 -38.54
CA PHE H 35 -6.76 -0.05 -38.67
C PHE H 35 -5.83 1.18 -38.65
N ASN H 36 -4.68 1.04 -37.94
CA ASN H 36 -3.64 2.06 -37.78
C ASN H 36 -2.31 1.56 -38.37
N PRO H 37 -1.77 2.19 -39.44
CA PRO H 37 -0.49 1.72 -40.01
C PRO H 37 0.69 1.85 -39.00
N LEU H 38 0.60 2.85 -38.08
CA LEU H 38 1.59 3.12 -37.03
C LEU H 38 1.67 1.96 -36.05
N ALA H 39 0.50 1.42 -35.64
CA ALA H 39 0.37 0.28 -34.74
C ALA H 39 1.06 -0.96 -35.32
N LEU H 40 1.06 -1.08 -36.67
CA LEU H 40 1.72 -2.17 -37.38
C LEU H 40 3.23 -1.98 -37.32
N LEU H 41 3.74 -0.74 -37.55
CA LEU H 41 5.17 -0.41 -37.48
C LEU H 41 5.73 -0.64 -36.07
N LEU H 42 4.94 -0.34 -35.03
CA LEU H 42 5.31 -0.54 -33.63
C LEU H 42 5.48 -2.04 -33.31
N ASP H 43 4.48 -2.87 -33.65
CA ASP H 43 4.50 -4.32 -33.42
C ASP H 43 5.53 -5.00 -34.34
N SER H 44 5.71 -4.44 -35.56
CA SER H 44 6.65 -4.89 -36.58
C SER H 44 8.08 -4.76 -36.07
N SER H 45 8.50 -3.51 -35.72
CA SER H 45 9.82 -3.16 -35.16
C SER H 45 10.17 -4.02 -33.92
N LEU H 46 9.17 -4.31 -33.05
CA LEU H 46 9.34 -5.14 -31.85
C LEU H 46 9.57 -6.63 -32.20
N GLU H 47 8.89 -7.14 -33.27
CA GLU H 47 8.96 -8.55 -33.67
C GLU H 47 10.23 -8.89 -34.49
N GLY H 48 10.74 -7.92 -35.25
CA GLY H 48 11.95 -8.13 -36.05
C GLY H 48 11.67 -8.36 -37.52
N GLU H 49 10.48 -7.96 -37.98
CA GLU H 49 9.99 -8.08 -39.35
C GLU H 49 10.52 -6.89 -40.18
N PHE H 50 11.83 -6.94 -40.50
CA PHE H 50 12.57 -5.91 -41.23
C PHE H 50 11.97 -5.59 -42.62
N ASP H 51 11.46 -6.61 -43.33
CA ASP H 51 10.86 -6.44 -44.67
C ASP H 51 9.52 -5.70 -44.56
N LEU H 52 8.70 -6.08 -43.56
CA LEU H 52 7.41 -5.43 -43.27
C LEU H 52 7.63 -3.96 -42.86
N VAL H 53 8.63 -3.68 -41.97
CA VAL H 53 9.01 -2.34 -41.49
C VAL H 53 9.35 -1.45 -42.70
N GLN H 54 10.21 -1.94 -43.63
CA GLN H 54 10.65 -1.24 -44.84
C GLN H 54 9.46 -0.86 -45.75
N ARG H 55 8.34 -1.61 -45.67
CA ARG H 55 7.13 -1.38 -46.45
C ARG H 55 6.17 -0.41 -45.73
N ILE H 56 5.69 -0.77 -44.52
CA ILE H 56 4.72 -0.01 -43.71
C ILE H 56 5.22 1.41 -43.33
N ILE H 57 6.55 1.68 -43.41
CA ILE H 57 7.18 2.98 -43.10
C ILE H 57 6.63 4.12 -43.98
N TYR H 58 6.29 3.84 -45.24
CA TYR H 58 5.79 4.84 -46.19
C TYR H 58 4.28 5.05 -46.07
N GLU H 59 3.57 4.11 -45.40
CA GLU H 59 2.13 4.16 -45.16
C GLU H 59 1.76 4.99 -43.92
N VAL H 60 2.75 5.27 -43.04
CA VAL H 60 2.54 6.02 -41.80
C VAL H 60 2.80 7.53 -42.04
N ASP H 61 1.93 8.37 -41.47
CA ASP H 61 1.99 9.83 -41.57
C ASP H 61 3.28 10.37 -40.92
N ASP H 62 3.59 9.89 -39.69
CA ASP H 62 4.79 10.25 -38.91
C ASP H 62 5.34 9.01 -38.21
N PRO H 63 6.51 8.47 -38.67
CA PRO H 63 7.07 7.26 -38.03
C PRO H 63 7.67 7.51 -36.63
N SER H 64 7.85 8.80 -36.26
CA SER H 64 8.41 9.24 -34.98
C SER H 64 7.33 9.41 -33.93
N LEU H 65 6.05 9.20 -34.30
CA LEU H 65 4.88 9.34 -33.42
C LEU H 65 4.75 8.12 -32.50
N PRO H 66 4.44 8.34 -31.21
CA PRO H 66 4.41 7.22 -30.26
C PRO H 66 3.03 6.63 -29.97
N ASN H 67 3.00 5.52 -29.22
CA ASN H 67 1.75 4.93 -28.76
C ASN H 67 1.30 5.71 -27.48
N ASP H 68 0.30 5.18 -26.75
CA ASP H 68 -0.23 5.84 -25.55
C ASP H 68 0.76 5.86 -24.37
N GLU H 69 1.77 4.95 -24.37
CA GLU H 69 2.78 4.86 -23.30
C GLU H 69 4.10 5.60 -23.68
N GLY H 70 4.07 6.36 -24.77
CA GLY H 70 5.20 7.13 -25.26
C GLY H 70 6.27 6.39 -26.08
N ILE H 71 6.07 5.07 -26.25
CA ILE H 71 6.97 4.18 -27.00
C ILE H 71 6.80 4.36 -28.53
N THR H 72 7.94 4.58 -29.23
CA THR H 72 7.99 4.74 -30.68
C THR H 72 8.53 3.44 -31.27
N ALA H 73 8.62 3.35 -32.61
CA ALA H 73 9.12 2.18 -33.32
C ALA H 73 10.59 1.93 -32.96
N LEU H 74 11.40 3.03 -32.87
CA LEU H 74 12.82 2.99 -32.52
C LEU H 74 13.04 2.40 -31.12
N HIS H 75 12.18 2.71 -30.12
CA HIS H 75 12.29 2.13 -28.77
C HIS H 75 12.21 0.62 -28.86
N ASN H 76 11.12 0.09 -29.49
CA ASN H 76 10.83 -1.34 -29.69
C ASN H 76 11.98 -2.03 -30.42
N ALA H 77 12.51 -1.41 -31.50
CA ALA H 77 13.64 -1.95 -32.27
C ALA H 77 14.84 -2.18 -31.35
N VAL H 78 15.23 -1.10 -30.62
CA VAL H 78 16.37 -1.06 -29.71
C VAL H 78 16.20 -2.06 -28.56
N CYS H 79 15.06 -2.04 -27.84
CA CYS H 79 14.75 -2.91 -26.71
C CYS H 79 14.81 -4.38 -27.07
N ALA H 80 14.25 -4.75 -28.25
CA ALA H 80 14.19 -6.13 -28.75
C ALA H 80 15.51 -6.54 -29.45
N GLY H 81 16.40 -5.58 -29.67
CA GLY H 81 17.72 -5.81 -30.24
C GLY H 81 17.81 -6.10 -31.72
N HIS H 82 16.95 -5.49 -32.54
CA HIS H 82 16.95 -5.68 -33.99
C HIS H 82 17.74 -4.55 -34.65
N THR H 83 19.08 -4.68 -34.61
CA THR H 83 20.08 -3.72 -35.09
C THR H 83 19.79 -3.21 -36.53
N GLU H 84 19.37 -4.12 -37.44
CA GLU H 84 19.07 -3.83 -38.84
C GLU H 84 17.94 -2.81 -38.96
N ILE H 85 16.87 -2.97 -38.14
CA ILE H 85 15.70 -2.08 -38.07
C ILE H 85 16.14 -0.74 -37.47
N VAL H 86 16.99 -0.77 -36.39
CA VAL H 86 17.55 0.39 -35.69
C VAL H 86 18.30 1.27 -36.71
N LYS H 87 19.24 0.69 -37.47
CA LYS H 87 20.03 1.41 -38.48
C LYS H 87 19.12 2.00 -39.57
N PHE H 88 18.06 1.25 -39.96
CA PHE H 88 17.08 1.67 -40.97
C PHE H 88 16.27 2.87 -40.48
N LEU H 89 15.57 2.71 -39.32
CA LEU H 89 14.73 3.76 -38.73
C LEU H 89 15.50 5.06 -38.49
N VAL H 90 16.74 4.97 -37.95
CA VAL H 90 17.58 6.13 -37.65
C VAL H 90 18.00 6.82 -38.96
N GLN H 91 18.45 6.05 -39.98
CA GLN H 91 18.88 6.59 -41.28
C GLN H 91 17.68 7.16 -42.05
N PHE H 92 16.45 6.69 -41.76
CA PHE H 92 15.21 7.18 -42.37
C PHE H 92 14.89 8.62 -41.90
N GLY H 93 15.34 8.98 -40.68
CA GLY H 93 15.15 10.30 -40.10
C GLY H 93 14.20 10.33 -38.91
N VAL H 94 13.92 9.16 -38.31
CA VAL H 94 13.06 9.00 -37.14
C VAL H 94 13.73 9.71 -35.94
N ASN H 95 12.93 10.34 -35.05
CA ASN H 95 13.40 11.07 -33.87
C ASN H 95 14.20 10.13 -32.98
N VAL H 96 15.53 10.36 -32.94
CA VAL H 96 16.51 9.56 -32.19
C VAL H 96 16.42 9.84 -30.66
N ASN H 97 15.78 10.96 -30.25
CA ASN H 97 15.69 11.40 -28.85
C ASN H 97 14.27 11.38 -28.29
N ALA H 98 13.38 10.59 -28.90
CA ALA H 98 11.97 10.42 -28.49
C ALA H 98 11.90 9.79 -27.11
N ALA H 99 11.22 10.46 -26.17
CA ALA H 99 11.12 10.07 -24.77
C ALA H 99 9.79 9.50 -24.44
N ASP H 100 9.76 8.34 -23.81
CA ASP H 100 8.49 7.71 -23.44
C ASP H 100 7.88 8.44 -22.22
N SER H 101 6.80 7.88 -21.67
CA SER H 101 6.06 8.43 -20.55
C SER H 101 6.95 8.61 -19.29
N ASP H 102 8.09 7.88 -19.21
CA ASP H 102 9.01 7.89 -18.07
C ASP H 102 10.34 8.58 -18.44
N GLY H 103 10.43 9.11 -19.66
CA GLY H 103 11.58 9.83 -20.17
C GLY H 103 12.67 9.02 -20.84
N TRP H 104 12.45 7.70 -21.01
CA TRP H 104 13.40 6.82 -21.67
C TRP H 104 13.51 7.14 -23.16
N THR H 105 14.73 7.44 -23.60
CA THR H 105 15.01 7.68 -25.02
C THR H 105 15.63 6.39 -25.58
N PRO H 106 15.74 6.18 -26.93
CA PRO H 106 16.36 4.94 -27.43
C PRO H 106 17.77 4.70 -26.85
N LEU H 107 18.55 5.79 -26.54
CA LEU H 107 19.89 5.67 -25.95
C LEU H 107 19.80 5.06 -24.55
N HIS H 108 18.78 5.39 -23.75
CA HIS H 108 18.56 4.77 -22.42
C HIS H 108 18.32 3.30 -22.58
N CYS H 109 17.50 2.92 -23.62
CA CYS H 109 17.14 1.53 -23.93
C CYS H 109 18.36 0.74 -24.39
N ALA H 110 19.19 1.30 -25.29
CA ALA H 110 20.42 0.65 -25.78
C ALA H 110 21.41 0.42 -24.60
N ALA H 111 21.55 1.43 -23.72
CA ALA H 111 22.39 1.36 -22.54
C ALA H 111 21.91 0.28 -21.57
N SER H 112 20.61 0.17 -21.28
CA SER H 112 20.06 -0.86 -20.38
C SER H 112 20.37 -2.30 -20.89
N CYS H 113 20.64 -2.44 -22.21
CA CYS H 113 20.98 -3.71 -22.87
C CYS H 113 22.49 -3.94 -22.87
N ASN H 114 23.28 -2.93 -22.46
CA ASN H 114 24.74 -2.93 -22.47
C ASN H 114 25.22 -3.10 -23.95
N ASN H 115 24.42 -2.53 -24.88
CA ASN H 115 24.69 -2.63 -26.30
C ASN H 115 25.52 -1.43 -26.74
N VAL H 116 26.85 -1.56 -26.62
CA VAL H 116 27.84 -0.52 -26.92
C VAL H 116 27.87 -0.17 -28.43
N GLN H 117 27.54 -1.13 -29.31
CA GLN H 117 27.54 -0.91 -30.76
C GLN H 117 26.38 0.01 -31.18
N VAL H 118 25.17 -0.23 -30.60
CA VAL H 118 23.97 0.58 -30.87
C VAL H 118 24.16 1.95 -30.23
N CYS H 119 24.68 2.02 -28.96
CA CYS H 119 24.98 3.28 -28.26
C CYS H 119 25.88 4.17 -29.10
N LYS H 120 26.98 3.61 -29.62
CA LYS H 120 27.94 4.33 -30.46
C LYS H 120 27.25 4.87 -31.72
N PHE H 121 26.42 4.02 -32.37
CA PHE H 121 25.68 4.40 -33.58
C PHE H 121 24.69 5.53 -33.29
N LEU H 122 23.87 5.41 -32.22
CA LEU H 122 22.88 6.42 -31.84
C LEU H 122 23.57 7.75 -31.50
N VAL H 123 24.72 7.72 -30.80
CA VAL H 123 25.50 8.91 -30.45
C VAL H 123 25.95 9.63 -31.73
N GLU H 124 26.38 8.84 -32.72
CA GLU H 124 26.84 9.32 -34.04
C GLU H 124 25.69 9.82 -34.90
N SER H 125 24.45 9.52 -34.48
CA SER H 125 23.21 9.90 -35.16
C SER H 125 22.43 11.00 -34.41
N GLY H 126 23.12 11.75 -33.56
CA GLY H 126 22.56 12.87 -32.79
C GLY H 126 21.81 12.54 -31.51
N ALA H 127 22.17 11.46 -30.81
CA ALA H 127 21.51 11.12 -29.54
C ALA H 127 21.90 12.11 -28.43
N ALA H 128 20.90 12.46 -27.58
CA ALA H 128 21.07 13.37 -26.45
C ALA H 128 21.68 12.61 -25.31
N VAL H 129 22.99 12.80 -25.18
CA VAL H 129 23.88 12.19 -24.21
C VAL H 129 23.36 12.44 -22.79
N PHE H 130 22.95 13.70 -22.50
CA PHE H 130 22.54 14.13 -21.16
C PHE H 130 21.04 14.09 -20.90
N ALA H 131 20.25 13.43 -21.77
CA ALA H 131 18.81 13.28 -21.57
C ALA H 131 18.56 12.44 -20.33
N MET H 132 17.70 12.90 -19.42
CA MET H 132 17.41 12.21 -18.16
C MET H 132 16.02 11.63 -18.12
N THR H 133 15.89 10.52 -17.36
CA THR H 133 14.58 9.92 -17.11
C THR H 133 13.82 10.89 -16.18
N TYR H 134 12.52 10.72 -16.02
CA TYR H 134 11.76 11.66 -15.22
C TYR H 134 11.85 11.38 -13.71
N SER H 135 11.39 10.21 -13.25
CA SER H 135 11.36 9.81 -11.83
C SER H 135 12.74 9.93 -11.17
N ASP H 136 13.72 9.19 -11.68
CA ASP H 136 15.13 9.25 -11.30
C ASP H 136 15.78 10.08 -12.39
N MET H 137 16.64 11.00 -12.07
CA MET H 137 17.17 11.87 -13.12
C MET H 137 18.43 11.26 -13.73
N GLN H 138 18.28 10.08 -14.31
CA GLN H 138 19.39 9.30 -14.82
C GLN H 138 19.56 9.43 -16.31
N THR H 139 20.82 9.55 -16.76
CA THR H 139 21.18 9.59 -18.16
C THR H 139 21.19 8.15 -18.69
N ALA H 140 21.56 7.97 -19.95
CA ALA H 140 21.66 6.64 -20.54
C ALA H 140 22.75 5.82 -19.82
N ALA H 141 23.95 6.42 -19.57
CA ALA H 141 25.11 5.78 -18.90
C ALA H 141 24.74 5.18 -17.56
N ASP H 142 23.79 5.77 -16.85
CA ASP H 142 23.34 5.28 -15.55
C ASP H 142 22.46 4.05 -15.66
N LYS H 143 21.87 3.81 -16.86
CA LYS H 143 20.93 2.71 -17.09
C LYS H 143 21.61 1.37 -17.39
N CYS H 144 22.96 1.37 -17.65
CA CYS H 144 23.73 0.15 -17.91
C CYS H 144 23.58 -0.84 -16.75
N GLU H 145 23.48 -2.13 -17.06
CA GLU H 145 23.22 -3.16 -16.06
C GLU H 145 24.51 -3.84 -15.62
N GLU H 146 24.85 -3.64 -14.34
CA GLU H 146 26.07 -4.12 -13.67
C GLU H 146 26.16 -5.65 -13.66
N MET H 147 25.03 -6.34 -13.42
CA MET H 147 24.99 -7.80 -13.35
C MET H 147 24.95 -8.47 -14.74
N GLU H 148 24.72 -7.71 -15.82
CA GLU H 148 24.67 -8.24 -17.19
C GLU H 148 26.01 -8.07 -17.88
N GLU H 149 26.21 -8.85 -18.95
CA GLU H 149 27.45 -8.84 -19.74
C GLU H 149 27.53 -7.58 -20.59
N GLY H 150 28.76 -7.12 -20.83
CA GLY H 150 29.07 -5.93 -21.63
C GLY H 150 28.94 -4.61 -20.89
N TYR H 151 28.80 -4.65 -19.54
CA TYR H 151 28.64 -3.49 -18.67
C TYR H 151 29.80 -2.51 -18.76
N THR H 152 31.02 -2.98 -18.41
CA THR H 152 32.24 -2.19 -18.35
C THR H 152 32.44 -1.45 -19.66
N GLN H 153 32.36 -2.16 -20.81
CA GLN H 153 32.56 -1.53 -22.12
C GLN H 153 31.47 -0.51 -22.48
N CYS H 154 30.20 -0.78 -22.13
CA CYS H 154 29.11 0.13 -22.47
C CYS H 154 29.09 1.36 -21.56
N SER H 155 29.16 1.16 -20.22
CA SER H 155 29.13 2.26 -19.26
C SER H 155 30.35 3.16 -19.40
N GLN H 156 31.55 2.57 -19.61
CA GLN H 156 32.78 3.35 -19.79
C GLN H 156 32.74 4.15 -21.06
N PHE H 157 32.03 3.67 -22.09
CA PHE H 157 31.90 4.40 -23.36
C PHE H 157 30.99 5.61 -23.15
N LEU H 158 29.81 5.40 -22.54
CA LEU H 158 28.82 6.46 -22.31
C LEU H 158 29.32 7.48 -21.31
N TYR H 159 29.90 7.06 -20.17
CA TYR H 159 30.47 8.01 -19.20
C TYR H 159 31.66 8.77 -19.82
N GLY H 160 32.37 8.13 -20.76
CA GLY H 160 33.47 8.74 -21.48
C GLY H 160 33.01 9.91 -22.31
N VAL H 161 31.90 9.73 -23.08
CA VAL H 161 31.28 10.76 -23.93
C VAL H 161 30.80 11.92 -23.03
N GLN H 162 30.16 11.59 -21.89
CA GLN H 162 29.68 12.57 -20.91
C GLN H 162 30.82 13.43 -20.38
N GLU H 163 32.01 12.82 -20.18
CA GLU H 163 33.21 13.46 -19.64
C GLU H 163 34.04 14.18 -20.73
N LYS H 164 34.16 13.60 -21.94
CA LYS H 164 34.99 14.13 -23.03
C LYS H 164 34.26 15.07 -24.00
N MET H 165 32.93 15.12 -23.98
CA MET H 165 32.15 15.98 -24.89
C MET H 165 32.49 17.44 -24.66
N GLY H 166 32.79 18.14 -25.75
CA GLY H 166 33.17 19.55 -25.67
C GLY H 166 34.66 19.76 -25.43
N ILE H 167 35.41 18.65 -25.33
CA ILE H 167 36.88 18.63 -25.14
C ILE H 167 37.45 17.88 -26.36
N MET H 168 36.96 16.64 -26.60
CA MET H 168 37.35 15.82 -27.75
C MET H 168 36.81 16.45 -29.04
N ASN H 169 37.30 16.02 -30.20
CA ASN H 169 36.94 16.50 -31.55
C ASN H 169 37.07 18.03 -31.65
N LYS H 170 38.12 18.58 -31.00
CA LYS H 170 38.50 19.99 -30.93
C LYS H 170 37.33 20.85 -30.37
N GLY H 171 36.62 20.29 -29.37
CA GLY H 171 35.50 20.92 -28.69
C GLY H 171 34.25 21.13 -29.53
N VAL H 172 34.17 20.47 -30.68
CA VAL H 172 33.05 20.62 -31.61
C VAL H 172 31.89 19.75 -31.17
N ILE H 173 30.72 20.39 -31.01
CA ILE H 173 29.45 19.77 -30.63
C ILE H 173 28.36 20.34 -31.55
N TYR H 174 27.14 19.79 -31.46
CA TYR H 174 26.00 20.21 -32.28
C TYR H 174 24.77 20.42 -31.42
N ALA H 175 23.94 21.41 -31.80
CA ALA H 175 22.67 21.65 -31.12
C ALA H 175 21.66 20.64 -31.61
N LEU H 176 20.97 19.96 -30.68
CA LEU H 176 19.97 18.94 -31.00
C LEU H 176 18.54 19.49 -30.88
N TRP H 177 18.43 20.73 -30.43
CA TRP H 177 17.18 21.45 -30.24
C TRP H 177 17.41 22.93 -30.40
N ASP H 178 16.34 23.68 -30.73
CA ASP H 178 16.41 25.13 -30.75
C ASP H 178 16.54 25.62 -29.31
N TYR H 179 17.19 26.75 -29.10
CA TYR H 179 17.29 27.31 -27.76
C TYR H 179 17.11 28.81 -27.84
N GLU H 180 16.07 29.34 -27.14
CA GLU H 180 15.79 30.77 -27.08
C GLU H 180 16.40 31.33 -25.79
N PRO H 181 17.43 32.22 -25.87
CA PRO H 181 18.08 32.73 -24.64
C PRO H 181 17.15 33.42 -23.67
N GLN H 182 17.45 33.30 -22.37
CA GLN H 182 16.69 33.92 -21.28
C GLN H 182 17.50 35.05 -20.66
N ASN H 183 18.82 35.08 -20.93
CA ASN H 183 19.75 36.10 -20.43
C ASN H 183 20.66 36.57 -21.55
N ASP H 184 21.18 37.81 -21.43
CA ASP H 184 22.03 38.49 -22.39
C ASP H 184 23.32 37.73 -22.75
N ASP H 185 23.91 36.98 -21.80
CA ASP H 185 25.14 36.22 -22.02
C ASP H 185 24.90 34.78 -22.53
N GLU H 186 23.74 34.53 -23.16
CA GLU H 186 23.40 33.22 -23.67
C GLU H 186 23.26 33.21 -25.17
N LEU H 187 23.76 32.15 -25.83
CA LEU H 187 23.70 32.02 -27.28
C LEU H 187 22.41 31.39 -27.78
N PRO H 188 21.76 31.99 -28.79
CA PRO H 188 20.60 31.31 -29.40
C PRO H 188 21.08 30.15 -30.23
N MET H 189 20.30 29.08 -30.28
CA MET H 189 20.67 27.90 -31.06
C MET H 189 19.53 27.46 -31.94
N LYS H 190 19.88 26.79 -33.04
CA LYS H 190 18.94 26.17 -33.96
C LYS H 190 19.38 24.73 -34.14
N GLU H 191 18.44 23.79 -34.17
CA GLU H 191 18.76 22.37 -34.35
C GLU H 191 19.74 22.18 -35.53
N GLY H 192 20.82 21.46 -35.29
CA GLY H 192 21.85 21.18 -36.29
C GLY H 192 23.04 22.11 -36.20
N ASP H 193 22.88 23.28 -35.53
CA ASP H 193 23.95 24.28 -35.36
C ASP H 193 25.21 23.67 -34.82
N CYS H 194 26.33 23.96 -35.47
CA CYS H 194 27.64 23.46 -35.10
C CYS H 194 28.40 24.56 -34.38
N MET H 195 28.89 24.26 -33.17
CA MET H 195 29.65 25.24 -32.40
C MET H 195 30.81 24.58 -31.67
N THR H 196 31.74 25.40 -31.14
CA THR H 196 32.92 24.94 -30.43
C THR H 196 32.78 25.31 -28.95
N ILE H 197 33.13 24.38 -28.05
CA ILE H 197 33.08 24.63 -26.61
C ILE H 197 34.41 25.21 -26.17
N ILE H 198 34.38 26.44 -25.61
CA ILE H 198 35.56 27.14 -25.10
C ILE H 198 35.82 26.68 -23.66
N HIS H 199 34.80 26.74 -22.79
CA HIS H 199 34.91 26.30 -21.40
C HIS H 199 33.71 25.49 -20.96
N ARG H 200 33.96 24.41 -20.21
CA ARG H 200 32.91 23.54 -19.66
C ARG H 200 32.51 24.02 -18.26
N GLU H 201 33.49 24.55 -17.47
CA GLU H 201 33.30 25.06 -16.11
C GLU H 201 32.49 24.05 -15.26
N ASP H 202 33.03 22.81 -15.15
CA ASP H 202 32.41 21.69 -14.43
C ASP H 202 32.29 21.92 -12.91
N GLU H 203 32.90 23.00 -12.39
CA GLU H 203 32.84 23.35 -10.96
C GLU H 203 31.66 24.32 -10.69
N ASP H 204 31.59 25.43 -11.47
CA ASP H 204 30.56 26.47 -11.36
C ASP H 204 29.55 26.37 -12.53
N GLU H 205 28.30 25.92 -12.22
CA GLU H 205 27.19 25.72 -13.17
C GLU H 205 27.58 24.64 -14.19
N ILE H 206 27.49 23.37 -13.76
CA ILE H 206 27.87 22.16 -14.46
C ILE H 206 27.10 21.97 -15.81
N GLU H 207 25.82 22.37 -15.88
CA GLU H 207 24.99 22.15 -17.07
C GLU H 207 25.08 23.32 -18.06
N TRP H 208 25.96 24.31 -17.81
CA TRP H 208 26.15 25.45 -18.70
C TRP H 208 27.57 25.51 -19.16
N TRP H 209 27.73 25.45 -20.49
CA TRP H 209 29.03 25.46 -21.15
C TRP H 209 29.20 26.71 -21.97
N TRP H 210 30.36 27.41 -21.81
CA TRP H 210 30.68 28.58 -22.61
C TRP H 210 31.09 28.11 -24.00
N ALA H 211 30.30 28.47 -25.02
CA ALA H 211 30.48 28.07 -26.42
C ALA H 211 30.62 29.24 -27.38
N ARG H 212 31.08 28.94 -28.64
CA ARG H 212 31.27 29.87 -29.73
C ARG H 212 30.51 29.39 -30.97
N LEU H 213 29.48 30.13 -31.38
CA LEU H 213 28.70 29.88 -32.59
C LEU H 213 28.93 31.06 -33.52
N ASN H 214 29.43 30.77 -34.75
CA ASN H 214 29.80 31.74 -35.79
C ASN H 214 30.81 32.72 -35.19
N ASP H 215 30.44 34.00 -34.99
CA ASP H 215 31.37 34.98 -34.42
C ASP H 215 31.10 35.25 -32.93
N LYS H 216 29.84 35.10 -32.50
CA LYS H 216 29.40 35.35 -31.11
C LYS H 216 29.79 34.19 -30.15
N GLU H 217 29.89 34.52 -28.86
CA GLU H 217 30.22 33.61 -27.76
C GLU H 217 29.19 33.72 -26.63
N GLY H 218 28.85 32.60 -25.99
CA GLY H 218 27.91 32.60 -24.90
C GLY H 218 27.58 31.25 -24.34
N TYR H 219 26.78 31.24 -23.30
CA TYR H 219 26.35 30.02 -22.63
C TYR H 219 25.23 29.31 -23.36
N VAL H 220 25.26 27.97 -23.30
CA VAL H 220 24.29 27.06 -23.91
C VAL H 220 24.03 25.89 -22.95
N PRO H 221 22.79 25.35 -22.85
CA PRO H 221 22.56 24.22 -21.93
C PRO H 221 23.16 22.96 -22.50
N ARG H 222 24.01 22.26 -21.72
CA ARG H 222 24.71 21.06 -22.19
C ARG H 222 23.77 19.93 -22.55
N ASN H 223 22.59 19.88 -21.94
CA ASN H 223 21.62 18.80 -22.11
C ASN H 223 20.93 18.82 -23.48
N LEU H 224 21.01 19.96 -24.21
CA LEU H 224 20.45 20.08 -25.57
C LEU H 224 21.54 19.84 -26.62
N LEU H 225 22.71 19.32 -26.19
CA LEU H 225 23.86 19.18 -27.09
C LEU H 225 24.23 17.72 -27.38
N GLY H 226 24.81 17.52 -28.55
CA GLY H 226 25.28 16.22 -29.01
C GLY H 226 26.66 16.32 -29.64
N LEU H 227 27.38 15.20 -29.65
CA LEU H 227 28.72 15.09 -30.23
C LEU H 227 28.66 15.14 -31.77
N TYR H 228 27.54 14.65 -32.34
CA TYR H 228 27.21 14.61 -33.77
C TYR H 228 25.77 15.13 -33.97
N PRO H 229 25.40 15.68 -35.16
CA PRO H 229 24.03 16.19 -35.32
C PRO H 229 23.02 15.10 -35.66
N ARG H 230 21.72 15.47 -35.65
CA ARG H 230 20.61 14.58 -35.99
C ARG H 230 20.62 14.29 -37.49
N ILE H 231 19.98 13.17 -37.89
CA ILE H 231 19.84 12.81 -39.30
C ILE H 231 18.50 13.37 -39.79
N VAL I 4 -11.05 12.87 -12.81
CA VAL I 4 -11.11 12.30 -11.46
C VAL I 4 -12.17 13.06 -10.62
N ILE I 5 -13.18 12.32 -10.16
CA ILE I 5 -14.31 12.81 -9.38
C ILE I 5 -14.02 12.67 -7.87
N PRO I 6 -14.27 13.74 -7.05
CA PRO I 6 -14.04 13.60 -5.60
C PRO I 6 -14.97 12.53 -5.00
N SER I 7 -14.41 11.70 -4.14
CA SER I 7 -15.10 10.60 -3.52
C SER I 7 -15.97 11.09 -2.39
N ASN I 8 -17.17 10.53 -2.25
CA ASN I 8 -18.11 10.97 -1.21
C ASN I 8 -18.46 9.86 -0.21
N THR I 9 -17.98 8.62 -0.44
CA THR I 9 -18.28 7.45 0.42
C THR I 9 -17.92 7.75 1.87
N ASP I 10 -18.85 7.43 2.78
CA ASP I 10 -18.70 7.58 4.23
C ASP I 10 -17.54 6.71 4.68
N TYR I 11 -16.70 7.25 5.56
CA TYR I 11 -15.54 6.50 6.04
C TYR I 11 -15.27 6.88 7.48
N PRO I 12 -15.80 6.12 8.47
CA PRO I 12 -15.53 6.49 9.89
C PRO I 12 -14.02 6.51 10.19
N GLY I 13 -13.24 5.60 9.60
CA GLY I 13 -11.80 5.48 9.76
C GLY I 13 -11.31 5.13 11.15
N PRO I 14 -9.98 5.23 11.39
CA PRO I 14 -9.41 4.85 12.69
C PRO I 14 -9.80 5.69 13.89
N HIS I 15 -10.30 6.91 13.68
CA HIS I 15 -10.67 7.80 14.79
C HIS I 15 -12.17 7.94 14.96
N HIS I 16 -12.96 7.07 14.27
CA HIS I 16 -14.42 7.02 14.30
C HIS I 16 -14.99 8.42 14.13
N PHE I 17 -14.69 9.00 12.95
CA PHE I 17 -15.02 10.36 12.57
C PHE I 17 -16.50 10.49 12.28
N GLU I 18 -17.19 11.30 13.11
CA GLU I 18 -18.63 11.55 12.99
C GLU I 18 -18.92 13.03 12.78
N VAL I 19 -19.88 13.34 11.89
CA VAL I 19 -20.40 14.68 11.56
C VAL I 19 -21.89 14.69 11.95
N THR I 20 -22.27 15.49 12.95
CA THR I 20 -23.66 15.57 13.41
C THR I 20 -24.13 17.02 13.51
N PHE I 21 -25.44 17.19 13.73
CA PHE I 21 -26.12 18.48 13.81
C PHE I 21 -26.98 18.55 15.06
N GLN I 22 -26.78 19.57 15.91
CA GLN I 22 -27.58 19.86 17.12
C GLN I 22 -29.07 19.89 16.76
N GLN I 23 -29.98 19.67 17.76
CA GLN I 23 -31.45 19.68 17.56
C GLN I 23 -31.86 20.82 16.60
N SER I 24 -32.13 20.47 15.33
CA SER I 24 -32.50 21.44 14.32
C SER I 24 -34.01 21.60 14.29
N SER I 25 -34.46 22.85 14.51
CA SER I 25 -35.86 23.25 14.54
C SER I 25 -36.61 22.74 13.31
N THR I 26 -37.77 22.11 13.54
CA THR I 26 -38.64 21.60 12.48
C THR I 26 -39.50 22.78 11.96
N ALA I 27 -39.45 23.91 12.74
CA ALA I 27 -40.11 25.20 12.52
C ALA I 27 -39.79 25.78 11.13
N LYS I 28 -40.75 26.54 10.55
CA LYS I 28 -40.62 27.19 9.24
C LYS I 28 -39.71 28.43 9.34
N SER I 29 -39.59 29.00 10.56
CA SER I 29 -38.75 30.18 10.86
C SER I 29 -37.24 29.86 10.87
N ALA I 30 -36.88 28.57 11.09
CA ALA I 30 -35.50 28.05 11.16
C ALA I 30 -34.69 28.50 9.94
N THR I 31 -33.46 28.97 10.18
CA THR I 31 -32.53 29.42 9.14
C THR I 31 -31.83 28.23 8.48
N TRP I 32 -31.84 27.08 9.18
CA TRP I 32 -31.29 25.79 8.75
C TRP I 32 -31.99 24.66 9.50
N THR I 33 -32.01 23.47 8.88
CA THR I 33 -32.54 22.23 9.43
C THR I 33 -31.82 21.02 8.74
N TYR I 34 -31.55 19.97 9.52
CA TYR I 34 -30.96 18.75 9.00
C TYR I 34 -31.97 17.60 9.03
N SER I 35 -32.09 16.89 7.93
CA SER I 35 -32.98 15.73 7.83
C SER I 35 -32.20 14.43 7.96
N PRO I 36 -32.21 13.76 9.14
CA PRO I 36 -31.57 12.44 9.27
C PRO I 36 -32.12 11.40 8.31
N LEU I 37 -33.46 11.42 8.04
CA LEU I 37 -34.16 10.52 7.10
C LEU I 37 -33.57 10.62 5.70
N LEU I 38 -33.30 11.85 5.24
CA LEU I 38 -32.79 12.01 3.88
C LEU I 38 -31.29 12.27 3.81
N LYS I 39 -30.59 12.43 4.98
CA LYS I 39 -29.17 12.79 5.08
C LYS I 39 -28.97 14.05 4.25
N LYS I 40 -29.81 15.05 4.55
CA LYS I 40 -29.91 16.29 3.78
C LYS I 40 -29.98 17.49 4.69
N LEU I 41 -29.16 18.48 4.37
CA LEU I 41 -29.09 19.74 5.07
C LEU I 41 -29.75 20.81 4.23
N TYR I 42 -30.63 21.56 4.87
CA TYR I 42 -31.37 22.68 4.33
C TYR I 42 -30.88 23.93 5.01
N CYS I 43 -30.49 24.95 4.24
CA CYS I 43 -29.92 26.16 4.81
C CYS I 43 -30.33 27.38 4.04
N GLN I 44 -30.36 28.54 4.71
CA GLN I 44 -30.60 29.83 4.08
C GLN I 44 -29.24 30.39 3.66
N ILE I 45 -29.18 31.07 2.50
CA ILE I 45 -27.98 31.72 1.96
C ILE I 45 -27.28 32.57 3.03
N ALA I 46 -25.94 32.44 3.10
CA ALA I 46 -25.04 33.26 3.93
C ALA I 46 -25.41 33.27 5.46
N LYS I 47 -26.09 32.25 5.96
CA LYS I 47 -26.48 32.16 7.39
C LYS I 47 -25.64 31.12 8.06
N THR I 48 -25.38 31.28 9.37
CA THR I 48 -24.55 30.37 10.16
C THR I 48 -25.15 28.98 10.28
N CYS I 49 -24.36 27.97 9.92
CA CYS I 49 -24.76 26.59 10.06
C CYS I 49 -23.75 25.85 10.94
N PRO I 50 -24.05 25.63 12.25
CA PRO I 50 -23.08 24.92 13.10
C PRO I 50 -23.13 23.41 12.86
N ILE I 51 -21.99 22.85 12.48
CA ILE I 51 -21.79 21.44 12.23
C ILE I 51 -20.87 20.90 13.36
N GLN I 52 -21.31 19.88 14.03
CA GLN I 52 -20.58 19.25 15.12
C GLN I 52 -19.80 18.07 14.59
N ILE I 53 -18.54 17.93 15.07
CA ILE I 53 -17.53 16.92 14.73
C ILE I 53 -17.19 16.07 15.97
N LYS I 54 -16.99 14.76 15.77
CA LYS I 54 -16.64 13.87 16.87
C LYS I 54 -15.65 12.83 16.40
N VAL I 55 -14.69 12.51 17.28
CA VAL I 55 -13.65 11.49 17.10
C VAL I 55 -13.56 10.69 18.42
N SER I 56 -13.22 9.39 18.34
CA SER I 56 -13.10 8.54 19.53
C SER I 56 -11.75 8.78 20.21
N THR I 57 -10.69 8.92 19.40
CA THR I 57 -9.31 9.18 19.81
C THR I 57 -8.78 10.39 19.03
N PRO I 58 -7.84 11.18 19.62
CA PRO I 58 -7.32 12.35 18.90
C PRO I 58 -6.57 11.96 17.64
N PRO I 59 -6.77 12.65 16.50
CA PRO I 59 -6.02 12.29 15.29
C PRO I 59 -4.55 12.80 15.36
N PRO I 60 -3.65 12.42 14.42
CA PRO I 60 -2.24 12.88 14.49
C PRO I 60 -2.03 14.39 14.34
N PRO I 61 -0.84 14.96 14.70
CA PRO I 61 -0.65 16.41 14.56
C PRO I 61 -0.68 16.85 13.09
N GLY I 62 -1.26 18.03 12.85
CA GLY I 62 -1.36 18.57 11.49
C GLY I 62 -2.58 18.12 10.72
N THR I 63 -3.52 17.42 11.41
CA THR I 63 -4.76 16.91 10.87
C THR I 63 -5.71 18.10 10.57
N ALA I 64 -6.33 18.04 9.39
CA ALA I 64 -7.26 19.08 8.98
C ALA I 64 -8.66 18.51 8.64
N ILE I 65 -9.65 19.40 8.61
CA ILE I 65 -11.01 19.09 8.24
C ILE I 65 -11.34 19.91 6.99
N ARG I 66 -11.54 19.23 5.84
CA ARG I 66 -11.93 19.87 4.59
C ARG I 66 -13.44 19.78 4.32
N ALA I 67 -14.04 20.83 3.70
CA ALA I 67 -15.45 20.85 3.27
C ALA I 67 -15.46 21.27 1.83
N MET I 68 -15.86 20.36 0.93
CA MET I 68 -15.93 20.61 -0.51
C MET I 68 -17.35 20.32 -1.05
N PRO I 69 -17.94 21.23 -1.88
CA PRO I 69 -19.25 20.92 -2.44
C PRO I 69 -19.05 20.19 -3.77
N VAL I 70 -19.92 19.25 -4.11
CA VAL I 70 -19.84 18.50 -5.40
C VAL I 70 -21.25 18.34 -5.90
N TYR I 71 -21.49 18.41 -7.25
CA TYR I 71 -22.82 18.17 -7.81
C TYR I 71 -23.18 16.70 -7.62
N LYS I 72 -24.43 16.41 -7.19
CA LYS I 72 -24.91 15.08 -6.83
C LYS I 72 -25.18 14.18 -8.07
N LYS I 73 -25.83 14.71 -9.11
CA LYS I 73 -26.17 13.96 -10.32
C LYS I 73 -24.94 13.71 -11.19
N ALA I 74 -24.88 12.51 -11.76
CA ALA I 74 -23.79 12.01 -12.60
C ALA I 74 -23.56 12.85 -13.83
N GLU I 75 -24.62 13.45 -14.37
CA GLU I 75 -24.50 14.27 -15.58
C GLU I 75 -23.92 15.67 -15.30
N HIS I 76 -23.67 16.00 -14.00
CA HIS I 76 -23.19 17.30 -13.54
C HIS I 76 -21.88 17.24 -12.76
N VAL I 77 -21.50 16.05 -12.28
CA VAL I 77 -20.41 15.79 -11.35
C VAL I 77 -19.02 16.35 -11.80
N THR I 78 -18.71 16.44 -13.12
CA THR I 78 -17.41 16.98 -13.56
C THR I 78 -17.34 18.53 -13.42
N ASP I 79 -18.50 19.22 -13.30
CA ASP I 79 -18.56 20.67 -13.13
C ASP I 79 -18.20 21.02 -11.70
N VAL I 80 -17.30 22.00 -11.52
CA VAL I 80 -16.86 22.48 -10.22
C VAL I 80 -18.00 23.34 -9.62
N VAL I 81 -18.32 23.11 -8.33
CA VAL I 81 -19.34 23.88 -7.62
C VAL I 81 -18.69 25.19 -7.16
N LYS I 82 -19.19 26.28 -7.72
CA LYS I 82 -18.75 27.66 -7.50
C LYS I 82 -19.95 28.55 -7.28
N ARG I 83 -19.71 29.76 -6.79
CA ARG I 83 -20.72 30.78 -6.58
C ARG I 83 -21.14 31.35 -7.95
N CYS I 84 -22.41 31.80 -8.11
CA CYS I 84 -22.91 32.32 -9.40
C CYS I 84 -22.20 33.65 -9.74
N PRO I 85 -22.11 34.05 -11.05
CA PRO I 85 -21.44 35.32 -11.39
C PRO I 85 -21.97 36.53 -10.59
N ASN I 86 -23.28 36.65 -10.46
CA ASN I 86 -23.95 37.74 -9.76
C ASN I 86 -23.54 37.86 -8.30
N HIS I 87 -23.54 36.75 -7.51
CA HIS I 87 -23.16 36.86 -6.09
C HIS I 87 -21.66 37.08 -5.97
N GLU I 88 -20.88 36.54 -6.92
CA GLU I 88 -19.44 36.68 -6.96
C GLU I 88 -19.03 38.17 -7.12
N LEU I 89 -19.65 38.88 -8.11
CA LEU I 89 -19.34 40.28 -8.40
C LEU I 89 -19.93 41.27 -7.40
N GLY I 90 -20.98 40.86 -6.70
CA GLY I 90 -21.70 41.66 -5.72
C GLY I 90 -20.86 42.07 -4.54
N ARG I 91 -21.22 43.22 -3.96
CA ARG I 91 -20.55 43.82 -2.82
C ARG I 91 -20.92 43.10 -1.53
N ASP I 92 -22.22 42.78 -1.34
CA ASP I 92 -22.76 42.09 -0.17
C ASP I 92 -22.05 40.77 0.12
N PHE I 93 -21.54 40.63 1.36
CA PHE I 93 -20.82 39.47 1.89
C PHE I 93 -19.47 39.25 1.24
N ASN I 94 -19.03 40.20 0.40
CA ASN I 94 -17.75 40.12 -0.28
C ASN I 94 -16.83 41.30 0.09
N GLU I 95 -17.30 42.30 0.83
CA GLU I 95 -16.49 43.46 1.25
C GLU I 95 -15.89 43.20 2.64
N GLY I 96 -14.56 43.05 2.69
CA GLY I 96 -13.84 42.74 3.93
C GLY I 96 -13.98 41.27 4.32
N GLN I 97 -13.56 40.38 3.41
CA GLN I 97 -13.71 38.96 3.59
C GLN I 97 -12.44 38.20 3.22
N SER I 98 -12.01 37.32 4.12
CA SER I 98 -10.88 36.43 3.91
C SER I 98 -11.13 35.47 2.76
N ALA I 99 -12.41 35.06 2.57
CA ALA I 99 -12.84 34.10 1.55
C ALA I 99 -12.89 34.68 0.17
N PRO I 100 -12.35 33.99 -0.86
CA PRO I 100 -12.49 34.52 -2.23
C PRO I 100 -13.96 34.60 -2.58
N ALA I 101 -14.35 35.55 -3.40
CA ALA I 101 -15.76 35.77 -3.76
C ALA I 101 -16.38 34.62 -4.57
N SER I 102 -15.56 33.70 -5.15
CA SER I 102 -16.09 32.56 -5.94
C SER I 102 -16.42 31.31 -5.11
N HIS I 103 -15.90 31.21 -3.86
CA HIS I 103 -16.10 30.04 -3.02
C HIS I 103 -17.48 29.96 -2.45
N LEU I 104 -18.13 28.77 -2.62
CA LEU I 104 -19.50 28.55 -2.12
C LEU I 104 -19.51 28.36 -0.61
N ILE I 105 -18.64 27.49 -0.08
CA ILE I 105 -18.58 27.21 1.36
C ILE I 105 -17.52 28.11 2.01
N ARG I 106 -17.94 28.74 3.12
CA ARG I 106 -17.10 29.56 3.98
C ARG I 106 -17.08 29.01 5.39
N VAL I 107 -16.00 29.25 6.14
CA VAL I 107 -15.92 28.93 7.59
C VAL I 107 -16.05 30.29 8.27
N GLU I 108 -16.89 30.38 9.29
CA GLU I 108 -17.13 31.62 9.99
C GLU I 108 -16.39 31.62 11.34
N GLY I 109 -15.65 32.71 11.58
CA GLY I 109 -14.86 32.97 12.81
C GLY I 109 -13.72 32.01 13.09
N ASN I 110 -12.89 31.72 12.10
CA ASN I 110 -11.69 30.89 12.30
C ASN I 110 -10.58 31.50 11.45
N ASN I 111 -9.57 32.10 12.14
CA ASN I 111 -8.44 32.79 11.49
C ASN I 111 -7.47 31.84 10.82
N LEU I 112 -7.59 30.53 11.12
CA LEU I 112 -6.72 29.54 10.52
C LEU I 112 -7.36 28.84 9.29
N SER I 113 -8.56 29.26 8.83
CA SER I 113 -9.20 28.61 7.68
C SER I 113 -8.42 28.91 6.40
N GLN I 114 -8.37 27.95 5.48
CA GLN I 114 -7.66 28.06 4.21
C GLN I 114 -8.60 27.78 3.05
N TYR I 115 -8.65 28.70 2.08
CA TYR I 115 -9.49 28.58 0.89
C TYR I 115 -8.61 28.09 -0.24
N VAL I 116 -8.79 26.84 -0.58
CA VAL I 116 -8.00 26.10 -1.53
C VAL I 116 -8.69 26.09 -2.90
N ASP I 117 -7.91 26.35 -3.98
CA ASP I 117 -8.27 26.31 -5.41
C ASP I 117 -7.26 25.40 -6.07
N ASP I 118 -7.60 24.15 -6.34
CA ASP I 118 -6.69 23.20 -6.94
C ASP I 118 -6.32 23.63 -8.36
N PRO I 119 -5.00 23.81 -8.69
CA PRO I 119 -4.63 24.25 -10.04
C PRO I 119 -4.86 23.19 -11.13
N VAL I 120 -4.95 21.90 -10.75
CA VAL I 120 -5.16 20.80 -11.70
C VAL I 120 -6.66 20.53 -11.94
N THR I 121 -7.41 20.21 -10.86
CA THR I 121 -8.85 19.87 -10.90
C THR I 121 -9.78 21.08 -10.95
N GLY I 122 -9.32 22.23 -10.45
CA GLY I 122 -10.10 23.46 -10.38
C GLY I 122 -11.04 23.48 -9.17
N ARG I 123 -10.99 22.42 -8.31
CA ARG I 123 -11.89 22.27 -7.17
C ARG I 123 -11.59 23.27 -6.07
N GLN I 124 -12.66 23.90 -5.56
CA GLN I 124 -12.60 24.84 -4.47
C GLN I 124 -13.13 24.17 -3.23
N SER I 125 -12.44 24.38 -2.12
CA SER I 125 -12.80 23.81 -0.80
C SER I 125 -12.26 24.73 0.29
N VAL I 126 -12.61 24.47 1.58
CA VAL I 126 -12.18 25.28 2.74
C VAL I 126 -11.73 24.30 3.82
N VAL I 127 -10.50 24.51 4.33
CA VAL I 127 -9.84 23.64 5.29
C VAL I 127 -9.57 24.38 6.60
N VAL I 128 -9.82 23.73 7.72
CA VAL I 128 -9.54 24.24 9.08
C VAL I 128 -8.72 23.21 9.83
N PRO I 129 -7.72 23.57 10.65
CA PRO I 129 -7.00 22.54 11.41
C PRO I 129 -7.96 21.79 12.37
N TYR I 130 -7.68 20.52 12.68
CA TYR I 130 -8.49 19.84 13.67
C TYR I 130 -8.16 20.44 15.05
N GLU I 131 -9.17 20.75 15.85
CA GLU I 131 -9.02 21.25 17.21
C GLU I 131 -9.92 20.41 18.13
N PRO I 132 -9.40 19.95 19.29
CA PRO I 132 -10.23 19.14 20.20
C PRO I 132 -11.44 19.88 20.77
N PRO I 133 -12.48 19.20 21.31
CA PRO I 133 -13.60 19.93 21.91
C PRO I 133 -13.15 20.76 23.11
N GLN I 134 -14.01 21.68 23.62
CA GLN I 134 -13.68 22.43 24.84
C GLN I 134 -13.67 21.47 26.05
N VAL I 135 -13.02 21.84 27.17
CA VAL I 135 -12.97 21.00 28.38
C VAL I 135 -14.41 20.66 28.83
N GLY I 136 -14.69 19.36 28.92
CA GLY I 136 -15.99 18.81 29.32
C GLY I 136 -17.06 18.91 28.23
N THR I 137 -16.63 18.77 26.98
CA THR I 137 -17.49 18.87 25.80
C THR I 137 -17.19 17.63 24.93
N GLU I 138 -18.20 17.22 24.18
CA GLU I 138 -18.20 16.03 23.35
C GLU I 138 -17.76 16.30 21.90
N PHE I 139 -18.18 17.45 21.36
CA PHE I 139 -17.96 17.81 19.96
C PHE I 139 -17.11 19.05 19.73
N THR I 140 -16.58 19.16 18.51
CA THR I 140 -15.86 20.31 17.96
C THR I 140 -16.87 20.96 17.02
N THR I 141 -17.18 22.24 17.23
CA THR I 141 -18.13 22.93 16.35
C THR I 141 -17.39 23.77 15.32
N ILE I 142 -17.78 23.62 14.06
CA ILE I 142 -17.30 24.42 12.93
C ILE I 142 -18.53 25.15 12.41
N LEU I 143 -18.44 26.49 12.28
CA LEU I 143 -19.52 27.31 11.75
C LEU I 143 -19.31 27.49 10.25
N TYR I 144 -20.27 27.03 9.44
CA TYR I 144 -20.24 27.08 7.98
C TYR I 144 -21.27 28.03 7.41
N ASN I 145 -21.03 28.51 6.21
CA ASN I 145 -21.98 29.37 5.48
C ASN I 145 -21.96 28.93 4.03
N PHE I 146 -23.11 28.98 3.35
CA PHE I 146 -23.19 28.57 1.94
C PHE I 146 -23.64 29.82 1.26
N MET I 147 -22.85 30.28 0.28
CA MET I 147 -22.96 31.64 -0.23
C MET I 147 -23.89 31.83 -1.42
N CYS I 148 -24.45 30.75 -1.94
CA CYS I 148 -25.40 30.84 -3.03
C CYS I 148 -26.59 29.92 -2.81
N ASN I 149 -27.77 30.34 -3.26
CA ASN I 149 -28.94 29.48 -3.27
C ASN I 149 -28.77 28.37 -4.30
N SER I 150 -29.34 27.19 -4.02
CA SER I 150 -29.28 26.08 -5.00
C SER I 150 -29.89 26.51 -6.37
N SER I 151 -30.82 27.45 -6.36
CA SER I 151 -31.50 27.90 -7.57
C SER I 151 -30.74 28.97 -8.38
N CYS I 152 -29.55 29.44 -7.88
CA CYS I 152 -28.78 30.52 -8.51
C CYS I 152 -28.46 30.22 -9.93
N VAL I 153 -29.00 31.00 -10.85
CA VAL I 153 -28.79 30.86 -12.28
C VAL I 153 -27.33 31.31 -12.59
N GLY I 154 -26.59 30.42 -13.23
CA GLY I 154 -25.19 30.64 -13.53
C GLY I 154 -24.26 29.93 -12.58
N GLY I 155 -24.77 29.61 -11.39
CA GLY I 155 -24.06 28.89 -10.34
C GLY I 155 -24.63 27.48 -10.27
N MET I 156 -25.27 27.11 -9.15
CA MET I 156 -25.87 25.77 -9.04
C MET I 156 -27.03 25.59 -10.00
N ASN I 157 -27.75 26.65 -10.35
CA ASN I 157 -28.79 26.62 -11.38
C ASN I 157 -29.74 25.42 -11.16
N ARG I 158 -30.24 25.29 -9.92
CA ARG I 158 -31.25 24.32 -9.46
C ARG I 158 -30.70 22.89 -9.28
N ARG I 159 -29.42 22.65 -9.64
CA ARG I 159 -28.78 21.35 -9.52
C ARG I 159 -28.47 20.98 -8.07
N PRO I 160 -28.85 19.75 -7.59
CA PRO I 160 -28.54 19.37 -6.20
C PRO I 160 -27.05 19.12 -5.98
N ILE I 161 -26.58 19.24 -4.73
CA ILE I 161 -25.17 19.05 -4.37
C ILE I 161 -24.98 18.17 -3.14
N LEU I 162 -23.78 17.61 -3.03
CA LEU I 162 -23.28 16.91 -1.88
C LEU I 162 -22.24 17.82 -1.20
N ILE I 163 -22.23 17.84 0.13
CA ILE I 163 -21.19 18.49 0.91
C ILE I 163 -20.36 17.34 1.47
N ILE I 164 -19.05 17.30 1.13
CA ILE I 164 -18.12 16.26 1.59
C ILE I 164 -17.21 16.81 2.69
N ILE I 165 -17.32 16.26 3.90
CA ILE I 165 -16.44 16.64 5.02
C ILE I 165 -15.37 15.55 5.19
N THR I 166 -14.10 15.90 5.06
CA THR I 166 -13.11 14.86 5.20
C THR I 166 -12.04 15.25 6.21
N LEU I 167 -11.73 14.33 7.12
CA LEU I 167 -10.64 14.44 8.09
C LEU I 167 -9.37 13.96 7.38
N GLU I 168 -8.35 14.83 7.19
CA GLU I 168 -7.14 14.49 6.44
C GLU I 168 -5.86 14.74 7.18
N MET I 169 -4.80 13.99 6.77
CA MET I 169 -3.43 14.18 7.24
C MET I 169 -2.89 15.43 6.53
N ARG I 170 -1.78 15.99 7.03
CA ARG I 170 -1.14 17.16 6.42
C ARG I 170 -0.77 16.93 4.90
N ASP I 171 -0.45 15.68 4.51
CA ASP I 171 -0.12 15.28 3.13
C ASP I 171 -1.37 15.00 2.22
N GLY I 172 -2.58 15.06 2.80
CA GLY I 172 -3.81 14.81 2.05
C GLY I 172 -4.39 13.41 2.18
N GLN I 173 -3.68 12.50 2.90
CA GLN I 173 -4.16 11.14 3.12
C GLN I 173 -5.40 11.21 3.99
N VAL I 174 -6.45 10.48 3.59
CA VAL I 174 -7.76 10.47 4.22
C VAL I 174 -7.75 9.62 5.52
N LEU I 175 -8.23 10.22 6.62
CA LEU I 175 -8.40 9.58 7.93
C LEU I 175 -9.89 9.30 8.23
N GLY I 176 -10.78 10.06 7.61
CA GLY I 176 -12.23 10.00 7.80
C GLY I 176 -12.95 10.79 6.73
N ARG I 177 -14.23 10.45 6.49
CA ARG I 177 -15.09 11.13 5.52
C ARG I 177 -16.56 10.88 5.83
N ARG I 178 -17.37 11.94 5.71
CA ARG I 178 -18.82 11.97 5.86
C ARG I 178 -19.35 12.93 4.84
N SER I 179 -20.37 12.53 4.12
CA SER I 179 -21.00 13.41 3.15
C SER I 179 -22.53 13.43 3.36
N PHE I 180 -23.18 14.48 2.85
CA PHE I 180 -24.62 14.65 2.96
C PHE I 180 -25.07 15.57 1.86
N GLU I 181 -26.35 15.54 1.54
CA GLU I 181 -26.87 16.43 0.52
C GLU I 181 -27.07 17.81 1.11
N GLY I 182 -26.82 18.81 0.30
CA GLY I 182 -27.01 20.18 0.74
C GLY I 182 -28.07 20.84 -0.10
N ARG I 183 -28.91 21.66 0.53
CA ARG I 183 -29.92 22.46 -0.17
C ARG I 183 -29.96 23.84 0.43
N ILE I 184 -29.66 24.85 -0.40
CA ILE I 184 -29.65 26.26 0.02
C ILE I 184 -30.87 26.86 -0.60
N CYS I 185 -31.80 27.25 0.23
CA CYS I 185 -33.14 27.71 -0.15
C CYS I 185 -33.67 28.77 0.82
N ALA I 186 -34.76 29.43 0.44
CA ALA I 186 -35.38 30.47 1.23
C ALA I 186 -36.16 29.93 2.46
N CYS I 187 -36.80 28.73 2.37
CA CYS I 187 -37.56 28.13 3.51
C CYS I 187 -37.08 26.71 3.85
N PRO I 188 -36.00 26.57 4.66
CA PRO I 188 -35.51 25.23 5.04
C PRO I 188 -36.54 24.27 5.66
N GLY I 189 -37.29 24.75 6.65
CA GLY I 189 -38.32 23.98 7.36
C GLY I 189 -39.45 23.44 6.50
N ARG I 190 -39.94 24.25 5.56
CA ARG I 190 -41.01 23.87 4.64
C ARG I 190 -40.52 22.84 3.66
N ASP I 191 -39.33 23.07 3.08
CA ASP I 191 -38.69 22.19 2.10
C ASP I 191 -38.37 20.82 2.69
N ARG I 192 -37.97 20.75 3.97
CA ARG I 192 -37.67 19.50 4.64
C ARG I 192 -38.93 18.66 4.74
N LYS I 193 -40.01 19.22 5.36
CA LYS I 193 -41.33 18.60 5.53
C LYS I 193 -41.85 18.02 4.20
N ALA I 194 -41.88 18.84 3.13
CA ALA I 194 -42.33 18.42 1.80
C ALA I 194 -41.57 17.22 1.28
N ASP I 195 -40.23 17.24 1.40
CA ASP I 195 -39.32 16.22 0.89
C ASP I 195 -39.44 14.93 1.67
N GLU I 196 -39.51 15.02 3.01
CA GLU I 196 -39.69 13.88 3.91
C GLU I 196 -41.06 13.18 3.62
N ASP I 197 -42.15 13.96 3.41
CA ASP I 197 -43.47 13.42 3.08
C ASP I 197 -43.45 12.69 1.74
N HIS I 198 -42.78 13.24 0.73
CA HIS I 198 -42.69 12.65 -0.59
C HIS I 198 -41.83 11.38 -0.58
N TYR I 199 -40.79 11.35 0.26
CA TYR I 199 -39.89 10.21 0.39
C TYR I 199 -40.60 9.02 1.06
N ARG I 200 -41.33 9.28 2.18
CA ARG I 200 -42.09 8.26 2.91
C ARG I 200 -43.15 7.61 2.02
N GLU I 201 -43.80 8.40 1.14
CA GLU I 201 -44.80 7.89 0.22
C GLU I 201 -44.13 7.04 -0.89
N ALA I 202 -43.13 7.58 -1.57
CA ALA I 202 -42.45 6.91 -2.69
C ALA I 202 -41.75 5.61 -2.28
N GLU I 203 -41.27 5.54 -1.03
CA GLU I 203 -40.49 4.42 -0.52
C GLU I 203 -41.30 3.51 0.41
N ASN I 204 -42.62 3.75 0.51
CA ASN I 204 -43.55 2.93 1.29
C ASN I 204 -43.08 2.80 2.76
N LEU I 205 -42.69 3.93 3.35
CA LEU I 205 -42.22 3.93 4.72
C LEU I 205 -43.41 4.05 5.66
N TYR I 206 -43.48 3.16 6.66
CA TYR I 206 -44.57 3.19 7.63
C TYR I 206 -44.40 4.41 8.51
N PHE I 207 -45.44 5.26 8.59
CA PHE I 207 -45.43 6.48 9.42
C PHE I 207 -46.80 6.70 10.03
N GLN I 208 -46.82 7.03 11.36
CA GLN I 208 -48.01 7.31 12.21
C GLN I 208 -49.03 6.17 12.15
N LYS J 34 -5.12 56.54 -36.76
CA LYS J 34 -5.89 56.24 -37.97
C LYS J 34 -7.36 56.73 -37.80
N PHE J 35 -8.35 56.01 -38.39
CA PHE J 35 -9.77 56.38 -38.25
C PHE J 35 -10.58 55.21 -37.76
N ASN J 36 -11.41 55.46 -36.75
CA ASN J 36 -12.33 54.45 -36.20
C ASN J 36 -13.76 54.90 -36.47
N PRO J 37 -14.51 54.26 -37.40
CA PRO J 37 -15.90 54.69 -37.64
C PRO J 37 -16.80 54.52 -36.40
N LEU J 38 -16.49 53.52 -35.53
CA LEU J 38 -17.22 53.22 -34.29
C LEU J 38 -17.07 54.37 -33.30
N ALA J 39 -15.87 54.91 -33.17
CA ALA J 39 -15.58 56.06 -32.31
C ALA J 39 -16.39 57.30 -32.75
N LEU J 40 -16.66 57.43 -34.06
CA LEU J 40 -17.47 58.52 -34.58
C LEU J 40 -18.94 58.26 -34.24
N LEU J 41 -19.35 57.00 -34.32
CA LEU J 41 -20.70 56.60 -33.98
C LEU J 41 -21.04 56.87 -32.54
N LEU J 42 -20.10 56.59 -31.65
CA LEU J 42 -20.32 56.81 -30.26
C LEU J 42 -20.35 58.27 -29.89
N ASP J 43 -19.56 59.08 -30.55
CA ASP J 43 -19.52 60.47 -30.20
C ASP J 43 -20.67 61.25 -30.80
N SER J 44 -21.11 60.88 -32.00
CA SER J 44 -22.27 61.55 -32.59
C SER J 44 -23.55 61.22 -31.81
N SER J 45 -23.70 59.95 -31.37
CA SER J 45 -24.80 59.46 -30.51
C SER J 45 -24.90 60.28 -29.20
N LEU J 46 -23.74 60.53 -28.56
CA LEU J 46 -23.59 61.31 -27.35
C LEU J 46 -23.85 62.81 -27.58
N GLU J 47 -23.43 63.37 -28.74
CA GLU J 47 -23.58 64.79 -29.04
C GLU J 47 -24.97 65.18 -29.55
N GLY J 48 -25.68 64.26 -30.18
CA GLY J 48 -27.02 64.52 -30.69
C GLY J 48 -27.06 64.81 -32.18
N GLU J 49 -26.02 64.38 -32.91
CA GLU J 49 -25.81 64.54 -34.34
C GLU J 49 -26.52 63.39 -35.06
N PHE J 50 -27.86 63.46 -35.08
CA PHE J 50 -28.77 62.45 -35.62
C PHE J 50 -28.50 62.16 -37.11
N ASP J 51 -28.15 63.19 -37.90
CA ASP J 51 -27.88 63.05 -39.34
C ASP J 51 -26.58 62.29 -39.57
N LEU J 52 -25.53 62.64 -38.79
CA LEU J 52 -24.23 61.99 -38.84
C LEU J 52 -24.37 60.49 -38.41
N VAL J 53 -25.13 60.19 -37.31
CA VAL J 53 -25.41 58.84 -36.79
C VAL J 53 -26.03 57.99 -37.90
N GLN J 54 -27.08 58.53 -38.60
CA GLN J 54 -27.79 57.87 -39.71
C GLN J 54 -26.88 57.50 -40.89
N ARG J 55 -25.79 58.28 -41.11
CA ARG J 55 -24.80 58.08 -42.17
C ARG J 55 -23.65 57.12 -41.74
N ILE J 56 -22.83 57.47 -40.74
CA ILE J 56 -21.68 56.68 -40.29
C ILE J 56 -22.07 55.27 -39.84
N ILE J 57 -23.32 55.02 -39.42
CA ILE J 57 -23.73 53.69 -38.94
C ILE J 57 -23.41 52.59 -40.00
N TYR J 58 -23.49 52.92 -41.32
CA TYR J 58 -23.25 51.92 -42.37
C TYR J 58 -21.75 51.64 -42.57
N GLU J 59 -20.89 52.48 -42.01
CA GLU J 59 -19.44 52.31 -42.09
C GLU J 59 -18.87 51.46 -40.94
N VAL J 60 -19.70 51.19 -39.89
CA VAL J 60 -19.29 50.41 -38.73
C VAL J 60 -19.64 48.93 -38.95
N ASP J 61 -18.68 48.06 -38.59
CA ASP J 61 -18.77 46.61 -38.70
C ASP J 61 -19.91 46.07 -37.81
N ASP J 62 -19.94 46.52 -36.54
CA ASP J 62 -20.95 46.15 -35.53
C ASP J 62 -21.33 47.38 -34.68
N PRO J 63 -22.54 47.93 -34.85
CA PRO J 63 -22.93 49.11 -34.07
C PRO J 63 -23.25 48.81 -32.59
N SER J 64 -23.32 47.52 -32.22
CA SER J 64 -23.59 47.05 -30.85
C SER J 64 -22.30 46.88 -30.06
N LEU J 65 -21.14 47.08 -30.72
CA LEU J 65 -19.81 46.94 -30.14
C LEU J 65 -19.45 48.13 -29.24
N PRO J 66 -18.86 47.86 -28.06
CA PRO J 66 -18.59 48.95 -27.11
C PRO J 66 -17.18 49.53 -27.12
N ASN J 67 -16.97 50.60 -26.33
CA ASN J 67 -15.66 51.17 -26.09
C ASN J 67 -14.95 50.35 -24.99
N ASP J 68 -13.84 50.84 -24.44
CA ASP J 68 -13.09 50.12 -23.39
C ASP J 68 -13.83 50.04 -22.05
N GLU J 69 -14.83 50.91 -21.81
CA GLU J 69 -15.61 50.98 -20.59
C GLU J 69 -16.97 50.21 -20.73
N GLY J 70 -17.12 49.48 -21.83
CA GLY J 70 -18.34 48.74 -22.10
C GLY J 70 -19.51 49.55 -22.60
N ILE J 71 -19.34 50.90 -22.72
CA ILE J 71 -20.35 51.86 -23.19
C ILE J 71 -20.56 51.77 -24.73
N THR J 72 -21.85 51.63 -25.16
CA THR J 72 -22.22 51.54 -26.59
C THR J 72 -22.89 52.84 -27.03
N ALA J 73 -23.11 52.99 -28.35
CA ALA J 73 -23.77 54.13 -28.94
C ALA J 73 -25.13 54.34 -28.28
N LEU J 74 -25.90 53.24 -28.03
CA LEU J 74 -27.22 53.26 -27.34
C LEU J 74 -27.08 53.79 -25.91
N HIS J 75 -26.10 53.33 -25.11
CA HIS J 75 -25.86 53.90 -23.76
C HIS J 75 -25.64 55.44 -23.84
N ASN J 76 -24.85 55.92 -24.85
CA ASN J 76 -24.57 57.37 -24.96
C ASN J 76 -25.80 58.16 -25.35
N ALA J 77 -26.60 57.68 -26.32
CA ALA J 77 -27.84 58.33 -26.76
C ALA J 77 -28.85 58.42 -25.60
N VAL J 78 -29.03 57.32 -24.84
CA VAL J 78 -29.95 57.27 -23.69
C VAL J 78 -29.51 58.25 -22.56
N CYS J 79 -28.25 58.16 -22.12
CA CYS J 79 -27.66 58.99 -21.07
C CYS J 79 -27.75 60.48 -21.40
N ALA J 80 -27.48 60.85 -22.68
CA ALA J 80 -27.50 62.24 -23.15
C ALA J 80 -28.93 62.71 -23.51
N GLY J 81 -29.87 61.77 -23.57
CA GLY J 81 -31.29 62.03 -23.77
C GLY J 81 -31.74 62.39 -25.17
N HIS J 82 -31.11 61.80 -26.20
CA HIS J 82 -31.46 62.06 -27.58
C HIS J 82 -32.37 60.94 -28.07
N THR J 83 -33.67 61.09 -27.74
CA THR J 83 -34.74 60.12 -28.01
C THR J 83 -34.80 59.67 -29.48
N GLU J 84 -34.58 60.60 -30.43
CA GLU J 84 -34.61 60.33 -31.87
C GLU J 84 -33.51 59.34 -32.26
N ILE J 85 -32.30 59.46 -31.70
CA ILE J 85 -31.15 58.57 -31.92
C ILE J 85 -31.45 57.21 -31.27
N VAL J 86 -32.03 57.21 -30.05
CA VAL J 86 -32.44 56.03 -29.28
C VAL J 86 -33.40 55.19 -30.14
N LYS J 87 -34.49 55.81 -30.67
CA LYS J 87 -35.49 55.13 -31.50
C LYS J 87 -34.84 54.57 -32.78
N PHE J 88 -33.90 55.34 -33.37
CA PHE J 88 -33.18 54.93 -34.58
C PHE J 88 -32.29 53.71 -34.33
N LEU J 89 -31.35 53.82 -33.36
CA LEU J 89 -30.43 52.74 -32.99
C LEU J 89 -31.16 51.44 -32.62
N VAL J 90 -32.24 51.53 -31.83
CA VAL J 90 -33.03 50.37 -31.38
C VAL J 90 -33.74 49.73 -32.60
N GLN J 91 -34.39 50.56 -33.46
CA GLN J 91 -35.08 50.06 -34.67
C GLN J 91 -34.10 49.51 -35.70
N PHE J 92 -32.83 49.94 -35.67
CA PHE J 92 -31.75 49.45 -36.55
C PHE J 92 -31.38 47.99 -36.19
N GLY J 93 -31.58 47.60 -34.92
CA GLY J 93 -31.29 46.25 -34.44
C GLY J 93 -30.10 46.15 -33.50
N VAL J 94 -29.74 47.26 -32.89
CA VAL J 94 -28.66 47.38 -31.94
C VAL J 94 -29.03 46.60 -30.65
N ASN J 95 -28.04 46.02 -29.96
CA ASN J 95 -28.26 45.27 -28.72
C ASN J 95 -28.81 46.20 -27.65
N VAL J 96 -30.09 46.04 -27.32
CA VAL J 96 -30.86 46.82 -26.35
C VAL J 96 -30.46 46.47 -24.89
N ASN J 97 -29.78 45.32 -24.67
CA ASN J 97 -29.40 44.84 -23.34
C ASN J 97 -27.91 44.79 -23.09
N ALA J 98 -27.14 45.56 -23.87
CA ALA J 98 -25.68 45.69 -23.79
C ALA J 98 -25.32 46.27 -22.42
N ALA J 99 -24.51 45.53 -21.67
CA ALA J 99 -24.15 45.96 -20.33
C ALA J 99 -22.72 46.54 -20.32
N ASP J 100 -22.54 47.69 -19.66
CA ASP J 100 -21.20 48.24 -19.64
C ASP J 100 -20.34 47.46 -18.60
N SER J 101 -19.16 47.98 -18.24
CA SER J 101 -18.19 47.37 -17.32
C SER J 101 -18.73 47.14 -15.90
N ASP J 102 -19.77 47.90 -15.51
CA ASP J 102 -20.39 47.84 -14.18
C ASP J 102 -21.79 47.17 -14.23
N GLY J 103 -22.16 46.63 -15.42
CA GLY J 103 -23.44 45.98 -15.69
C GLY J 103 -24.61 46.86 -16.12
N TRP J 104 -24.42 48.17 -16.22
CA TRP J 104 -25.42 49.13 -16.68
C TRP J 104 -25.82 48.88 -18.13
N THR J 105 -27.08 48.62 -18.34
CA THR J 105 -27.72 48.43 -19.65
C THR J 105 -28.40 49.76 -20.01
N PRO J 106 -28.86 49.99 -21.27
CA PRO J 106 -29.58 51.24 -21.59
C PRO J 106 -30.82 51.50 -20.69
N LEU J 107 -31.53 50.44 -20.26
CA LEU J 107 -32.70 50.55 -19.37
C LEU J 107 -32.29 51.11 -17.99
N HIS J 108 -31.10 50.74 -17.45
CA HIS J 108 -30.57 51.32 -16.20
C HIS J 108 -30.30 52.78 -16.39
N CYS J 109 -29.75 53.16 -17.56
CA CYS J 109 -29.44 54.54 -17.91
C CYS J 109 -30.70 55.39 -18.05
N ALA J 110 -31.73 54.91 -18.74
CA ALA J 110 -33.01 55.61 -18.92
C ALA J 110 -33.71 55.82 -17.57
N ALA J 111 -33.73 54.77 -16.72
CA ALA J 111 -34.27 54.80 -15.37
C ALA J 111 -33.55 55.83 -14.48
N SER J 112 -32.19 55.88 -14.48
CA SER J 112 -31.43 56.86 -13.69
C SER J 112 -31.78 58.32 -14.05
N CYS J 113 -32.29 58.54 -15.29
CA CYS J 113 -32.73 59.84 -15.81
C CYS J 113 -34.22 60.09 -15.51
N ASN J 114 -34.93 59.09 -14.92
CA ASN J 114 -36.37 59.13 -14.61
C ASN J 114 -37.19 59.36 -15.89
N ASN J 115 -36.76 58.71 -17.00
CA ASN J 115 -37.34 58.90 -18.32
C ASN J 115 -38.28 57.77 -18.62
N VAL J 116 -39.57 57.96 -18.21
CA VAL J 116 -40.61 56.94 -18.35
C VAL J 116 -40.92 56.64 -19.84
N GLN J 117 -40.76 57.60 -20.74
CA GLN J 117 -41.06 57.38 -22.16
C GLN J 117 -40.01 56.49 -22.82
N VAL J 118 -38.71 56.70 -22.54
CA VAL J 118 -37.62 55.88 -23.08
C VAL J 118 -37.70 54.47 -22.45
N CYS J 119 -37.95 54.37 -21.10
CA CYS J 119 -38.10 53.09 -20.38
C CYS J 119 -39.18 52.25 -21.03
N LYS J 120 -40.36 52.85 -21.27
CA LYS J 120 -41.49 52.18 -21.90
C LYS J 120 -41.12 51.69 -23.32
N PHE J 121 -40.42 52.54 -24.11
CA PHE J 121 -39.98 52.20 -25.47
C PHE J 121 -39.00 51.04 -25.45
N LEU J 122 -37.95 51.10 -24.59
CA LEU J 122 -36.94 50.05 -24.46
C LEU J 122 -37.56 48.73 -24.04
N VAL J 123 -38.54 48.75 -23.11
CA VAL J 123 -39.25 47.55 -22.62
C VAL J 123 -39.98 46.90 -23.80
N GLU J 124 -40.61 47.75 -24.64
CA GLU J 124 -41.37 47.33 -25.82
C GLU J 124 -40.45 46.82 -26.94
N SER J 125 -39.15 47.08 -26.80
CA SER J 125 -38.10 46.72 -27.75
C SER J 125 -37.19 45.58 -27.22
N GLY J 126 -37.67 44.83 -26.23
CA GLY J 126 -36.97 43.69 -25.67
C GLY J 126 -35.96 43.94 -24.58
N ALA J 127 -36.16 44.99 -23.77
CA ALA J 127 -35.21 45.27 -22.68
C ALA J 127 -35.38 44.24 -21.55
N ALA J 128 -34.24 43.84 -20.95
CA ALA J 128 -34.18 42.90 -19.84
C ALA J 128 -34.51 43.65 -18.56
N VAL J 129 -35.75 43.51 -18.13
CA VAL J 129 -36.37 44.09 -16.95
C VAL J 129 -35.54 43.73 -15.69
N PHE J 130 -35.12 42.44 -15.56
CA PHE J 130 -34.45 41.95 -14.37
C PHE J 130 -32.92 41.93 -14.46
N ALA J 131 -32.32 42.56 -15.47
CA ALA J 131 -30.85 42.71 -15.58
C ALA J 131 -30.35 43.53 -14.39
N MET J 132 -29.34 43.03 -13.70
CA MET J 132 -28.77 43.68 -12.52
C MET J 132 -27.35 44.22 -12.73
N THR J 133 -27.00 45.26 -11.97
CA THR J 133 -25.66 45.83 -11.95
C THR J 133 -24.77 44.86 -11.20
N TYR J 134 -23.46 44.88 -11.47
CA TYR J 134 -22.53 43.93 -10.88
C TYR J 134 -22.29 44.19 -9.38
N SER J 135 -21.70 45.34 -9.03
CA SER J 135 -21.22 45.58 -7.69
C SER J 135 -22.35 45.56 -6.66
N ASP J 136 -23.45 46.16 -7.04
CA ASP J 136 -24.65 46.19 -6.22
C ASP J 136 -25.64 45.40 -7.08
N MET J 137 -26.51 44.60 -6.48
CA MET J 137 -27.44 43.85 -7.31
C MET J 137 -28.72 44.63 -7.60
N GLN J 138 -28.64 45.66 -8.45
CA GLN J 138 -29.80 46.49 -8.68
C GLN J 138 -30.32 46.41 -10.10
N THR J 139 -31.66 46.36 -10.22
CA THR J 139 -32.38 46.34 -11.49
C THR J 139 -32.56 47.78 -11.96
N ALA J 140 -33.09 48.01 -13.19
CA ALA J 140 -33.29 49.37 -13.71
C ALA J 140 -34.17 50.20 -12.78
N ALA J 141 -35.27 49.61 -12.28
CA ALA J 141 -36.23 50.24 -11.36
C ALA J 141 -35.55 50.80 -10.11
N ASP J 142 -34.49 50.18 -9.64
CA ASP J 142 -33.74 50.58 -8.46
C ASP J 142 -32.87 51.81 -8.72
N LYS J 143 -32.56 52.09 -10.00
CA LYS J 143 -31.68 53.18 -10.43
C LYS J 143 -32.37 54.55 -10.52
N CYS J 144 -33.72 54.58 -10.48
CA CYS J 144 -34.51 55.83 -10.52
C CYS J 144 -34.09 56.76 -9.38
N GLU J 145 -34.03 58.06 -9.65
CA GLU J 145 -33.53 59.05 -8.69
C GLU J 145 -34.66 59.73 -7.96
N GLU J 146 -34.72 59.50 -6.65
CA GLU J 146 -35.75 59.97 -5.71
C GLU J 146 -35.81 61.50 -5.65
N MET J 147 -34.65 62.18 -5.65
CA MET J 147 -34.58 63.64 -5.56
C MET J 147 -34.86 64.36 -6.91
N GLU J 148 -34.87 63.62 -8.04
CA GLU J 148 -35.14 64.17 -9.37
C GLU J 148 -36.62 64.04 -9.72
N GLU J 149 -37.06 64.84 -10.68
CA GLU J 149 -38.45 64.86 -11.15
C GLU J 149 -38.76 63.61 -11.96
N GLY J 150 -40.02 63.18 -11.91
CA GLY J 150 -40.53 62.02 -12.62
C GLY J 150 -40.23 60.68 -11.98
N TYR J 151 -39.79 60.68 -10.71
CA TYR J 151 -39.42 59.49 -9.95
C TYR J 151 -40.56 58.51 -9.81
N THR J 152 -41.67 58.95 -9.17
CA THR J 152 -42.87 58.17 -8.86
C THR J 152 -43.36 57.50 -10.13
N GLN J 153 -43.53 58.23 -11.23
CA GLN J 153 -44.03 57.66 -12.48
C GLN J 153 -43.07 56.65 -13.10
N CYS J 154 -41.75 56.92 -13.07
CA CYS J 154 -40.79 56.01 -13.69
C CYS J 154 -40.57 54.74 -12.84
N SER J 155 -40.34 54.90 -11.52
CA SER J 155 -40.11 53.77 -10.63
C SER J 155 -41.34 52.89 -10.53
N GLN J 156 -42.54 53.48 -10.44
CA GLN J 156 -43.80 52.72 -10.37
C GLN J 156 -44.07 51.97 -11.65
N PHE J 157 -43.63 52.47 -12.78
CA PHE J 157 -43.80 51.79 -14.07
C PHE J 157 -42.88 50.58 -14.15
N LEU J 158 -41.60 50.76 -13.82
CA LEU J 158 -40.60 49.70 -13.87
C LEU J 158 -40.84 48.63 -12.82
N TYR J 159 -41.16 49.00 -11.56
CA TYR J 159 -41.50 47.99 -10.53
C TYR J 159 -42.80 47.28 -10.91
N GLY J 160 -43.71 47.98 -11.56
CA GLY J 160 -44.96 47.46 -12.07
C GLY J 160 -44.78 46.35 -13.09
N VAL J 161 -43.81 46.49 -14.02
CA VAL J 161 -43.46 45.48 -15.04
C VAL J 161 -42.84 44.26 -14.34
N GLN J 162 -41.99 44.49 -13.31
CA GLN J 162 -41.32 43.42 -12.56
C GLN J 162 -42.33 42.50 -11.88
N GLU J 163 -43.37 43.11 -11.27
CA GLU J 163 -44.44 42.46 -10.53
C GLU J 163 -45.51 41.85 -11.42
N LYS J 164 -45.85 42.49 -12.57
CA LYS J 164 -46.92 42.04 -13.47
C LYS J 164 -46.49 41.17 -14.64
N MET J 165 -45.21 41.13 -14.99
CA MET J 165 -44.71 40.30 -16.09
C MET J 165 -44.98 38.81 -15.85
N GLY J 166 -45.61 38.15 -16.81
CA GLY J 166 -46.00 36.74 -16.71
C GLY J 166 -47.39 36.56 -16.15
N ILE J 167 -48.07 37.68 -15.83
CA ILE J 167 -49.46 37.73 -15.33
C ILE J 167 -50.26 38.56 -16.34
N MET J 168 -49.82 39.81 -16.62
CA MET J 168 -50.41 40.70 -17.60
C MET J 168 -50.19 40.12 -19.01
N ASN J 169 -50.90 40.65 -20.01
CA ASN J 169 -50.87 40.23 -21.42
C ASN J 169 -51.08 38.71 -21.56
N LYS J 170 -51.99 38.15 -20.72
CA LYS J 170 -52.38 36.75 -20.65
C LYS J 170 -51.15 35.83 -20.42
N GLY J 171 -50.23 36.31 -19.59
CA GLY J 171 -48.99 35.62 -19.21
C GLY J 171 -47.99 35.43 -20.32
N VAL J 172 -48.15 36.14 -21.41
CA VAL J 172 -47.27 36.03 -22.58
C VAL J 172 -46.00 36.87 -22.36
N ILE J 173 -44.85 36.19 -22.50
CA ILE J 173 -43.51 36.78 -22.38
C ILE J 173 -42.68 36.25 -23.53
N TYR J 174 -41.46 36.79 -23.69
CA TYR J 174 -40.54 36.38 -24.74
C TYR J 174 -39.16 36.11 -24.17
N ALA J 175 -38.43 35.14 -24.76
CA ALA J 175 -37.06 34.85 -24.38
C ALA J 175 -36.16 35.89 -25.03
N LEU J 176 -35.27 36.55 -24.23
CA LEU J 176 -34.34 37.57 -24.73
C LEU J 176 -32.94 36.98 -24.91
N TRP J 177 -32.77 35.69 -24.58
CA TRP J 177 -31.52 34.93 -24.69
C TRP J 177 -31.82 33.46 -24.86
N ASP J 178 -30.87 32.71 -25.45
CA ASP J 178 -31.01 31.26 -25.51
C ASP J 178 -30.83 30.72 -24.09
N TYR J 179 -31.44 29.61 -23.79
CA TYR J 179 -31.24 28.96 -22.50
C TYR J 179 -31.12 27.47 -22.69
N GLU J 180 -29.97 26.90 -22.29
CA GLU J 180 -29.70 25.46 -22.34
C GLU J 180 -30.03 24.84 -20.97
N PRO J 181 -31.08 23.96 -20.85
CA PRO J 181 -31.44 23.39 -19.53
C PRO J 181 -30.34 22.63 -18.83
N GLN J 182 -30.33 22.69 -17.49
CA GLN J 182 -29.36 22.00 -16.63
C GLN J 182 -30.03 20.86 -15.88
N ASN J 183 -31.37 20.88 -15.78
CA ASN J 183 -32.20 19.88 -15.11
C ASN J 183 -33.36 19.50 -16.01
N ASP J 184 -33.89 18.27 -15.83
CA ASP J 184 -34.96 17.65 -16.61
C ASP J 184 -36.26 18.46 -16.65
N ASP J 185 -36.60 19.19 -15.56
CA ASP J 185 -37.82 19.97 -15.48
C ASP J 185 -37.64 21.43 -15.98
N GLU J 186 -36.64 21.67 -16.85
CA GLU J 186 -36.38 23.00 -17.37
C GLU J 186 -36.58 23.05 -18.88
N LEU J 187 -37.24 24.11 -19.37
CA LEU J 187 -37.53 24.36 -20.78
C LEU J 187 -36.36 24.98 -21.55
N PRO J 188 -35.92 24.40 -22.71
CA PRO J 188 -34.91 25.07 -23.52
C PRO J 188 -35.54 26.29 -24.20
N MET J 189 -34.76 27.34 -24.40
CA MET J 189 -35.26 28.57 -25.03
C MET J 189 -34.34 29.01 -26.12
N LYS J 190 -34.91 29.76 -27.07
CA LYS J 190 -34.18 30.41 -28.15
C LYS J 190 -34.60 31.86 -28.15
N GLU J 191 -33.66 32.78 -28.37
CA GLU J 191 -33.97 34.21 -28.40
C GLU J 191 -35.18 34.47 -29.33
N GLY J 192 -36.16 35.23 -28.82
CA GLY J 192 -37.36 35.56 -29.56
C GLY J 192 -38.53 34.64 -29.28
N ASP J 193 -38.27 33.44 -28.71
CA ASP J 193 -39.30 32.44 -28.37
C ASP J 193 -40.40 33.06 -27.54
N CYS J 194 -41.64 32.81 -27.95
CA CYS J 194 -42.83 33.33 -27.29
C CYS J 194 -43.44 32.20 -26.49
N MET J 195 -43.67 32.44 -25.20
CA MET J 195 -44.25 31.43 -24.33
C MET J 195 -45.22 32.05 -23.34
N THR J 196 -46.04 31.22 -22.69
CA THR J 196 -47.04 31.64 -21.72
C THR J 196 -46.60 31.18 -20.35
N ILE J 197 -46.71 32.07 -19.34
CA ILE J 197 -46.35 31.73 -17.98
C ILE J 197 -47.57 31.13 -17.28
N ILE J 198 -47.42 29.89 -16.79
CA ILE J 198 -48.45 29.17 -16.05
C ILE J 198 -48.37 29.59 -14.59
N HIS J 199 -47.20 29.42 -13.94
CA HIS J 199 -47.04 29.83 -12.53
C HIS J 199 -45.76 30.59 -12.32
N ARG J 200 -45.85 31.71 -11.61
CA ARG J 200 -44.71 32.56 -11.24
C ARG J 200 -44.02 32.01 -9.98
N GLU J 201 -44.80 31.51 -8.98
CA GLU J 201 -44.32 30.95 -7.69
C GLU J 201 -43.36 31.95 -6.99
N ASP J 202 -43.84 33.19 -6.76
CA ASP J 202 -43.09 34.29 -6.16
C ASP J 202 -42.67 34.02 -4.68
N GLU J 203 -43.22 32.94 -4.07
CA GLU J 203 -42.91 32.56 -2.68
C GLU J 203 -41.72 31.58 -2.66
N ASP J 204 -41.80 30.49 -3.46
CA ASP J 204 -40.78 29.44 -3.56
C ASP J 204 -39.99 29.57 -4.88
N GLU J 205 -38.72 30.06 -4.79
CA GLU J 205 -37.80 30.27 -5.93
C GLU J 205 -38.40 31.30 -6.92
N ILE J 206 -38.28 32.57 -6.53
CA ILE J 206 -38.76 33.79 -7.21
C ILE J 206 -38.21 33.93 -8.66
N GLU J 207 -36.95 33.56 -8.88
CA GLU J 207 -36.26 33.73 -10.15
C GLU J 207 -36.60 32.67 -11.21
N TRP J 208 -37.38 31.62 -10.87
CA TRP J 208 -37.79 30.56 -11.79
C TRP J 208 -39.27 30.49 -11.91
N TRP J 209 -39.77 30.45 -13.16
CA TRP J 209 -41.19 30.44 -13.52
C TRP J 209 -41.51 29.22 -14.37
N TRP J 210 -42.72 28.65 -14.16
CA TRP J 210 -43.26 27.49 -14.88
C TRP J 210 -43.91 28.01 -16.16
N ALA J 211 -43.26 27.75 -17.30
CA ALA J 211 -43.75 28.24 -18.61
C ALA J 211 -44.22 27.11 -19.53
N ARG J 212 -44.96 27.51 -20.59
CA ARG J 212 -45.40 26.65 -21.66
C ARG J 212 -44.88 27.19 -22.97
N LEU J 213 -44.03 26.44 -23.65
CA LEU J 213 -43.48 26.79 -24.95
C LEU J 213 -43.84 25.67 -25.91
N ASN J 214 -44.62 26.02 -26.97
CA ASN J 214 -45.18 25.11 -27.99
C ASN J 214 -46.04 24.08 -27.24
N ASP J 215 -45.61 22.80 -27.17
CA ASP J 215 -46.39 21.76 -26.48
C ASP J 215 -45.83 21.44 -25.10
N LYS J 216 -44.50 21.61 -24.90
CA LYS J 216 -43.79 21.34 -23.65
C LYS J 216 -44.03 22.40 -22.57
N GLU J 217 -43.92 21.99 -21.30
CA GLU J 217 -44.03 22.81 -20.08
C GLU J 217 -42.80 22.59 -19.16
N GLY J 218 -42.25 23.67 -18.62
CA GLY J 218 -41.09 23.57 -17.72
C GLY J 218 -40.62 24.89 -17.17
N TYR J 219 -39.58 24.84 -16.32
CA TYR J 219 -38.99 26.03 -15.67
C TYR J 219 -38.06 26.84 -16.55
N VAL J 220 -38.29 28.16 -16.59
CA VAL J 220 -37.48 29.14 -17.30
C VAL J 220 -36.96 30.21 -16.31
N PRO J 221 -35.73 30.72 -16.45
CA PRO J 221 -35.26 31.75 -15.50
C PRO J 221 -35.73 33.13 -15.95
N ARG J 222 -36.50 33.83 -15.09
CA ARG J 222 -37.11 35.15 -15.36
C ARG J 222 -36.18 36.24 -15.82
N ASN J 223 -34.92 36.27 -15.34
CA ASN J 223 -33.95 37.32 -15.70
C ASN J 223 -33.68 37.38 -17.21
N LEU J 224 -33.87 36.25 -17.91
CA LEU J 224 -33.67 36.11 -19.34
C LEU J 224 -34.91 36.49 -20.13
N LEU J 225 -36.00 36.85 -19.47
CA LEU J 225 -37.27 37.10 -20.19
C LEU J 225 -37.63 38.57 -20.31
N GLY J 226 -38.52 38.85 -21.26
CA GLY J 226 -39.03 40.18 -21.53
C GLY J 226 -40.50 40.14 -21.86
N LEU J 227 -41.17 41.26 -21.67
CA LEU J 227 -42.60 41.44 -21.94
C LEU J 227 -42.87 41.46 -23.45
N TYR J 228 -41.88 41.97 -24.22
CA TYR J 228 -41.88 42.06 -25.68
C TYR J 228 -40.53 41.54 -26.22
N PRO J 229 -40.43 41.04 -27.48
CA PRO J 229 -39.15 40.49 -27.94
C PRO J 229 -38.20 41.56 -28.45
N ARG J 230 -36.95 41.17 -28.73
CA ARG J 230 -35.91 42.03 -29.27
C ARG J 230 -36.23 42.38 -30.74
N ILE J 231 -35.64 43.48 -31.22
CA ILE J 231 -35.77 43.87 -32.62
C ILE J 231 -34.53 43.29 -33.31
N LYS J 232 -34.75 42.37 -34.25
CA LYS J 232 -33.66 41.70 -34.98
C LYS J 232 -33.04 42.68 -36.01
N PRO J 233 -31.70 42.65 -36.25
CA PRO J 233 -31.12 43.58 -37.23
C PRO J 233 -31.27 43.06 -38.65
N VAL K 4 31.06 -29.41 11.67
CA VAL K 4 30.42 -29.55 10.36
C VAL K 4 31.02 -30.78 9.62
N ILE K 5 30.13 -31.73 9.27
CA ILE K 5 30.43 -33.00 8.60
C ILE K 5 30.29 -32.82 7.08
N PRO K 6 31.25 -33.29 6.25
CA PRO K 6 31.10 -33.16 4.80
C PRO K 6 29.90 -33.98 4.29
N SER K 7 29.13 -33.38 3.41
CA SER K 7 27.93 -33.98 2.87
C SER K 7 28.29 -34.98 1.77
N ASN K 8 27.60 -36.11 1.74
CA ASN K 8 27.87 -37.15 0.78
C ASN K 8 26.70 -37.44 -0.14
N THR K 9 25.54 -36.80 0.09
CA THR K 9 24.32 -37.05 -0.69
C THR K 9 24.54 -36.83 -2.17
N ASP K 10 24.11 -37.81 -2.98
CA ASP K 10 24.22 -37.74 -4.45
C ASP K 10 23.42 -36.55 -4.95
N TYR K 11 24.00 -35.79 -5.89
CA TYR K 11 23.36 -34.60 -6.42
C TYR K 11 23.69 -34.47 -7.90
N PRO K 12 22.85 -34.97 -8.83
CA PRO K 12 23.17 -34.83 -10.26
C PRO K 12 23.34 -33.38 -10.71
N GLY K 13 22.56 -32.47 -10.13
CA GLY K 13 22.63 -31.04 -10.42
C GLY K 13 22.25 -30.61 -11.83
N PRO K 14 22.45 -29.30 -12.16
CA PRO K 14 22.06 -28.79 -13.50
C PRO K 14 22.77 -29.39 -14.72
N HIS K 15 23.96 -30.01 -14.53
CA HIS K 15 24.74 -30.56 -15.64
C HIS K 15 24.71 -32.08 -15.67
N HIS K 16 23.81 -32.70 -14.86
CA HIS K 16 23.61 -34.16 -14.78
C HIS K 16 24.97 -34.85 -14.62
N PHE K 17 25.64 -34.52 -13.51
CA PHE K 17 26.96 -34.98 -13.15
C PHE K 17 26.94 -36.45 -12.74
N GLU K 18 27.63 -37.28 -13.54
CA GLU K 18 27.75 -38.72 -13.30
C GLU K 18 29.18 -39.14 -13.12
N VAL K 19 29.42 -40.08 -12.17
CA VAL K 19 30.73 -40.70 -11.87
C VAL K 19 30.56 -42.18 -12.14
N THR K 20 31.25 -42.72 -13.14
CA THR K 20 31.14 -44.14 -13.50
C THR K 20 32.52 -44.82 -13.60
N PHE K 21 32.51 -46.15 -13.73
CA PHE K 21 33.72 -46.93 -13.84
C PHE K 21 33.59 -47.86 -15.02
N GLN K 22 34.65 -47.97 -15.84
CA GLN K 22 34.76 -48.85 -17.00
C GLN K 22 34.66 -50.31 -16.54
N GLN K 23 34.31 -51.27 -17.45
CA GLN K 23 34.18 -52.70 -17.14
C GLN K 23 35.37 -53.17 -16.28
N SER K 24 35.12 -53.34 -14.98
CA SER K 24 36.15 -53.73 -14.03
C SER K 24 36.20 -55.23 -13.89
N SER K 25 37.38 -55.81 -14.11
CA SER K 25 37.64 -57.24 -14.02
C SER K 25 37.12 -57.84 -12.71
N THR K 26 36.39 -58.94 -12.83
CA THR K 26 35.84 -59.68 -11.70
C THR K 26 36.96 -60.62 -11.13
N ALA K 27 38.08 -60.74 -11.89
CA ALA K 27 39.27 -61.54 -11.62
C ALA K 27 39.95 -61.19 -10.29
N LYS K 28 40.61 -62.18 -9.68
CA LYS K 28 41.36 -61.99 -8.43
C LYS K 28 42.66 -61.20 -8.67
N SER K 29 43.16 -61.21 -9.94
CA SER K 29 44.35 -60.52 -10.42
C SER K 29 44.17 -58.99 -10.51
N ALA K 30 42.92 -58.52 -10.70
CA ALA K 30 42.52 -57.12 -10.84
C ALA K 30 43.09 -56.26 -9.72
N THR K 31 43.68 -55.11 -10.09
CA THR K 31 44.31 -54.15 -9.15
C THR K 31 43.22 -53.27 -8.51
N TRP K 32 42.07 -53.20 -9.18
CA TRP K 32 40.88 -52.48 -8.75
C TRP K 32 39.65 -53.11 -9.39
N THR K 33 38.50 -52.96 -8.71
CA THR K 33 37.19 -53.44 -9.17
C THR K 33 36.11 -52.56 -8.50
N TYR K 34 35.02 -52.29 -9.22
CA TYR K 34 33.90 -51.51 -8.75
C TYR K 34 32.67 -52.34 -8.72
N SER K 35 31.99 -52.34 -7.57
CA SER K 35 30.75 -53.08 -7.38
C SER K 35 29.54 -52.18 -7.52
N PRO K 36 28.85 -52.20 -8.70
CA PRO K 36 27.60 -51.42 -8.85
C PRO K 36 26.52 -51.80 -7.83
N LEU K 37 26.43 -53.11 -7.48
CA LEU K 37 25.50 -53.65 -6.48
C LEU K 37 25.69 -52.97 -5.12
N LEU K 38 26.94 -52.81 -4.67
CA LEU K 38 27.22 -52.24 -3.36
C LEU K 38 27.62 -50.78 -3.39
N LYS K 39 27.80 -50.17 -4.62
CA LYS K 39 28.31 -48.80 -4.82
C LYS K 39 29.62 -48.69 -4.05
N LYS K 40 30.51 -49.65 -4.30
CA LYS K 40 31.75 -49.82 -3.58
C LYS K 40 32.91 -50.06 -4.53
N LEU K 41 34.01 -49.32 -4.30
CA LEU K 41 35.26 -49.44 -5.05
C LEU K 41 36.27 -50.13 -4.18
N TYR K 42 36.90 -51.14 -4.78
CA TYR K 42 37.96 -51.95 -4.20
C TYR K 42 39.23 -51.65 -4.95
N CYS K 43 40.31 -51.28 -4.25
CA CYS K 43 41.54 -50.90 -4.90
C CYS K 43 42.75 -51.40 -4.14
N GLN K 44 43.86 -51.62 -4.85
CA GLN K 44 45.13 -51.98 -4.21
C GLN K 44 45.85 -50.68 -3.91
N ILE K 45 46.58 -50.62 -2.78
CA ILE K 45 47.37 -49.45 -2.35
C ILE K 45 48.28 -48.96 -3.48
N ALA K 46 48.33 -47.62 -3.66
CA ALA K 46 49.24 -46.91 -4.58
C ALA K 46 49.10 -47.34 -6.07
N LYS K 47 47.98 -47.96 -6.48
CA LYS K 47 47.79 -48.38 -7.91
C LYS K 47 46.83 -47.43 -8.60
N THR K 48 46.89 -47.32 -9.94
CA THR K 48 46.04 -46.43 -10.75
C THR K 48 44.61 -46.89 -10.78
N CYS K 49 43.70 -45.97 -10.48
CA CYS K 49 42.29 -46.28 -10.58
C CYS K 49 41.58 -45.21 -11.42
N PRO K 50 41.22 -45.55 -12.67
CA PRO K 50 40.54 -44.58 -13.51
C PRO K 50 39.05 -44.43 -13.21
N ILE K 51 38.62 -43.19 -12.97
CA ILE K 51 37.23 -42.83 -12.74
C ILE K 51 36.79 -41.89 -13.86
N GLN K 52 35.59 -42.16 -14.42
CA GLN K 52 35.00 -41.46 -15.54
C GLN K 52 33.89 -40.52 -15.08
N ILE K 53 34.02 -39.25 -15.43
CA ILE K 53 33.10 -38.15 -15.19
C ILE K 53 32.27 -37.94 -16.47
N LYS K 54 30.97 -37.63 -16.31
CA LYS K 54 30.08 -37.31 -17.41
C LYS K 54 29.15 -36.18 -17.00
N VAL K 55 28.90 -35.25 -17.94
CA VAL K 55 27.99 -34.11 -17.82
C VAL K 55 27.14 -34.04 -19.10
N SER K 56 25.89 -33.56 -19.00
CA SER K 56 25.00 -33.43 -20.16
C SER K 56 25.34 -32.16 -20.95
N THR K 57 25.64 -31.06 -20.23
CA THR K 57 26.02 -29.77 -20.77
C THR K 57 27.32 -29.31 -20.10
N PRO K 58 28.19 -28.53 -20.81
CA PRO K 58 29.44 -28.08 -20.17
C PRO K 58 29.19 -27.20 -18.96
N PRO K 59 29.91 -27.40 -17.83
CA PRO K 59 29.70 -26.52 -16.66
C PRO K 59 30.38 -25.15 -16.89
N PRO K 60 30.18 -24.12 -16.01
CA PRO K 60 30.80 -22.80 -16.26
C PRO K 60 32.33 -22.80 -16.25
N PRO K 61 33.03 -21.78 -16.80
CA PRO K 61 34.51 -21.76 -16.70
C PRO K 61 34.98 -21.66 -15.24
N GLY K 62 36.09 -22.33 -14.93
CA GLY K 62 36.64 -22.33 -13.58
C GLY K 62 36.08 -23.41 -12.67
N THR K 63 35.27 -24.33 -13.26
CA THR K 63 34.65 -25.46 -12.56
C THR K 63 35.74 -26.47 -12.21
N ALA K 64 35.70 -26.98 -10.97
CA ALA K 64 36.65 -27.96 -10.50
C ALA K 64 35.96 -29.26 -10.02
N ILE K 65 36.74 -30.34 -9.93
CA ILE K 65 36.29 -31.62 -9.43
C ILE K 65 37.12 -31.93 -8.18
N ARG K 66 36.49 -32.01 -7.01
CA ARG K 66 37.16 -32.38 -5.75
C ARG K 66 36.89 -33.85 -5.35
N ALA K 67 37.88 -34.52 -4.71
CA ALA K 67 37.77 -35.88 -4.19
C ALA K 67 38.25 -35.84 -2.77
N MET K 68 37.36 -36.14 -1.83
CA MET K 68 37.64 -36.12 -0.40
C MET K 68 37.22 -37.46 0.28
N PRO K 69 38.10 -38.10 1.08
CA PRO K 69 37.67 -39.34 1.77
C PRO K 69 37.03 -38.97 3.10
N VAL K 70 35.99 -39.70 3.53
CA VAL K 70 35.31 -39.45 4.82
C VAL K 70 35.01 -40.81 5.45
N TYR K 71 35.09 -40.94 6.79
CA TYR K 71 34.72 -42.21 7.45
C TYR K 71 33.21 -42.41 7.31
N LYS K 72 32.79 -43.62 6.94
CA LYS K 72 31.38 -43.98 6.65
C LYS K 72 30.47 -44.04 7.91
N LYS K 73 30.95 -44.68 8.99
CA LYS K 73 30.18 -44.86 10.22
C LYS K 73 30.13 -43.56 11.00
N ALA K 74 28.93 -43.28 11.56
CA ALA K 74 28.61 -42.08 12.33
C ALA K 74 29.51 -41.88 13.56
N GLU K 75 29.98 -42.98 14.16
CA GLU K 75 30.84 -42.92 15.35
C GLU K 75 32.29 -42.57 14.99
N HIS K 76 32.61 -42.43 13.68
CA HIS K 76 33.96 -42.13 13.18
C HIS K 76 34.06 -40.88 12.32
N VAL K 77 32.92 -40.39 11.82
CA VAL K 77 32.77 -39.31 10.85
C VAL K 77 33.51 -37.99 11.21
N THR K 78 33.69 -37.64 12.50
CA THR K 78 34.37 -36.38 12.86
C THR K 78 35.90 -36.49 12.68
N ASP K 79 36.46 -37.73 12.60
CA ASP K 79 37.89 -37.96 12.40
C ASP K 79 38.25 -37.75 10.95
N VAL K 80 39.32 -36.95 10.68
CA VAL K 80 39.79 -36.64 9.32
C VAL K 80 40.49 -37.91 8.76
N VAL K 81 40.17 -38.26 7.49
CA VAL K 81 40.78 -39.39 6.83
C VAL K 81 42.15 -38.96 6.32
N LYS K 82 43.20 -39.57 6.91
CA LYS K 82 44.61 -39.31 6.61
C LYS K 82 45.39 -40.64 6.43
N ARG K 83 46.68 -40.56 6.04
CA ARG K 83 47.56 -41.73 5.95
C ARG K 83 48.07 -42.10 7.32
N CYS K 84 48.38 -43.37 7.54
CA CYS K 84 48.89 -43.80 8.84
C CYS K 84 50.28 -43.20 9.06
N PRO K 85 50.74 -43.08 10.31
CA PRO K 85 52.08 -42.52 10.54
C PRO K 85 53.17 -43.23 9.72
N ASN K 86 53.15 -44.56 9.65
CA ASN K 86 54.14 -45.39 8.97
C ASN K 86 54.24 -45.11 7.49
N HIS K 87 53.12 -45.04 6.74
CA HIS K 87 53.21 -44.72 5.31
C HIS K 87 53.58 -43.26 5.06
N GLU K 88 53.16 -42.37 5.99
CA GLU K 88 53.43 -40.96 5.92
C GLU K 88 54.93 -40.68 6.02
N LEU K 89 55.62 -41.26 7.03
CA LEU K 89 57.05 -41.06 7.27
C LEU K 89 57.95 -41.84 6.28
N GLY K 90 57.35 -42.81 5.59
CA GLY K 90 58.05 -43.63 4.61
C GLY K 90 58.63 -42.89 3.43
N ARG K 91 59.74 -43.40 2.87
CA ARG K 91 60.39 -42.84 1.69
C ARG K 91 59.62 -43.23 0.43
N ASP K 92 59.19 -44.50 0.34
CA ASP K 92 58.46 -45.05 -0.80
C ASP K 92 57.16 -44.30 -1.10
N PHE K 93 57.01 -43.88 -2.38
CA PHE K 93 55.89 -43.12 -2.93
C PHE K 93 55.78 -41.72 -2.33
N ASN K 94 56.82 -41.24 -1.65
CA ASN K 94 56.82 -39.91 -1.05
C ASN K 94 57.96 -39.04 -1.61
N GLU K 95 59.01 -39.69 -2.14
CA GLU K 95 60.18 -39.05 -2.71
C GLU K 95 59.98 -38.75 -4.19
N GLY K 96 60.02 -37.48 -4.54
CA GLY K 96 59.86 -37.05 -5.91
C GLY K 96 58.43 -37.10 -6.42
N GLN K 97 57.47 -36.57 -5.64
CA GLN K 97 56.07 -36.44 -6.04
C GLN K 97 55.47 -35.19 -5.31
N SER K 98 54.45 -34.57 -5.93
CA SER K 98 53.81 -33.30 -5.56
C SER K 98 52.90 -33.36 -4.33
N ALA K 99 52.30 -34.54 -4.04
CA ALA K 99 51.34 -34.68 -2.96
C ALA K 99 51.97 -34.69 -1.59
N PRO K 100 51.35 -34.01 -0.58
CA PRO K 100 51.85 -34.12 0.80
C PRO K 100 51.79 -35.56 1.24
N ALA K 101 52.72 -35.98 2.10
CA ALA K 101 52.81 -37.38 2.53
C ALA K 101 51.62 -37.86 3.37
N SER K 102 50.79 -36.97 3.89
CA SER K 102 49.65 -37.33 4.74
C SER K 102 48.35 -37.55 3.94
N HIS K 103 48.27 -37.12 2.70
CA HIS K 103 47.06 -37.25 1.88
C HIS K 103 46.84 -38.66 1.41
N LEU K 104 45.60 -39.17 1.61
CA LEU K 104 45.23 -40.50 1.19
C LEU K 104 44.98 -40.54 -0.30
N ILE K 105 44.20 -39.56 -0.83
CA ILE K 105 43.86 -39.55 -2.27
C ILE K 105 44.85 -38.66 -3.05
N ARG K 106 45.42 -39.21 -4.13
CA ARG K 106 46.31 -38.53 -5.06
C ARG K 106 45.72 -38.58 -6.45
N VAL K 107 46.03 -37.58 -7.28
CA VAL K 107 45.66 -37.56 -8.69
C VAL K 107 46.95 -37.89 -9.44
N GLU K 108 46.87 -38.78 -10.41
CA GLU K 108 48.01 -39.17 -11.23
C GLU K 108 47.90 -38.55 -12.63
N GLY K 109 48.99 -37.99 -13.12
CA GLY K 109 49.05 -37.42 -14.45
C GLY K 109 48.28 -36.15 -14.70
N ASN K 110 48.31 -35.21 -13.73
CA ASN K 110 47.68 -33.89 -13.88
C ASN K 110 48.48 -32.89 -13.09
N ASN K 111 49.22 -32.02 -13.80
CA ASN K 111 50.06 -30.95 -13.22
C ASN K 111 49.27 -29.86 -12.52
N LEU K 112 47.97 -29.76 -12.84
CA LEU K 112 47.07 -28.75 -12.29
C LEU K 112 46.34 -29.21 -11.00
N SER K 113 46.62 -30.42 -10.50
CA SER K 113 45.99 -30.90 -9.26
C SER K 113 46.45 -30.09 -8.05
N GLN K 114 45.54 -29.85 -7.09
CA GLN K 114 45.84 -29.09 -5.89
C GLN K 114 45.47 -29.88 -4.65
N TYR K 115 46.40 -29.96 -3.69
CA TYR K 115 46.24 -30.70 -2.45
C TYR K 115 45.87 -29.72 -1.38
N VAL K 116 44.58 -29.74 -1.02
CA VAL K 116 43.96 -28.84 -0.05
C VAL K 116 43.97 -29.45 1.36
N ASP K 117 44.38 -28.64 2.34
CA ASP K 117 44.34 -28.88 3.78
C ASP K 117 43.55 -27.74 4.36
N ASP K 118 42.27 -27.95 4.68
CA ASP K 118 41.45 -26.88 5.21
C ASP K 118 41.97 -26.41 6.59
N PRO K 119 42.27 -25.09 6.76
CA PRO K 119 42.81 -24.62 8.06
C PRO K 119 41.78 -24.61 9.19
N VAL K 120 40.48 -24.66 8.87
CA VAL K 120 39.42 -24.67 9.89
C VAL K 120 39.05 -26.12 10.29
N THR K 121 38.58 -26.93 9.31
CA THR K 121 38.10 -28.32 9.50
C THR K 121 39.24 -29.36 9.59
N GLY K 122 40.37 -29.08 8.97
CA GLY K 122 41.51 -30.00 8.91
C GLY K 122 41.38 -31.03 7.79
N ARG K 123 40.29 -30.95 6.99
CA ARG K 123 39.99 -31.91 5.92
C ARG K 123 40.94 -31.80 4.75
N GLN K 124 41.43 -32.97 4.32
CA GLN K 124 42.35 -33.10 3.19
C GLN K 124 41.59 -33.63 2.01
N SER K 125 41.85 -33.05 0.84
CA SER K 125 41.21 -33.37 -0.43
C SER K 125 42.14 -32.96 -1.56
N VAL K 126 41.77 -33.28 -2.80
CA VAL K 126 42.57 -32.98 -3.99
C VAL K 126 41.61 -32.52 -5.06
N VAL K 127 41.94 -31.37 -5.68
CA VAL K 127 41.09 -30.72 -6.67
C VAL K 127 41.80 -30.63 -8.03
N VAL K 128 41.06 -30.84 -9.12
CA VAL K 128 41.55 -30.74 -10.49
C VAL K 128 40.56 -29.89 -11.28
N PRO K 129 41.00 -29.05 -12.23
CA PRO K 129 40.02 -28.30 -13.03
C PRO K 129 39.15 -29.22 -13.89
N TYR K 130 37.90 -28.82 -14.19
CA TYR K 130 37.08 -29.64 -15.08
C TYR K 130 37.64 -29.47 -16.50
N GLU K 131 37.76 -30.57 -17.22
CA GLU K 131 38.23 -30.59 -18.60
C GLU K 131 37.23 -31.38 -19.43
N PRO K 132 36.77 -30.88 -20.58
CA PRO K 132 35.80 -31.65 -21.39
C PRO K 132 36.38 -32.97 -21.92
N PRO K 133 35.54 -33.95 -22.35
CA PRO K 133 36.12 -35.18 -22.92
C PRO K 133 36.90 -34.88 -24.20
N GLN K 134 37.71 -35.86 -24.65
CA GLN K 134 38.44 -35.71 -25.91
C GLN K 134 37.44 -35.76 -27.07
N VAL K 135 37.82 -35.23 -28.26
CA VAL K 135 36.93 -35.22 -29.43
C VAL K 135 36.46 -36.67 -29.74
N GLY K 136 35.15 -36.84 -29.79
CA GLY K 136 34.53 -38.13 -30.05
C GLY K 136 34.52 -39.07 -28.85
N THR K 137 34.72 -38.51 -27.63
CA THR K 137 34.68 -39.24 -26.35
C THR K 137 33.47 -38.76 -25.55
N GLU K 138 32.93 -39.66 -24.71
CA GLU K 138 31.76 -39.48 -23.85
C GLU K 138 32.15 -38.98 -22.44
N PHE K 139 33.30 -39.43 -21.92
CA PHE K 139 33.74 -39.15 -20.55
C PHE K 139 35.06 -38.40 -20.45
N THR K 140 35.28 -37.81 -19.26
CA THR K 140 36.49 -37.19 -18.80
C THR K 140 37.08 -38.17 -17.78
N THR K 141 38.33 -38.63 -18.00
CA THR K 141 38.94 -39.57 -17.07
C THR K 141 39.89 -38.86 -16.11
N ILE K 142 39.76 -39.16 -14.83
CA ILE K 142 40.67 -38.72 -13.76
C ILE K 142 41.29 -40.01 -13.16
N LEU K 143 42.62 -40.05 -13.08
CA LEU K 143 43.36 -41.18 -12.52
C LEU K 143 43.64 -40.89 -11.07
N TYR K 144 43.16 -41.77 -10.18
CA TYR K 144 43.31 -41.63 -8.73
C TYR K 144 44.22 -42.73 -8.17
N ASN K 145 44.86 -42.50 -7.07
CA ASN K 145 45.67 -43.48 -6.34
C ASN K 145 45.34 -43.28 -4.87
N PHE K 146 45.19 -44.36 -4.08
CA PHE K 146 44.85 -44.35 -2.64
C PHE K 146 46.05 -44.95 -1.97
N MET K 147 46.61 -44.24 -1.02
CA MET K 147 47.94 -44.44 -0.51
C MET K 147 48.06 -45.16 0.83
N CYS K 148 46.97 -45.68 1.35
CA CYS K 148 46.98 -46.47 2.56
C CYS K 148 45.97 -47.59 2.48
N ASN K 149 46.22 -48.73 3.11
CA ASN K 149 45.24 -49.78 3.15
C ASN K 149 44.17 -49.46 4.19
N SER K 150 42.94 -49.88 3.95
CA SER K 150 41.85 -49.72 4.91
C SER K 150 42.21 -50.26 6.28
N SER K 151 43.07 -51.26 6.37
CA SER K 151 43.46 -51.90 7.61
C SER K 151 44.64 -51.23 8.33
N CYS K 152 45.35 -50.23 7.70
CA CYS K 152 46.51 -49.55 8.30
C CYS K 152 46.23 -49.09 9.73
N VAL K 153 46.92 -49.68 10.72
CA VAL K 153 46.84 -49.30 12.14
C VAL K 153 47.46 -47.90 12.27
N GLY K 154 46.71 -46.99 12.89
CA GLY K 154 47.10 -45.59 13.04
C GLY K 154 46.47 -44.70 12.00
N GLY K 155 46.07 -45.31 10.90
CA GLY K 155 45.38 -44.67 9.81
C GLY K 155 43.91 -45.00 9.81
N MET K 156 43.41 -45.60 8.74
CA MET K 156 42.03 -45.98 8.67
C MET K 156 41.68 -47.10 9.63
N ASN K 157 42.66 -47.83 10.11
CA ASN K 157 42.46 -48.76 11.21
C ASN K 157 41.23 -49.67 11.06
N ARG K 158 41.03 -50.20 9.86
CA ARG K 158 39.95 -51.15 9.51
C ARG K 158 38.60 -50.48 9.32
N ARG K 159 38.49 -49.17 9.63
CA ARG K 159 37.24 -48.40 9.46
C ARG K 159 36.90 -48.17 7.99
N PRO K 160 35.61 -48.36 7.59
CA PRO K 160 35.24 -48.11 6.18
C PRO K 160 35.15 -46.63 5.88
N ILE K 161 35.32 -46.25 4.60
CA ILE K 161 35.28 -44.86 4.15
C ILE K 161 34.40 -44.66 2.91
N LEU K 162 33.93 -43.40 2.76
CA LEU K 162 33.26 -42.91 1.57
C LEU K 162 34.22 -42.01 0.82
N ILE K 163 34.21 -42.08 -0.51
CA ILE K 163 34.94 -41.18 -1.37
C ILE K 163 33.88 -40.26 -1.96
N ILE K 164 34.01 -38.95 -1.74
CA ILE K 164 33.05 -37.96 -2.21
C ILE K 164 33.63 -37.16 -3.38
N ILE K 165 32.98 -37.26 -4.55
CA ILE K 165 33.41 -36.52 -5.74
C ILE K 165 32.43 -35.36 -5.95
N THR K 166 32.91 -34.14 -5.91
CA THR K 166 31.97 -33.05 -6.10
C THR K 166 32.46 -32.11 -7.19
N LEU K 167 31.54 -31.76 -8.09
CA LEU K 167 31.71 -30.77 -9.16
C LEU K 167 31.41 -29.42 -8.54
N GLU K 168 32.40 -28.51 -8.46
CA GLU K 168 32.22 -27.21 -7.80
C GLU K 168 32.53 -26.02 -8.70
N MET K 169 31.93 -24.87 -8.36
CA MET K 169 32.24 -23.56 -8.97
C MET K 169 33.59 -23.11 -8.38
N ARG K 170 34.22 -22.09 -9.00
CA ARG K 170 35.49 -21.51 -8.54
C ARG K 170 35.40 -21.00 -7.07
N ASP K 171 34.21 -20.60 -6.61
CA ASP K 171 33.95 -20.09 -5.25
C ASP K 171 33.64 -21.23 -4.22
N GLY K 172 33.52 -22.48 -4.69
CA GLY K 172 33.20 -23.61 -3.83
C GLY K 172 31.73 -24.04 -3.80
N GLN K 173 30.86 -23.32 -4.52
CA GLN K 173 29.44 -23.65 -4.63
C GLN K 173 29.30 -24.93 -5.41
N VAL K 174 28.46 -25.84 -4.92
CA VAL K 174 28.27 -27.19 -5.43
C VAL K 174 27.37 -27.21 -6.66
N LEU K 175 27.87 -27.86 -7.74
CA LEU K 175 27.15 -28.05 -9.01
C LEU K 175 26.67 -29.49 -9.20
N GLY K 176 27.36 -30.41 -8.53
CA GLY K 176 27.12 -31.84 -8.60
C GLY K 176 27.87 -32.57 -7.50
N ARG K 177 27.41 -33.77 -7.14
CA ARG K 177 28.03 -34.63 -6.14
C ARG K 177 27.63 -36.07 -6.34
N ARG K 178 28.61 -36.98 -6.18
CA ARG K 178 28.49 -38.42 -6.23
C ARG K 178 29.44 -39.00 -5.22
N SER K 179 28.98 -39.93 -4.40
CA SER K 179 29.83 -40.59 -3.43
C SER K 179 29.68 -42.14 -3.57
N PHE K 180 30.66 -42.85 -3.03
CA PHE K 180 30.68 -44.32 -3.07
C PHE K 180 31.60 -44.80 -1.97
N GLU K 181 31.48 -46.05 -1.58
CA GLU K 181 32.35 -46.57 -0.56
C GLU K 181 33.68 -46.95 -1.20
N GLY K 182 34.75 -46.77 -0.45
CA GLY K 182 36.05 -47.16 -0.90
C GLY K 182 36.63 -48.20 0.01
N ARG K 183 37.37 -49.16 -0.58
CA ARG K 183 38.09 -50.19 0.18
C ARG K 183 39.45 -50.40 -0.45
N ILE K 184 40.51 -50.16 0.35
CA ILE K 184 41.88 -50.33 -0.11
C ILE K 184 42.39 -51.57 0.56
N CYS K 185 42.60 -52.61 -0.24
CA CYS K 185 42.94 -53.96 0.26
C CYS K 185 43.90 -54.66 -0.72
N ALA K 186 44.45 -55.81 -0.29
CA ALA K 186 45.37 -56.64 -1.05
C ALA K 186 44.71 -57.40 -2.17
N CYS K 187 43.44 -57.85 -2.01
CA CYS K 187 42.78 -58.58 -3.07
C CYS K 187 41.38 -58.00 -3.39
N PRO K 188 41.32 -56.97 -4.29
CA PRO K 188 40.03 -56.36 -4.65
C PRO K 188 38.96 -57.34 -5.14
N GLY K 189 39.32 -58.20 -6.09
CA GLY K 189 38.44 -59.20 -6.72
C GLY K 189 37.82 -60.20 -5.76
N ARG K 190 38.62 -60.69 -4.80
CA ARG K 190 38.15 -61.67 -3.80
C ARG K 190 37.21 -60.98 -2.83
N ASP K 191 37.60 -59.79 -2.33
CA ASP K 191 36.81 -59.01 -1.37
C ASP K 191 35.46 -58.58 -1.96
N ARG K 192 35.40 -58.25 -3.27
CA ARG K 192 34.16 -57.87 -3.93
C ARG K 192 33.19 -59.05 -3.93
N LYS K 193 33.62 -60.20 -4.46
CA LYS K 193 32.87 -61.45 -4.55
C LYS K 193 32.28 -61.84 -3.18
N ALA K 194 33.11 -61.87 -2.13
CA ALA K 194 32.68 -62.20 -0.77
C ALA K 194 31.55 -61.28 -0.27
N ASP K 195 31.72 -59.96 -0.47
CA ASP K 195 30.80 -58.92 -0.03
C ASP K 195 29.50 -58.96 -0.79
N GLU K 196 29.56 -59.13 -2.10
CA GLU K 196 28.38 -59.23 -2.97
C GLU K 196 27.54 -60.49 -2.60
N ASP K 197 28.20 -61.64 -2.36
CA ASP K 197 27.54 -62.89 -1.98
C ASP K 197 26.82 -62.74 -0.64
N HIS K 198 27.47 -62.09 0.34
CA HIS K 198 26.91 -61.89 1.66
C HIS K 198 25.71 -60.93 1.61
N TYR K 199 25.78 -59.90 0.73
CA TYR K 199 24.74 -58.91 0.56
C TYR K 199 23.49 -59.52 -0.08
N ARG K 200 23.66 -60.31 -1.17
CA ARG K 200 22.55 -60.98 -1.85
C ARG K 200 21.82 -61.94 -0.94
N GLU K 201 22.55 -62.62 -0.02
CA GLU K 201 21.95 -63.55 0.94
C GLU K 201 21.16 -62.79 2.00
N ALA K 202 21.80 -61.81 2.65
CA ALA K 202 21.21 -61.02 3.74
C ALA K 202 19.99 -60.22 3.30
N GLU K 203 19.96 -59.77 2.04
CA GLU K 203 18.91 -58.90 1.50
C GLU K 203 17.92 -59.66 0.60
N ASN K 204 18.03 -60.99 0.53
CA ASN K 204 17.14 -61.88 -0.22
C ASN K 204 17.02 -61.42 -1.68
N LEU K 205 18.18 -61.18 -2.29
CA LEU K 205 18.19 -60.72 -3.67
C LEU K 205 18.20 -61.91 -4.61
N TYR K 206 17.32 -61.90 -5.60
CA TYR K 206 17.22 -62.99 -6.55
C TYR K 206 18.45 -62.98 -7.44
N PHE K 207 19.14 -64.13 -7.52
CA PHE K 207 20.35 -64.30 -8.32
C PHE K 207 20.38 -65.69 -8.97
N GLN K 208 20.70 -65.71 -10.29
CA GLN K 208 20.83 -66.89 -11.17
C GLN K 208 19.57 -67.77 -11.12
N ASN L 36 -14.10 66.76 38.88
CA ASN L 36 -15.05 65.66 38.77
C ASN L 36 -14.41 64.32 39.26
N PRO L 37 -14.89 63.74 40.40
CA PRO L 37 -14.30 62.47 40.88
C PRO L 37 -14.68 61.29 39.97
N LEU L 38 -15.79 61.45 39.22
CA LEU L 38 -16.31 60.50 38.22
C LEU L 38 -15.33 60.40 37.06
N ALA L 39 -14.80 61.55 36.58
CA ALA L 39 -13.82 61.64 35.50
C ALA L 39 -12.54 60.86 35.85
N LEU L 40 -12.20 60.80 37.16
CA LEU L 40 -11.06 60.05 37.67
C LEU L 40 -11.36 58.56 37.60
N LEU L 41 -12.58 58.14 38.06
CA LEU L 41 -13.07 56.76 38.03
C LEU L 41 -13.15 56.24 36.57
N LEU L 42 -13.63 57.10 35.64
CA LEU L 42 -13.76 56.79 34.21
C LEU L 42 -12.40 56.46 33.59
N ASP L 43 -11.37 57.30 33.84
CA ASP L 43 -10.00 57.12 33.33
C ASP L 43 -9.28 55.98 34.07
N SER L 44 -9.59 55.80 35.36
CA SER L 44 -9.03 54.77 36.25
C SER L 44 -9.46 53.36 35.79
N SER L 45 -10.77 53.22 35.45
CA SER L 45 -11.40 51.97 34.96
C SER L 45 -10.80 51.55 33.62
N LEU L 46 -10.56 52.53 32.75
CA LEU L 46 -9.97 52.34 31.42
C LEU L 46 -8.48 51.95 31.47
N GLU L 47 -7.71 52.54 32.42
CA GLU L 47 -6.26 52.29 32.53
C GLU L 47 -5.90 50.98 33.23
N GLY L 48 -6.75 50.51 34.14
CA GLY L 48 -6.49 49.27 34.86
C GLY L 48 -5.97 49.47 36.27
N GLU L 49 -6.20 50.66 36.82
CA GLU L 49 -5.78 51.07 38.16
C GLU L 49 -6.86 50.63 39.16
N PHE L 50 -6.90 49.30 39.41
CA PHE L 50 -7.86 48.61 40.29
C PHE L 50 -7.85 49.17 41.74
N ASP L 51 -6.66 49.52 42.26
CA ASP L 51 -6.50 50.05 43.62
C ASP L 51 -7.10 51.46 43.72
N LEU L 52 -6.84 52.31 42.70
CA LEU L 52 -7.39 53.67 42.59
C LEU L 52 -8.91 53.62 42.46
N VAL L 53 -9.44 52.70 41.57
CA VAL L 53 -10.86 52.43 41.30
C VAL L 53 -11.59 52.10 42.64
N GLN L 54 -11.00 51.20 43.48
CA GLN L 54 -11.52 50.78 44.79
C GLN L 54 -11.62 51.94 45.78
N ARG L 55 -10.78 52.99 45.62
CA ARG L 55 -10.74 54.17 46.48
C ARG L 55 -11.72 55.26 46.01
N ILE L 56 -11.54 55.79 44.77
CA ILE L 56 -12.33 56.87 44.16
C ILE L 56 -13.85 56.52 44.03
N ILE L 57 -14.22 55.22 44.10
CA ILE L 57 -15.60 54.73 43.99
C ILE L 57 -16.52 55.31 45.08
N TYR L 58 -15.97 55.54 46.29
CA TYR L 58 -16.75 56.06 47.43
C TYR L 58 -16.83 57.59 47.43
N GLU L 59 -15.97 58.26 46.62
CA GLU L 59 -15.93 59.71 46.48
C GLU L 59 -16.93 60.23 45.43
N VAL L 60 -17.43 59.33 44.54
CA VAL L 60 -18.37 59.68 43.47
C VAL L 60 -19.83 59.53 43.97
N ASP L 61 -20.68 60.50 43.60
CA ASP L 61 -22.11 60.54 43.95
C ASP L 61 -22.87 59.35 43.34
N ASP L 62 -22.64 59.08 42.03
CA ASP L 62 -23.24 57.97 41.29
C ASP L 62 -22.18 57.34 40.36
N PRO L 63 -21.69 56.12 40.65
CA PRO L 63 -20.67 55.50 39.79
C PRO L 63 -21.23 54.97 38.45
N SER L 64 -22.58 54.92 38.32
CA SER L 64 -23.29 54.45 37.12
C SER L 64 -23.53 55.60 36.15
N LEU L 65 -23.16 56.84 36.53
CA LEU L 65 -23.34 58.04 35.73
C LEU L 65 -22.33 58.10 34.58
N PRO L 66 -22.75 58.50 33.36
CA PRO L 66 -21.83 58.47 32.22
C PRO L 66 -21.13 59.78 31.87
N ASN L 67 -20.20 59.70 30.91
CA ASN L 67 -19.53 60.86 30.36
C ASN L 67 -20.48 61.49 29.31
N ASP L 68 -19.97 62.42 28.48
CA ASP L 68 -20.80 63.11 27.48
C ASP L 68 -21.13 62.24 26.25
N GLU L 69 -20.40 61.12 26.05
CA GLU L 69 -20.62 60.17 24.96
C GLU L 69 -21.44 58.93 25.43
N GLY L 70 -21.97 59.00 26.67
CA GLY L 70 -22.78 57.94 27.27
C GLY L 70 -22.03 56.78 27.90
N ILE L 71 -20.69 56.79 27.83
CA ILE L 71 -19.81 55.74 28.36
C ILE L 71 -19.69 55.86 29.89
N THR L 72 -19.87 54.72 30.62
CA THR L 72 -19.74 54.64 32.08
C THR L 72 -18.42 53.91 32.46
N ALA L 73 -18.17 53.75 33.78
CA ALA L 73 -17.00 53.06 34.33
C ALA L 73 -16.90 51.63 33.80
N LEU L 74 -18.03 50.91 33.84
CA LEU L 74 -18.17 49.51 33.43
C LEU L 74 -17.87 49.33 31.93
N HIS L 75 -18.27 50.29 31.08
CA HIS L 75 -17.98 50.20 29.64
C HIS L 75 -16.48 50.16 29.41
N ASN L 76 -15.73 51.09 30.08
CA ASN L 76 -14.27 51.18 30.02
C ASN L 76 -13.60 49.91 30.55
N ALA L 77 -14.02 49.43 31.75
CA ALA L 77 -13.51 48.22 32.39
C ALA L 77 -13.65 46.99 31.48
N VAL L 78 -14.77 46.90 30.73
CA VAL L 78 -15.07 45.78 29.82
C VAL L 78 -14.26 45.92 28.51
N CYS L 79 -14.33 47.10 27.85
CA CYS L 79 -13.64 47.39 26.58
C CYS L 79 -12.13 47.19 26.67
N ALA L 80 -11.52 47.66 27.79
CA ALA L 80 -10.08 47.59 28.05
C ALA L 80 -9.65 46.22 28.62
N GLY L 81 -10.63 45.39 28.96
CA GLY L 81 -10.44 44.01 29.43
C GLY L 81 -9.90 43.83 30.83
N HIS L 82 -10.29 44.71 31.77
CA HIS L 82 -9.85 44.60 33.16
C HIS L 82 -10.93 43.88 33.96
N THR L 83 -10.93 42.53 33.87
CA THR L 83 -11.88 41.61 34.47
C THR L 83 -12.09 41.86 35.99
N GLU L 84 -11.00 42.15 36.72
CA GLU L 84 -11.00 42.41 38.16
C GLU L 84 -11.85 43.65 38.49
N ILE L 85 -11.70 44.74 37.67
CA ILE L 85 -12.45 45.99 37.79
C ILE L 85 -13.94 45.74 37.41
N VAL L 86 -14.21 44.89 36.36
CA VAL L 86 -15.55 44.47 35.88
C VAL L 86 -16.30 43.77 37.03
N LYS L 87 -15.70 42.74 37.64
CA LYS L 87 -16.28 41.98 38.75
C LYS L 87 -16.56 42.90 39.94
N PHE L 88 -15.64 43.85 40.23
CA PHE L 88 -15.76 44.82 41.33
C PHE L 88 -16.93 45.77 41.10
N LEU L 89 -16.93 46.50 39.97
CA LEU L 89 -17.98 47.46 39.60
C LEU L 89 -19.38 46.82 39.57
N VAL L 90 -19.51 45.61 39.00
CA VAL L 90 -20.79 44.90 38.91
C VAL L 90 -21.27 44.49 40.31
N GLN L 91 -20.37 43.92 41.15
CA GLN L 91 -20.69 43.48 42.51
C GLN L 91 -21.00 44.68 43.43
N PHE L 92 -20.44 45.88 43.10
CA PHE L 92 -20.68 47.14 43.82
C PHE L 92 -22.15 47.62 43.62
N GLY L 93 -22.76 47.27 42.49
CA GLY L 93 -24.15 47.62 42.16
C GLY L 93 -24.30 48.61 41.03
N VAL L 94 -23.23 48.82 40.25
CA VAL L 94 -23.23 49.75 39.12
C VAL L 94 -24.19 49.19 38.03
N ASN L 95 -24.90 50.08 37.31
CA ASN L 95 -25.84 49.75 36.23
C ASN L 95 -25.16 48.88 35.15
N VAL L 96 -25.53 47.60 35.13
CA VAL L 96 -25.00 46.58 34.21
C VAL L 96 -25.58 46.78 32.76
N ASN L 97 -26.66 47.60 32.59
CA ASN L 97 -27.33 47.82 31.31
C ASN L 97 -27.30 49.29 30.94
N ALA L 98 -26.14 49.89 31.09
CA ALA L 98 -25.93 51.29 30.78
C ALA L 98 -25.70 51.38 29.31
N ALA L 99 -26.49 52.24 28.63
CA ALA L 99 -26.44 52.37 27.19
C ALA L 99 -25.74 53.67 26.76
N ASP L 100 -24.67 53.56 25.95
CA ASP L 100 -23.97 54.76 25.48
C ASP L 100 -24.81 55.46 24.39
N SER L 101 -24.26 56.52 23.79
CA SER L 101 -24.89 57.36 22.77
C SER L 101 -25.45 56.55 21.56
N ASP L 102 -24.91 55.34 21.34
CA ASP L 102 -25.31 54.43 20.26
C ASP L 102 -26.09 53.20 20.79
N GLY L 103 -26.30 53.14 22.10
CA GLY L 103 -27.07 52.07 22.74
C GLY L 103 -26.29 50.84 23.12
N TRP L 104 -24.94 50.98 23.18
CA TRP L 104 -24.06 49.90 23.57
C TRP L 104 -24.07 49.76 25.05
N THR L 105 -24.31 48.54 25.50
CA THR L 105 -24.34 48.16 26.89
C THR L 105 -23.06 47.38 27.20
N PRO L 106 -22.69 47.13 28.48
CA PRO L 106 -21.49 46.32 28.77
C PRO L 106 -21.48 44.94 28.11
N LEU L 107 -22.68 44.32 27.91
CA LEU L 107 -22.80 43.01 27.26
C LEU L 107 -22.43 43.12 25.79
N HIS L 108 -22.83 44.22 25.11
CA HIS L 108 -22.46 44.52 23.71
C HIS L 108 -20.96 44.67 23.57
N CYS L 109 -20.29 45.31 24.57
CA CYS L 109 -18.85 45.55 24.63
C CYS L 109 -18.08 44.25 24.90
N ALA L 110 -18.55 43.42 25.84
CA ALA L 110 -17.92 42.12 26.15
C ALA L 110 -17.99 41.17 24.94
N ALA L 111 -19.15 41.16 24.27
CA ALA L 111 -19.41 40.37 23.07
C ALA L 111 -18.46 40.81 21.95
N SER L 112 -18.30 42.13 21.69
CA SER L 112 -17.39 42.66 20.63
C SER L 112 -15.93 42.23 20.86
N CYS L 113 -15.56 41.85 22.10
CA CYS L 113 -14.24 41.37 22.48
C CYS L 113 -14.15 39.84 22.44
N ASN L 114 -15.30 39.15 22.25
CA ASN L 114 -15.46 37.68 22.23
C ASN L 114 -15.06 37.09 23.57
N ASN L 115 -15.37 37.82 24.63
CA ASN L 115 -15.03 37.45 25.98
C ASN L 115 -16.19 36.71 26.60
N VAL L 116 -16.26 35.39 26.37
CA VAL L 116 -17.35 34.56 26.87
C VAL L 116 -17.41 34.57 28.43
N GLN L 117 -16.26 34.62 29.11
CA GLN L 117 -16.27 34.60 30.58
C GLN L 117 -16.96 35.84 31.17
N VAL L 118 -16.69 37.04 30.62
CA VAL L 118 -17.31 38.29 31.06
C VAL L 118 -18.80 38.27 30.66
N CYS L 119 -19.14 37.79 29.41
CA CYS L 119 -20.52 37.65 28.92
C CYS L 119 -21.35 36.81 29.88
N LYS L 120 -20.83 35.63 30.26
CA LYS L 120 -21.49 34.72 31.20
C LYS L 120 -21.72 35.40 32.54
N PHE L 121 -20.70 36.11 33.07
CA PHE L 121 -20.77 36.83 34.34
C PHE L 121 -21.80 37.94 34.29
N LEU L 122 -21.80 38.79 33.23
CA LEU L 122 -22.75 39.89 33.06
C LEU L 122 -24.18 39.38 32.95
N VAL L 123 -24.41 38.29 32.20
CA VAL L 123 -25.75 37.66 32.02
C VAL L 123 -26.26 37.18 33.40
N GLU L 124 -25.34 36.68 34.25
CA GLU L 124 -25.65 36.20 35.61
C GLU L 124 -25.84 37.36 36.62
N SER L 125 -25.45 38.57 36.20
CA SER L 125 -25.53 39.80 36.99
C SER L 125 -26.64 40.76 36.49
N GLY L 126 -27.61 40.20 35.78
CA GLY L 126 -28.76 40.94 35.29
C GLY L 126 -28.64 41.66 33.95
N ALA L 127 -27.76 41.17 33.03
CA ALA L 127 -27.59 41.77 31.68
C ALA L 127 -28.83 41.56 30.83
N ALA L 128 -29.22 42.62 30.10
CA ALA L 128 -30.33 42.65 29.18
C ALA L 128 -29.90 41.93 27.90
N VAL L 129 -30.13 40.60 27.86
CA VAL L 129 -29.77 39.69 26.76
C VAL L 129 -30.18 40.24 25.39
N PHE L 130 -31.42 40.72 25.31
CA PHE L 130 -32.02 41.26 24.11
C PHE L 130 -31.95 42.78 24.04
N ALA L 131 -30.99 43.40 24.73
CA ALA L 131 -30.78 44.84 24.58
C ALA L 131 -30.30 45.09 23.15
N MET L 132 -30.85 46.15 22.52
CA MET L 132 -30.54 46.50 21.13
C MET L 132 -29.85 47.85 20.98
N THR L 133 -28.82 47.89 20.13
CA THR L 133 -28.13 49.06 19.65
C THR L 133 -29.21 49.87 18.84
N TYR L 134 -29.11 51.21 18.82
CA TYR L 134 -30.12 52.03 18.15
C TYR L 134 -29.99 51.97 16.62
N SER L 135 -28.74 52.15 16.09
CA SER L 135 -28.48 52.14 14.65
C SER L 135 -29.07 50.85 14.01
N ASP L 136 -28.39 49.71 14.28
CA ASP L 136 -28.81 48.39 13.90
C ASP L 136 -29.48 47.85 15.16
N MET L 137 -30.74 47.35 15.11
CA MET L 137 -31.45 46.86 16.31
C MET L 137 -30.76 45.59 16.89
N GLN L 138 -29.41 45.59 16.83
CA GLN L 138 -28.48 44.53 17.16
C GLN L 138 -28.25 44.30 18.64
N THR L 139 -28.35 43.03 19.01
CA THR L 139 -28.15 42.47 20.34
C THR L 139 -26.63 42.18 20.54
N ALA L 140 -26.21 41.85 21.76
CA ALA L 140 -24.82 41.56 22.07
C ALA L 140 -24.24 40.44 21.21
N ALA L 141 -24.97 39.30 21.03
CA ALA L 141 -24.55 38.15 20.19
C ALA L 141 -24.15 38.55 18.77
N ASP L 142 -24.82 39.59 18.23
CA ASP L 142 -24.57 40.14 16.89
C ASP L 142 -23.26 40.92 16.83
N LYS L 143 -22.74 41.37 17.98
CA LYS L 143 -21.55 42.20 18.04
C LYS L 143 -20.24 41.41 18.06
N CYS L 144 -20.31 40.07 18.27
CA CYS L 144 -19.17 39.15 18.23
C CYS L 144 -18.38 39.35 16.92
N GLU L 145 -17.03 39.37 17.00
CA GLU L 145 -16.11 39.65 15.89
C GLU L 145 -15.44 38.41 15.38
N GLU L 146 -15.64 38.14 14.10
CA GLU L 146 -15.08 36.99 13.39
C GLU L 146 -13.56 37.07 13.30
N MET L 147 -13.00 38.30 13.10
CA MET L 147 -11.56 38.54 12.97
C MET L 147 -10.82 38.33 14.31
N GLU L 148 -11.54 38.31 15.45
CA GLU L 148 -10.98 38.11 16.79
C GLU L 148 -11.11 36.64 17.19
N GLU L 149 -10.29 36.22 18.14
CA GLU L 149 -10.26 34.86 18.65
C GLU L 149 -11.44 34.58 19.60
N GLY L 150 -11.78 33.30 19.77
CA GLY L 150 -12.85 32.82 20.64
C GLY L 150 -14.26 33.19 20.19
N TYR L 151 -14.44 33.41 18.85
CA TYR L 151 -15.68 33.81 18.22
C TYR L 151 -16.75 32.77 18.34
N THR L 152 -16.48 31.56 17.81
CA THR L 152 -17.37 30.41 17.81
C THR L 152 -17.89 30.16 19.23
N GLN L 153 -16.99 30.10 20.23
CA GLN L 153 -17.42 29.87 21.61
C GLN L 153 -18.25 31.06 22.19
N CYS L 154 -17.92 32.32 21.84
CA CYS L 154 -18.69 33.46 22.39
C CYS L 154 -20.04 33.63 21.72
N SER L 155 -20.08 33.60 20.37
CA SER L 155 -21.33 33.78 19.64
C SER L 155 -22.28 32.61 19.91
N GLN L 156 -21.79 31.36 19.97
CA GLN L 156 -22.60 30.20 20.26
C GLN L 156 -23.16 30.25 21.66
N PHE L 157 -22.44 30.89 22.61
CA PHE L 157 -22.93 31.02 23.99
C PHE L 157 -24.06 32.05 24.02
N LEU L 158 -23.86 33.21 23.43
CA LEU L 158 -24.85 34.29 23.42
C LEU L 158 -26.08 33.96 22.57
N TYR L 159 -25.91 33.36 21.38
CA TYR L 159 -27.06 32.93 20.57
C TYR L 159 -27.81 31.78 21.25
N GLY L 160 -27.10 31.02 22.09
CA GLY L 160 -27.71 29.97 22.89
C GLY L 160 -28.61 30.59 23.94
N VAL L 161 -28.04 31.52 24.75
CA VAL L 161 -28.76 32.27 25.79
C VAL L 161 -30.03 32.85 25.16
N GLN L 162 -29.91 33.49 24.00
CA GLN L 162 -31.01 34.11 23.25
C GLN L 162 -32.09 33.13 22.87
N GLU L 163 -31.70 31.90 22.47
CA GLU L 163 -32.62 30.86 22.02
C GLU L 163 -33.24 30.05 23.19
N LYS L 164 -32.52 29.86 24.30
CA LYS L 164 -33.01 29.08 25.44
C LYS L 164 -33.62 29.97 26.56
N MET L 165 -33.68 31.29 26.36
CA MET L 165 -34.25 32.22 27.37
C MET L 165 -35.76 32.08 27.37
N GLY L 166 -36.33 31.92 28.58
CA GLY L 166 -37.76 31.74 28.78
C GLY L 166 -38.21 30.31 28.54
N ILE L 167 -37.26 29.39 28.31
CA ILE L 167 -37.46 27.95 28.08
C ILE L 167 -36.66 27.22 29.16
N MET L 168 -35.35 27.49 29.26
CA MET L 168 -34.47 26.94 30.28
C MET L 168 -34.83 27.54 31.64
N ASN L 169 -34.30 26.96 32.73
CA ASN L 169 -34.54 27.35 34.13
C ASN L 169 -36.06 27.41 34.43
N LYS L 170 -36.84 26.47 33.81
CA LYS L 170 -38.29 26.32 33.94
C LYS L 170 -39.02 27.63 33.53
N GLY L 171 -38.51 28.29 32.48
CA GLY L 171 -39.04 29.52 31.90
C GLY L 171 -38.94 30.75 32.78
N VAL L 172 -38.13 30.67 33.83
CA VAL L 172 -37.98 31.76 34.79
C VAL L 172 -37.02 32.81 34.24
N ILE L 173 -37.51 34.06 34.20
CA ILE L 173 -36.75 35.25 33.78
C ILE L 173 -37.02 36.34 34.82
N TYR L 174 -36.30 37.46 34.72
CA TYR L 174 -36.43 38.59 35.64
C TYR L 174 -36.61 39.89 34.88
N ALA L 175 -37.40 40.82 35.44
CA ALA L 175 -37.58 42.13 34.88
C ALA L 175 -36.37 42.97 35.24
N LEU L 176 -35.81 43.65 34.25
CA LEU L 176 -34.63 44.46 34.48
C LEU L 176 -34.97 45.93 34.54
N TRP L 177 -36.25 46.24 34.22
CA TRP L 177 -36.80 47.60 34.22
C TRP L 177 -38.25 47.56 34.59
N ASP L 178 -38.79 48.69 35.07
CA ASP L 178 -40.23 48.81 35.32
C ASP L 178 -40.91 48.89 33.96
N TYR L 179 -42.15 48.39 33.86
CA TYR L 179 -42.88 48.48 32.61
C TYR L 179 -44.34 48.85 32.87
N GLU L 180 -44.80 49.98 32.29
CA GLU L 180 -46.21 50.43 32.41
C GLU L 180 -46.96 49.97 31.16
N PRO L 181 -47.90 48.98 31.27
CA PRO L 181 -48.62 48.49 30.06
C PRO L 181 -49.30 49.58 29.27
N GLN L 182 -49.50 49.33 27.97
CA GLN L 182 -50.17 50.25 27.03
C GLN L 182 -51.45 49.64 26.53
N ASN L 183 -51.62 48.31 26.68
CA ASN L 183 -52.81 47.54 26.27
C ASN L 183 -53.30 46.64 27.40
N ASP L 184 -54.56 46.16 27.30
CA ASP L 184 -55.23 45.29 28.29
C ASP L 184 -54.51 43.97 28.54
N ASP L 185 -53.93 43.37 27.48
CA ASP L 185 -53.25 42.08 27.54
C ASP L 185 -51.76 42.20 27.90
N GLU L 186 -51.34 43.31 28.53
CA GLU L 186 -49.93 43.47 28.91
C GLU L 186 -49.73 43.54 30.44
N LEU L 187 -48.63 42.93 30.93
CA LEU L 187 -48.30 42.85 32.36
C LEU L 187 -47.48 44.02 32.86
N PRO L 188 -47.89 44.62 34.00
CA PRO L 188 -47.04 45.64 34.61
C PRO L 188 -45.84 44.95 35.27
N MET L 189 -44.66 45.55 35.18
CA MET L 189 -43.45 44.95 35.73
C MET L 189 -42.76 45.90 36.64
N LYS L 190 -41.98 45.38 37.60
CA LYS L 190 -41.13 46.18 38.49
C LYS L 190 -39.74 45.56 38.44
N GLU L 191 -38.68 46.37 38.38
CA GLU L 191 -37.30 45.88 38.33
C GLU L 191 -37.08 44.83 39.44
N GLY L 192 -36.53 43.68 39.04
CA GLY L 192 -36.27 42.56 39.94
C GLY L 192 -37.35 41.50 39.95
N ASP L 193 -38.57 41.85 39.46
CA ASP L 193 -39.72 40.94 39.39
C ASP L 193 -39.34 39.66 38.72
N CYS L 194 -39.69 38.54 39.36
CA CYS L 194 -39.43 37.22 38.84
C CYS L 194 -40.71 36.65 38.26
N MET L 195 -40.69 36.23 37.00
CA MET L 195 -41.87 35.69 36.35
C MET L 195 -41.51 34.49 35.48
N THR L 196 -42.54 33.73 35.05
CA THR L 196 -42.37 32.52 34.24
C THR L 196 -42.92 32.79 32.88
N ILE L 197 -42.17 32.36 31.83
CA ILE L 197 -42.59 32.53 30.44
C ILE L 197 -43.42 31.31 30.05
N ILE L 198 -44.68 31.57 29.65
CA ILE L 198 -45.63 30.54 29.21
C ILE L 198 -45.34 30.26 27.73
N HIS L 199 -45.41 31.32 26.89
CA HIS L 199 -45.14 31.23 25.45
C HIS L 199 -44.29 32.40 24.95
N ARG L 200 -43.38 32.10 24.02
CA ARG L 200 -42.51 33.09 23.40
C ARG L 200 -43.18 33.62 22.15
N GLU L 201 -43.74 32.70 21.34
CA GLU L 201 -44.43 33.01 20.07
C GLU L 201 -43.45 33.73 19.11
N ASP L 202 -42.33 33.05 18.77
CA ASP L 202 -41.27 33.55 17.90
C ASP L 202 -41.74 33.80 16.44
N GLU L 203 -42.95 33.33 16.09
CA GLU L 203 -43.54 33.49 14.75
C GLU L 203 -44.40 34.77 14.69
N ASP L 204 -45.32 34.95 15.66
CA ASP L 204 -46.22 36.11 15.76
C ASP L 204 -45.78 37.06 16.88
N GLU L 205 -45.20 38.25 16.51
CA GLU L 205 -44.66 39.30 17.40
C GLU L 205 -43.51 38.73 18.22
N ILE L 206 -42.32 38.67 17.58
CA ILE L 206 -41.07 38.10 18.08
C ILE L 206 -40.56 38.78 19.37
N GLU L 207 -40.81 40.06 19.52
CA GLU L 207 -40.28 40.87 20.63
C GLU L 207 -41.18 40.85 21.87
N TRP L 208 -42.35 40.16 21.78
CA TRP L 208 -43.34 40.05 22.84
C TRP L 208 -43.58 38.58 23.24
N TRP L 209 -43.40 38.31 24.54
CA TRP L 209 -43.57 36.99 25.12
C TRP L 209 -44.72 36.97 26.16
N TRP L 210 -45.46 35.85 26.20
CA TRP L 210 -46.60 35.65 27.11
C TRP L 210 -46.08 35.09 28.44
N ALA L 211 -46.08 35.92 29.50
CA ALA L 211 -45.58 35.57 30.85
C ALA L 211 -46.70 35.37 31.90
N ARG L 212 -46.27 35.04 33.15
CA ARG L 212 -47.07 34.91 34.36
C ARG L 212 -46.29 35.51 35.52
N LEU L 213 -46.85 36.58 36.11
CA LEU L 213 -46.25 37.29 37.24
C LEU L 213 -47.22 37.24 38.39
N ASN L 214 -46.82 36.59 39.51
CA ASN L 214 -47.62 36.38 40.70
C ASN L 214 -48.89 35.61 40.27
N ASP L 215 -50.07 36.27 40.29
CA ASP L 215 -51.33 35.63 39.89
C ASP L 215 -51.76 36.01 38.47
N LYS L 216 -51.42 37.20 37.98
CA LYS L 216 -51.80 37.67 36.65
C LYS L 216 -50.93 37.09 35.52
N GLU L 217 -51.50 37.07 34.29
CA GLU L 217 -50.86 36.63 33.04
C GLU L 217 -51.03 37.69 31.94
N GLY L 218 -49.98 37.86 31.14
CA GLY L 218 -49.99 38.85 30.06
C GLY L 218 -48.70 38.97 29.29
N TYR L 219 -48.69 39.86 28.30
CA TYR L 219 -47.52 40.14 27.45
C TYR L 219 -46.49 41.00 28.13
N VAL L 220 -45.23 40.65 27.92
CA VAL L 220 -44.09 41.44 28.41
C VAL L 220 -43.10 41.69 27.24
N PRO L 221 -42.41 42.86 27.18
CA PRO L 221 -41.43 43.09 26.09
C PRO L 221 -40.13 42.33 26.36
N ARG L 222 -39.71 41.50 25.43
CA ARG L 222 -38.56 40.66 25.64
C ARG L 222 -37.25 41.39 25.87
N ASN L 223 -37.15 42.60 25.37
CA ASN L 223 -36.00 43.45 25.50
C ASN L 223 -35.71 43.96 26.92
N LEU L 224 -36.70 43.86 27.81
CA LEU L 224 -36.68 44.41 29.19
C LEU L 224 -36.42 43.30 30.21
N LEU L 225 -36.15 42.08 29.72
CA LEU L 225 -35.94 40.88 30.54
C LEU L 225 -34.50 40.37 30.56
N GLY L 226 -34.18 39.67 31.64
CA GLY L 226 -32.90 39.00 31.87
C GLY L 226 -33.10 37.60 32.41
N LEU L 227 -32.11 36.72 32.21
CA LEU L 227 -32.12 35.34 32.70
C LEU L 227 -31.93 35.32 34.24
N TYR L 228 -31.21 36.33 34.77
CA TYR L 228 -30.90 36.56 36.19
C TYR L 228 -31.17 38.03 36.56
N PRO L 229 -31.46 38.39 37.84
CA PRO L 229 -31.76 39.81 38.14
C PRO L 229 -30.51 40.65 38.37
N ARG L 230 -30.71 41.96 38.50
CA ARG L 230 -29.66 42.93 38.76
C ARG L 230 -29.11 42.77 40.19
N ILE L 231 -27.89 43.25 40.42
CA ILE L 231 -27.25 43.26 41.74
C ILE L 231 -27.55 44.62 42.38
ZN ZN M . -24.24 -21.88 -8.95
C ACT N . -29.77 4.63 14.54
O ACT N . -30.27 5.73 14.25
OXT ACT N . -30.21 3.82 15.38
CH3 ACT N . -28.48 4.21 13.79
H1 ACT N . -28.41 3.13 13.64
H2 ACT N . -28.41 4.67 12.80
H3 ACT N . -27.60 4.51 14.36
C ACT O . -13.98 7.18 0.91
O ACT O . -14.13 6.50 1.96
OXT ACT O . -14.27 8.39 0.79
CH3 ACT O . -13.40 6.48 -0.34
H1 ACT O . -14.18 6.06 -0.97
H2 ACT O . -12.80 7.17 -0.94
H3 ACT O . -12.75 5.67 -0.02
C ACT P . -35.11 3.47 2.39
O ACT P . -35.08 2.25 2.65
OXT ACT P . -34.74 4.42 3.17
CH3 ACT P . -35.66 3.87 1.00
H1 ACT P . -36.27 4.77 1.07
H2 ACT P . -34.87 4.07 0.28
H3 ACT P . -36.29 3.08 0.59
ZN ZN Q . 34.09 4.32 6.66
ZN ZN R . 15.27 22.50 -11.02
C ACT S . 4.86 48.24 -1.29
O ACT S . 5.25 47.07 -1.07
OXT ACT S . 4.47 48.71 -2.40
CH3 ACT S . 4.83 49.19 -0.11
H1 ACT S . 4.14 50.02 -0.27
H2 ACT S . 4.51 48.69 0.81
H3 ACT S . 5.83 49.61 0.07
ZN ZN T . -25.68 33.16 -6.33
C ACT U . -13.79 1.50 8.96
O ACT U . -14.84 1.16 9.56
OXT ACT U . -13.66 2.56 8.28
CH3 ACT U . -12.55 0.54 9.09
H1 ACT U . -12.29 0.34 10.13
H2 ACT U . -12.73 -0.43 8.63
H3 ACT U . -11.68 0.97 8.61
C ACT V . -23.41 12.30 8.08
O ACT V . -22.65 12.25 9.05
OXT ACT V . -24.34 13.17 7.90
CH3 ACT V . -23.19 11.20 7.01
H1 ACT V . -23.72 11.41 6.09
H2 ACT V . -22.14 11.07 6.75
H3 ACT V . -23.54 10.24 7.37
ZN ZN W . 49.15 -46.86 5.81
C ACT X . 24.94 -32.78 -1.45
O ACT X . 25.24 -32.32 -2.57
OXT ACT X . 25.64 -33.58 -0.78
CH3 ACT X . 23.63 -32.34 -0.81
H1 ACT X . 23.74 -31.39 -0.30
H2 ACT X . 22.86 -32.24 -1.57
H3 ACT X . 23.31 -33.09 -0.08
C ACT Y . 28.14 -43.14 -8.08
O ACT Y . 27.70 -42.80 -6.95
OXT ACT Y . 29.04 -44.00 -8.28
CH3 ACT Y . 27.51 -42.44 -9.30
H1 ACT Y . 26.58 -41.92 -9.04
H2 ACT Y . 28.16 -41.70 -9.76
H3 ACT Y . 27.24 -43.18 -10.07
C ACT Z . -42.70 42.61 14.02
O ACT Z . -41.54 42.75 13.58
OXT ACT Z . -43.03 42.50 15.22
CH3 ACT Z . -43.84 42.58 13.01
H1 ACT Z . -43.62 43.23 12.17
H2 ACT Z . -44.05 41.58 12.63
H3 ACT Z . -44.76 42.95 13.46
#